data_7S41
# 
_entry.id   7S41 
# 
_audit_conform.dict_name       mmcif_pdbx.dic 
_audit_conform.dict_version    5.397 
_audit_conform.dict_location   http://mmcif.pdb.org/dictionaries/ascii/mmcif_pdbx.dic 
# 
loop_
_database_2.database_id 
_database_2.database_code 
_database_2.pdbx_database_accession 
_database_2.pdbx_DOI 
PDB   7S41         pdb_00007s41 10.2210/pdb7s41/pdb 
WWPDB D_1000259583 ?            ?                   
# 
loop_
_pdbx_audit_revision_history.ordinal 
_pdbx_audit_revision_history.data_content_type 
_pdbx_audit_revision_history.major_revision 
_pdbx_audit_revision_history.minor_revision 
_pdbx_audit_revision_history.revision_date 
1 'Structure model' 1 0 2021-09-22 
2 'Structure model' 1 1 2021-11-10 
3 'Structure model' 1 2 2021-12-08 
4 'Structure model' 1 3 2023-10-18 
5 'Structure model' 1 4 2024-10-16 
# 
_pdbx_audit_revision_details.ordinal             1 
_pdbx_audit_revision_details.revision_ordinal    1 
_pdbx_audit_revision_details.data_content_type   'Structure model' 
_pdbx_audit_revision_details.provider            repository 
_pdbx_audit_revision_details.type                'Initial release' 
_pdbx_audit_revision_details.description         ? 
_pdbx_audit_revision_details.details             ? 
# 
loop_
_pdbx_audit_revision_group.ordinal 
_pdbx_audit_revision_group.revision_ordinal 
_pdbx_audit_revision_group.data_content_type 
_pdbx_audit_revision_group.group 
1 2 'Structure model' 'Database references'    
2 3 'Structure model' 'Database references'    
3 4 'Structure model' 'Data collection'        
4 4 'Structure model' 'Refinement description' 
5 5 'Structure model' 'Structure summary'      
# 
loop_
_pdbx_audit_revision_category.ordinal 
_pdbx_audit_revision_category.revision_ordinal 
_pdbx_audit_revision_category.data_content_type 
_pdbx_audit_revision_category.category 
1 2 'Structure model' citation                      
2 2 'Structure model' citation_author               
3 3 'Structure model' citation                      
4 3 'Structure model' citation_author               
5 4 'Structure model' chem_comp_atom                
6 4 'Structure model' chem_comp_bond                
7 4 'Structure model' pdbx_initial_refinement_model 
8 5 'Structure model' pdbx_entry_details            
9 5 'Structure model' pdbx_modification_feature     
# 
loop_
_pdbx_audit_revision_item.ordinal 
_pdbx_audit_revision_item.revision_ordinal 
_pdbx_audit_revision_item.data_content_type 
_pdbx_audit_revision_item.item 
1  2 'Structure model' '_citation.country'                            
2  2 'Structure model' '_citation.journal_abbrev'                     
3  2 'Structure model' '_citation.journal_id_ASTM'                    
4  2 'Structure model' '_citation.journal_id_CSD'                     
5  2 'Structure model' '_citation.journal_id_ISSN'                    
6  2 'Structure model' '_citation.pdbx_database_id_DOI'               
7  2 'Structure model' '_citation.pdbx_database_id_PubMed'            
8  2 'Structure model' '_citation.title'                              
9  2 'Structure model' '_citation.year'                               
10 2 'Structure model' '_citation_author.identifier_ORCID'            
11 3 'Structure model' '_citation.journal_volume'                     
12 3 'Structure model' '_citation.page_first'                         
13 3 'Structure model' '_citation.page_last'                          
14 3 'Structure model' '_citation.title'                              
15 3 'Structure model' '_citation_author.identifier_ORCID'            
16 5 'Structure model' '_pdbx_entry_details.has_protein_modification' 
# 
_pdbx_database_status.status_code                     REL 
_pdbx_database_status.status_code_sf                  REL 
_pdbx_database_status.status_code_mr                  ? 
_pdbx_database_status.entry_id                        7S41 
_pdbx_database_status.recvd_initial_deposition_date   2021-09-08 
_pdbx_database_status.SG_entry                        N 
_pdbx_database_status.deposit_site                    RCSB 
_pdbx_database_status.process_site                    RCSB 
_pdbx_database_status.status_code_cs                  ? 
_pdbx_database_status.status_code_nmr_data            ? 
_pdbx_database_status.methods_development_category    ? 
_pdbx_database_status.pdb_format_compatible           Y 
# 
loop_
_pdbx_database_related.db_name 
_pdbx_database_related.details 
_pdbx_database_related.db_id 
_pdbx_database_related.content_type 
PDB . 7s3u unspecified 
PDB . 7s3w unspecified 
# 
loop_
_audit_author.name 
_audit_author.pdbx_ordinal 
_audit_author.identifier_ORCID 
'Griffiths, W.A.' 1 ? 
'Spencer, K.D.'   2 ? 
'Thoden, J.B.'    3 ? 
'Holden, H.M.'    4 ? 
# 
_citation.abstract                  ? 
_citation.abstract_id_CAS           ? 
_citation.book_id_ISBN              ? 
_citation.book_publisher            ? 
_citation.book_publisher_city       ? 
_citation.book_title                ? 
_citation.coordinate_linkage        ? 
_citation.country                   US 
_citation.database_id_Medline       ? 
_citation.details                   ? 
_citation.id                        primary 
_citation.journal_abbrev            'Protein Sci.' 
_citation.journal_id_ASTM           PRCIEI 
_citation.journal_id_CSD            0795 
_citation.journal_id_ISSN           1469-896X 
_citation.journal_full              ? 
_citation.journal_issue             ? 
_citation.journal_volume            30 
_citation.language                  ? 
_citation.page_first                2418 
_citation.page_last                 2432 
_citation.title                     'Biochemical investigation of an N-acetyltransferase from Helicobacter pullorum.' 
_citation.year                      2021 
_citation.database_id_CSD           ? 
_citation.pdbx_database_id_DOI      10.1002/pro.4207 
_citation.pdbx_database_id_PubMed   34651380 
_citation.pdbx_database_id_patent   ? 
_citation.unpublished_flag          ? 
# 
loop_
_citation_author.citation_id 
_citation_author.name 
_citation_author.ordinal 
_citation_author.identifier_ORCID 
primary 'Griffiths, W.A.' 1 ? 
primary 'Spencer, K.D.'   2 ? 
primary 'Thoden, J.B.'    3 ? 
primary 'Holden, H.M.'    4 ? 
# 
loop_
_entity.id 
_entity.type 
_entity.src_method 
_entity.pdbx_description 
_entity.formula_weight 
_entity.pdbx_number_of_molecules 
_entity.pdbx_ec 
_entity.pdbx_mutation 
_entity.pdbx_fragment 
_entity.details 
1 polymer     man N-acetyltransferase 18154.758 1   ? ? ? ? 
2 non-polymer syn 
;[(2~{R},3~{R},4~{S},5~{S},6~{R})-4-acetamido-6-methyl-3,5-bis(oxidanyl)oxan-2-yl] [[(2~{R},3~{S},5~{R})-5-[5-methyl-2,4-bis(oxidanylidene)pyrimidin-1-yl]-3-oxidanyl-oxolan-2-yl]methoxy-oxidanyl-phosphoryl] hydrogen phosphate
;
589.381   1   ? ? ? ? 
3 non-polymer syn 'COENZYME A' 767.534   1   ? ? ? ? 
4 non-polymer syn 1,2-ETHANEDIOL 62.068    4   ? ? ? ? 
5 non-polymer syn 'SODIUM ION' 22.990    1   ? ? ? ? 
6 water       nat water 18.015    190 ? ? ? ? 
# 
_entity_poly.entity_id                      1 
_entity_poly.type                           'polypeptide(L)' 
_entity_poly.nstd_linkage                   no 
_entity_poly.nstd_monomer                   no 
_entity_poly.pdbx_seq_one_letter_code       
;MHSSHHHHHHSSENLYFQGGGHMIHKLADVQSKNIGSGTRIWQFCVVLPSAIIGENCNICSHCFIENDVKIGNNVTIKCG
VQIWDGIEIEDDVFIGPNVTFCNDKYPRSKQYPKEFSKTIIKKGASIGANATILPGITIGENAMIGAGAIVTKDVLPHVT
YYSKI
;
_entity_poly.pdbx_seq_one_letter_code_can   
;MHSSHHHHHHSSENLYFQGGGHMIHKLADVQSKNIGSGTRIWQFCVVLPSAIIGENCNICSHCFIENDVKIGNNVTIKCG
VQIWDGIEIEDDVFIGPNVTFCNDKYPRSKQYPKEFSKTIIKKGASIGANATILPGITIGENAMIGAGAIVTKDVLPHVT
YYSKI
;
_entity_poly.pdbx_strand_id                 A 
_entity_poly.pdbx_target_identifier         ? 
# 
loop_
_pdbx_entity_nonpoly.entity_id 
_pdbx_entity_nonpoly.name 
_pdbx_entity_nonpoly.comp_id 
2 
;[(2~{R},3~{R},4~{S},5~{S},6~{R})-4-acetamido-6-methyl-3,5-bis(oxidanyl)oxan-2-yl] [[(2~{R},3~{S},5~{R})-5-[5-methyl-2,4-bis(oxidanylidene)pyrimidin-1-yl]-3-oxidanyl-oxolan-2-yl]methoxy-oxidanyl-phosphoryl] hydrogen phosphate
;
87N 
3 'COENZYME A' COA 
4 1,2-ETHANEDIOL EDO 
5 'SODIUM ION' NA  
6 water HOH 
# 
loop_
_entity_poly_seq.entity_id 
_entity_poly_seq.num 
_entity_poly_seq.mon_id 
_entity_poly_seq.hetero 
1 1   MET n 
1 2   HIS n 
1 3   SER n 
1 4   SER n 
1 5   HIS n 
1 6   HIS n 
1 7   HIS n 
1 8   HIS n 
1 9   HIS n 
1 10  HIS n 
1 11  SER n 
1 12  SER n 
1 13  GLU n 
1 14  ASN n 
1 15  LEU n 
1 16  TYR n 
1 17  PHE n 
1 18  GLN n 
1 19  GLY n 
1 20  GLY n 
1 21  GLY n 
1 22  HIS n 
1 23  MET n 
1 24  ILE n 
1 25  HIS n 
1 26  LYS n 
1 27  LEU n 
1 28  ALA n 
1 29  ASP n 
1 30  VAL n 
1 31  GLN n 
1 32  SER n 
1 33  LYS n 
1 34  ASN n 
1 35  ILE n 
1 36  GLY n 
1 37  SER n 
1 38  GLY n 
1 39  THR n 
1 40  ARG n 
1 41  ILE n 
1 42  TRP n 
1 43  GLN n 
1 44  PHE n 
1 45  CYS n 
1 46  VAL n 
1 47  VAL n 
1 48  LEU n 
1 49  PRO n 
1 50  SER n 
1 51  ALA n 
1 52  ILE n 
1 53  ILE n 
1 54  GLY n 
1 55  GLU n 
1 56  ASN n 
1 57  CYS n 
1 58  ASN n 
1 59  ILE n 
1 60  CYS n 
1 61  SER n 
1 62  HIS n 
1 63  CYS n 
1 64  PHE n 
1 65  ILE n 
1 66  GLU n 
1 67  ASN n 
1 68  ASP n 
1 69  VAL n 
1 70  LYS n 
1 71  ILE n 
1 72  GLY n 
1 73  ASN n 
1 74  ASN n 
1 75  VAL n 
1 76  THR n 
1 77  ILE n 
1 78  LYS n 
1 79  CYS n 
1 80  GLY n 
1 81  VAL n 
1 82  GLN n 
1 83  ILE n 
1 84  TRP n 
1 85  ASP n 
1 86  GLY n 
1 87  ILE n 
1 88  GLU n 
1 89  ILE n 
1 90  GLU n 
1 91  ASP n 
1 92  ASP n 
1 93  VAL n 
1 94  PHE n 
1 95  ILE n 
1 96  GLY n 
1 97  PRO n 
1 98  ASN n 
1 99  VAL n 
1 100 THR n 
1 101 PHE n 
1 102 CYS n 
1 103 ASN n 
1 104 ASP n 
1 105 LYS n 
1 106 TYR n 
1 107 PRO n 
1 108 ARG n 
1 109 SER n 
1 110 LYS n 
1 111 GLN n 
1 112 TYR n 
1 113 PRO n 
1 114 LYS n 
1 115 GLU n 
1 116 PHE n 
1 117 SER n 
1 118 LYS n 
1 119 THR n 
1 120 ILE n 
1 121 ILE n 
1 122 LYS n 
1 123 LYS n 
1 124 GLY n 
1 125 ALA n 
1 126 SER n 
1 127 ILE n 
1 128 GLY n 
1 129 ALA n 
1 130 ASN n 
1 131 ALA n 
1 132 THR n 
1 133 ILE n 
1 134 LEU n 
1 135 PRO n 
1 136 GLY n 
1 137 ILE n 
1 138 THR n 
1 139 ILE n 
1 140 GLY n 
1 141 GLU n 
1 142 ASN n 
1 143 ALA n 
1 144 MET n 
1 145 ILE n 
1 146 GLY n 
1 147 ALA n 
1 148 GLY n 
1 149 ALA n 
1 150 ILE n 
1 151 VAL n 
1 152 THR n 
1 153 LYS n 
1 154 ASP n 
1 155 VAL n 
1 156 LEU n 
1 157 PRO n 
1 158 HIS n 
1 159 VAL n 
1 160 THR n 
1 161 TYR n 
1 162 TYR n 
1 163 SER n 
1 164 LYS n 
1 165 ILE n 
# 
_entity_src_gen.entity_id                          1 
_entity_src_gen.pdbx_src_id                        1 
_entity_src_gen.pdbx_alt_source_flag               sample 
_entity_src_gen.pdbx_seq_type                      'Biological sequence' 
_entity_src_gen.pdbx_beg_seq_num                   1 
_entity_src_gen.pdbx_end_seq_num                   165 
_entity_src_gen.gene_src_common_name               ? 
_entity_src_gen.gene_src_genus                     ? 
_entity_src_gen.pdbx_gene_src_gene                 BA919_rs02330 
_entity_src_gen.gene_src_species                   ? 
_entity_src_gen.gene_src_strain                    NAP8W25 
_entity_src_gen.gene_src_tissue                    ? 
_entity_src_gen.gene_src_tissue_fraction           ? 
_entity_src_gen.gene_src_details                   ? 
_entity_src_gen.pdbx_gene_src_fragment             ? 
_entity_src_gen.pdbx_gene_src_scientific_name      'Helicobacter pullorum' 
_entity_src_gen.pdbx_gene_src_ncbi_taxonomy_id     35818 
_entity_src_gen.pdbx_gene_src_variant              ? 
_entity_src_gen.pdbx_gene_src_cell_line            ? 
_entity_src_gen.pdbx_gene_src_atcc                 ? 
_entity_src_gen.pdbx_gene_src_organ                ? 
_entity_src_gen.pdbx_gene_src_organelle            ? 
_entity_src_gen.pdbx_gene_src_cell                 ? 
_entity_src_gen.pdbx_gene_src_cellular_location    ? 
_entity_src_gen.host_org_common_name               ? 
_entity_src_gen.pdbx_host_org_scientific_name      'Escherichia coli' 
_entity_src_gen.pdbx_host_org_ncbi_taxonomy_id     562 
_entity_src_gen.host_org_genus                     ? 
_entity_src_gen.pdbx_host_org_gene                 ? 
_entity_src_gen.pdbx_host_org_organ                ? 
_entity_src_gen.host_org_species                   ? 
_entity_src_gen.pdbx_host_org_tissue               ? 
_entity_src_gen.pdbx_host_org_tissue_fraction      ? 
_entity_src_gen.pdbx_host_org_strain               ? 
_entity_src_gen.pdbx_host_org_variant              ? 
_entity_src_gen.pdbx_host_org_cell_line            ? 
_entity_src_gen.pdbx_host_org_atcc                 ? 
_entity_src_gen.pdbx_host_org_culture_collection   ? 
_entity_src_gen.pdbx_host_org_cell                 ? 
_entity_src_gen.pdbx_host_org_organelle            ? 
_entity_src_gen.pdbx_host_org_cellular_location    ? 
_entity_src_gen.pdbx_host_org_vector_type          ? 
_entity_src_gen.pdbx_host_org_vector               ? 
_entity_src_gen.host_org_details                   ? 
_entity_src_gen.expression_system_id               ? 
_entity_src_gen.plasmid_name                       ? 
_entity_src_gen.plasmid_details                    ? 
_entity_src_gen.pdbx_description                   ? 
# 
loop_
_chem_comp.id 
_chem_comp.type 
_chem_comp.mon_nstd_flag 
_chem_comp.name 
_chem_comp.pdbx_synonyms 
_chem_comp.formula 
_chem_comp.formula_weight 
87N non-polymer         . 
;[(2~{R},3~{R},4~{S},5~{S},6~{R})-4-acetamido-6-methyl-3,5-bis(oxidanyl)oxan-2-yl] [[(2~{R},3~{S},5~{R})-5-[5-methyl-2,4-bis(oxidanylidene)pyrimidin-1-yl]-3-oxidanyl-oxolan-2-yl]methoxy-oxidanyl-phosphoryl] hydrogen phosphate
;
?                 'C18 H29 N3 O15 P2'   589.381 
ALA 'L-peptide linking' y ALANINE ?                 'C3 H7 N O2'          89.093  
ARG 'L-peptide linking' y ARGININE ?                 'C6 H15 N4 O2 1'      175.209 
ASN 'L-peptide linking' y ASPARAGINE ?                 'C4 H8 N2 O3'         132.118 
ASP 'L-peptide linking' y 'ASPARTIC ACID' ?                 'C4 H7 N O4'          133.103 
COA non-polymer         . 'COENZYME A' ?                 'C21 H36 N7 O16 P3 S' 767.534 
CYS 'L-peptide linking' y CYSTEINE ?                 'C3 H7 N O2 S'        121.158 
EDO non-polymer         . 1,2-ETHANEDIOL 'ETHYLENE GLYCOL' 'C2 H6 O2'            62.068  
GLN 'L-peptide linking' y GLUTAMINE ?                 'C5 H10 N2 O3'        146.144 
GLU 'L-peptide linking' y 'GLUTAMIC ACID' ?                 'C5 H9 N O4'          147.129 
GLY 'peptide linking'   y GLYCINE ?                 'C2 H5 N O2'          75.067  
HIS 'L-peptide linking' y HISTIDINE ?                 'C6 H10 N3 O2 1'      156.162 
HOH non-polymer         . WATER ?                 'H2 O'                18.015  
ILE 'L-peptide linking' y ISOLEUCINE ?                 'C6 H13 N O2'         131.173 
LEU 'L-peptide linking' y LEUCINE ?                 'C6 H13 N O2'         131.173 
LYS 'L-peptide linking' y LYSINE ?                 'C6 H15 N2 O2 1'      147.195 
MET 'L-peptide linking' y METHIONINE ?                 'C5 H11 N O2 S'       149.211 
NA  non-polymer         . 'SODIUM ION' ?                 'Na 1'                22.990  
PHE 'L-peptide linking' y PHENYLALANINE ?                 'C9 H11 N O2'         165.189 
PRO 'L-peptide linking' y PROLINE ?                 'C5 H9 N O2'          115.130 
SER 'L-peptide linking' y SERINE ?                 'C3 H7 N O3'          105.093 
THR 'L-peptide linking' y THREONINE ?                 'C4 H9 N O3'          119.119 
TRP 'L-peptide linking' y TRYPTOPHAN ?                 'C11 H12 N2 O2'       204.225 
TYR 'L-peptide linking' y TYROSINE ?                 'C9 H11 N O3'         181.189 
VAL 'L-peptide linking' y VALINE ?                 'C5 H11 N O2'         117.146 
# 
loop_
_pdbx_poly_seq_scheme.asym_id 
_pdbx_poly_seq_scheme.entity_id 
_pdbx_poly_seq_scheme.seq_id 
_pdbx_poly_seq_scheme.mon_id 
_pdbx_poly_seq_scheme.ndb_seq_num 
_pdbx_poly_seq_scheme.pdb_seq_num 
_pdbx_poly_seq_scheme.auth_seq_num 
_pdbx_poly_seq_scheme.pdb_mon_id 
_pdbx_poly_seq_scheme.auth_mon_id 
_pdbx_poly_seq_scheme.pdb_strand_id 
_pdbx_poly_seq_scheme.pdb_ins_code 
_pdbx_poly_seq_scheme.hetero 
A 1 1   MET 1   -21 ?   ?   ?   A . n 
A 1 2   HIS 2   -20 ?   ?   ?   A . n 
A 1 3   SER 3   -19 ?   ?   ?   A . n 
A 1 4   SER 4   -18 ?   ?   ?   A . n 
A 1 5   HIS 5   -17 ?   ?   ?   A . n 
A 1 6   HIS 6   -16 ?   ?   ?   A . n 
A 1 7   HIS 7   -15 ?   ?   ?   A . n 
A 1 8   HIS 8   -14 ?   ?   ?   A . n 
A 1 9   HIS 9   -13 ?   ?   ?   A . n 
A 1 10  HIS 10  -12 ?   ?   ?   A . n 
A 1 11  SER 11  -11 ?   ?   ?   A . n 
A 1 12  SER 12  -10 ?   ?   ?   A . n 
A 1 13  GLU 13  -9  ?   ?   ?   A . n 
A 1 14  ASN 14  -8  ?   ?   ?   A . n 
A 1 15  LEU 15  -7  ?   ?   ?   A . n 
A 1 16  TYR 16  -6  ?   ?   ?   A . n 
A 1 17  PHE 17  -5  ?   ?   ?   A . n 
A 1 18  GLN 18  -4  ?   ?   ?   A . n 
A 1 19  GLY 19  -3  ?   ?   ?   A . n 
A 1 20  GLY 20  -2  ?   ?   ?   A . n 
A 1 21  GLY 21  -1  -1  GLY GLY A . n 
A 1 22  HIS 22  0   0   HIS HIS A . n 
A 1 23  MET 23  1   1   MET MET A . n 
A 1 24  ILE 24  2   2   ILE ILE A . n 
A 1 25  HIS 25  3   3   HIS HIS A . n 
A 1 26  LYS 26  4   4   LYS LYS A . n 
A 1 27  LEU 27  5   5   LEU LEU A . n 
A 1 28  ALA 28  6   6   ALA ALA A . n 
A 1 29  ASP 29  7   7   ASP ASP A . n 
A 1 30  VAL 30  8   8   VAL VAL A . n 
A 1 31  GLN 31  9   9   GLN GLN A . n 
A 1 32  SER 32  10  10  SER SER A . n 
A 1 33  LYS 33  11  11  LYS LYS A . n 
A 1 34  ASN 34  12  12  ASN ASN A . n 
A 1 35  ILE 35  13  13  ILE ILE A . n 
A 1 36  GLY 36  14  14  GLY GLY A . n 
A 1 37  SER 37  15  15  SER SER A . n 
A 1 38  GLY 38  16  16  GLY GLY A . n 
A 1 39  THR 39  17  17  THR THR A . n 
A 1 40  ARG 40  18  18  ARG ARG A . n 
A 1 41  ILE 41  19  19  ILE ILE A . n 
A 1 42  TRP 42  20  20  TRP TRP A . n 
A 1 43  GLN 43  21  21  GLN GLN A . n 
A 1 44  PHE 44  22  22  PHE PHE A . n 
A 1 45  CYS 45  23  23  CYS CYS A . n 
A 1 46  VAL 46  24  24  VAL VAL A . n 
A 1 47  VAL 47  25  25  VAL VAL A . n 
A 1 48  LEU 48  26  26  LEU LEU A . n 
A 1 49  PRO 49  27  27  PRO PRO A . n 
A 1 50  SER 50  28  28  SER SER A . n 
A 1 51  ALA 51  29  29  ALA ALA A . n 
A 1 52  ILE 52  30  30  ILE ILE A . n 
A 1 53  ILE 53  31  31  ILE ILE A . n 
A 1 54  GLY 54  32  32  GLY GLY A . n 
A 1 55  GLU 55  33  33  GLU GLU A . n 
A 1 56  ASN 56  34  34  ASN ASN A . n 
A 1 57  CYS 57  35  35  CYS CYS A . n 
A 1 58  ASN 58  36  36  ASN ASN A . n 
A 1 59  ILE 59  37  37  ILE ILE A . n 
A 1 60  CYS 60  38  38  CYS CYS A . n 
A 1 61  SER 61  39  39  SER SER A . n 
A 1 62  HIS 62  40  40  HIS HIS A . n 
A 1 63  CYS 63  41  41  CYS CYS A . n 
A 1 64  PHE 64  42  42  PHE PHE A . n 
A 1 65  ILE 65  43  43  ILE ILE A . n 
A 1 66  GLU 66  44  44  GLU GLU A . n 
A 1 67  ASN 67  45  45  ASN ASN A . n 
A 1 68  ASP 68  46  46  ASP ASP A . n 
A 1 69  VAL 69  47  47  VAL VAL A . n 
A 1 70  LYS 70  48  48  LYS LYS A . n 
A 1 71  ILE 71  49  49  ILE ILE A . n 
A 1 72  GLY 72  50  50  GLY GLY A . n 
A 1 73  ASN 73  51  51  ASN ASN A . n 
A 1 74  ASN 74  52  52  ASN ASN A . n 
A 1 75  VAL 75  53  53  VAL VAL A . n 
A 1 76  THR 76  54  54  THR THR A . n 
A 1 77  ILE 77  55  55  ILE ILE A . n 
A 1 78  LYS 78  56  56  LYS LYS A . n 
A 1 79  CYS 79  57  57  CYS CYS A . n 
A 1 80  GLY 80  58  58  GLY GLY A . n 
A 1 81  VAL 81  59  59  VAL VAL A . n 
A 1 82  GLN 82  60  60  GLN GLN A . n 
A 1 83  ILE 83  61  61  ILE ILE A . n 
A 1 84  TRP 84  62  62  TRP TRP A . n 
A 1 85  ASP 85  63  63  ASP ASP A . n 
A 1 86  GLY 86  64  64  GLY GLY A . n 
A 1 87  ILE 87  65  65  ILE ILE A . n 
A 1 88  GLU 88  66  66  GLU GLU A . n 
A 1 89  ILE 89  67  67  ILE ILE A . n 
A 1 90  GLU 90  68  68  GLU GLU A . n 
A 1 91  ASP 91  69  69  ASP ASP A . n 
A 1 92  ASP 92  70  70  ASP ASP A . n 
A 1 93  VAL 93  71  71  VAL VAL A . n 
A 1 94  PHE 94  72  72  PHE PHE A . n 
A 1 95  ILE 95  73  73  ILE ILE A . n 
A 1 96  GLY 96  74  74  GLY GLY A . n 
A 1 97  PRO 97  75  75  PRO PRO A . n 
A 1 98  ASN 98  76  76  ASN ASN A . n 
A 1 99  VAL 99  77  77  VAL VAL A . n 
A 1 100 THR 100 78  78  THR THR A . n 
A 1 101 PHE 101 79  79  PHE PHE A . n 
A 1 102 CYS 102 80  80  CYS WAG A A n 
A 1 103 ASN 103 81  81  ASN ASN A . n 
A 1 104 ASP 104 82  82  ASP ASP A . n 
A 1 105 LYS 105 83  83  LYS LYS A . n 
A 1 106 TYR 106 84  84  TYR TYR A . n 
A 1 107 PRO 107 85  85  PRO PRO A . n 
A 1 108 ARG 108 86  86  ARG ARG A . n 
A 1 109 SER 109 87  87  SER SER A . n 
A 1 110 LYS 110 88  88  LYS LYS A . n 
A 1 111 GLN 111 89  89  GLN GLN A . n 
A 1 112 TYR 112 90  90  TYR TYR A . n 
A 1 113 PRO 113 91  91  PRO PRO A . n 
A 1 114 LYS 114 92  92  LYS LYS A . n 
A 1 115 GLU 115 93  93  GLU GLU A . n 
A 1 116 PHE 116 94  94  PHE PHE A . n 
A 1 117 SER 117 95  95  SER SER A . n 
A 1 118 LYS 118 96  96  LYS LYS A . n 
A 1 119 THR 119 97  97  THR THR A . n 
A 1 120 ILE 120 98  98  ILE ILE A . n 
A 1 121 ILE 121 99  99  ILE ILE A . n 
A 1 122 LYS 122 100 100 LYS LYS A . n 
A 1 123 LYS 123 101 101 LYS LYS A . n 
A 1 124 GLY 124 102 102 GLY GLY A . n 
A 1 125 ALA 125 103 103 ALA ALA A . n 
A 1 126 SER 126 104 104 SER SER A . n 
A 1 127 ILE 127 105 105 ILE ILE A . n 
A 1 128 GLY 128 106 106 GLY GLY A . n 
A 1 129 ALA 129 107 107 ALA ALA A . n 
A 1 130 ASN 130 108 108 ASN ASN A . n 
A 1 131 ALA 131 109 109 ALA ALA A . n 
A 1 132 THR 132 110 110 THR THR A . n 
A 1 133 ILE 133 111 111 ILE ILE A . n 
A 1 134 LEU 134 112 112 LEU LEU A . n 
A 1 135 PRO 135 113 113 PRO PRO A . n 
A 1 136 GLY 136 114 114 GLY GLY A . n 
A 1 137 ILE 137 115 115 ILE ILE A . n 
A 1 138 THR 138 116 116 THR THR A . n 
A 1 139 ILE 139 117 117 ILE ILE A . n 
A 1 140 GLY 140 118 118 GLY GLY A . n 
A 1 141 GLU 141 119 119 GLU GLU A . n 
A 1 142 ASN 142 120 120 ASN ASN A . n 
A 1 143 ALA 143 121 121 ALA ALA A . n 
A 1 144 MET 144 122 122 MET MET A . n 
A 1 145 ILE 145 123 123 ILE ILE A . n 
A 1 146 GLY 146 124 124 GLY GLY A . n 
A 1 147 ALA 147 125 125 ALA ALA A . n 
A 1 148 GLY 148 126 126 GLY GLY A . n 
A 1 149 ALA 149 127 127 ALA ALA A . n 
A 1 150 ILE 150 128 128 ILE ILE A . n 
A 1 151 VAL 151 129 129 VAL VAL A . n 
A 1 152 THR 152 130 130 THR THR A . n 
A 1 153 LYS 153 131 131 LYS LYS A . n 
A 1 154 ASP 154 132 132 ASP ASP A . n 
A 1 155 VAL 155 133 133 VAL VAL A . n 
A 1 156 LEU 156 134 134 LEU LEU A . n 
A 1 157 PRO 157 135 135 PRO PRO A . n 
A 1 158 HIS 158 136 136 HIS HIS A . n 
A 1 159 VAL 159 137 137 VAL VAL A . n 
A 1 160 THR 160 138 138 THR THR A . n 
A 1 161 TYR 161 139 139 TYR TYR A . n 
A 1 162 TYR 162 140 140 TYR TYR A . n 
A 1 163 SER 163 141 141 SER SER A . n 
A 1 164 LYS 164 142 142 LYS LYS A . n 
A 1 165 ILE 165 143 143 ILE ILE A . n 
# 
loop_
_pdbx_entity_instance_feature.ordinal 
_pdbx_entity_instance_feature.comp_id 
_pdbx_entity_instance_feature.asym_id 
_pdbx_entity_instance_feature.seq_num 
_pdbx_entity_instance_feature.auth_comp_id 
_pdbx_entity_instance_feature.auth_asym_id 
_pdbx_entity_instance_feature.auth_seq_num 
_pdbx_entity_instance_feature.feature_type 
_pdbx_entity_instance_feature.details 
1 87N ? ? 87N ? ? 'SUBJECT OF INVESTIGATION' ? 
2 COA ? ? COA ? ? 'SUBJECT OF INVESTIGATION' ? 
# 
loop_
_pdbx_nonpoly_scheme.asym_id 
_pdbx_nonpoly_scheme.entity_id 
_pdbx_nonpoly_scheme.mon_id 
_pdbx_nonpoly_scheme.ndb_seq_num 
_pdbx_nonpoly_scheme.pdb_seq_num 
_pdbx_nonpoly_scheme.auth_seq_num 
_pdbx_nonpoly_scheme.pdb_mon_id 
_pdbx_nonpoly_scheme.auth_mon_id 
_pdbx_nonpoly_scheme.pdb_strand_id 
_pdbx_nonpoly_scheme.pdb_ins_code 
B 2 87N 1   201 200 87N TQA A . 
C 3 COA 1   202 80  COA WAG A . 
D 4 EDO 1   203 1   EDO EDO A . 
E 4 EDO 1   204 2   EDO EDO A . 
F 4 EDO 1   205 3   EDO EDO A . 
G 4 EDO 1   206 4   EDO EDO A . 
H 5 NA  1   207 1   NA  NA  A . 
I 6 HOH 1   301 218 HOH HOH A . 
I 6 HOH 2   302 229 HOH HOH A . 
I 6 HOH 3   303 227 HOH HOH A . 
I 6 HOH 4   304 205 HOH HOH A . 
I 6 HOH 5   305 102 HOH HOH A . 
I 6 HOH 6   306 152 HOH HOH A . 
I 6 HOH 7   307 34  HOH HOH A . 
I 6 HOH 8   308 222 HOH HOH A . 
I 6 HOH 9   309 215 HOH HOH A . 
I 6 HOH 10  310 162 HOH HOH A . 
I 6 HOH 11  311 206 HOH HOH A . 
I 6 HOH 12  312 11  HOH HOH A . 
I 6 HOH 13  313 168 HOH HOH A . 
I 6 HOH 14  314 88  HOH HOH A . 
I 6 HOH 15  315 207 HOH HOH A . 
I 6 HOH 16  316 158 HOH HOH A . 
I 6 HOH 17  317 104 HOH HOH A . 
I 6 HOH 18  318 198 HOH HOH A . 
I 6 HOH 19  319 19  HOH HOH A . 
I 6 HOH 20  320 94  HOH HOH A . 
I 6 HOH 21  321 161 HOH HOH A . 
I 6 HOH 22  322 15  HOH HOH A . 
I 6 HOH 23  323 62  HOH HOH A . 
I 6 HOH 24  324 93  HOH HOH A . 
I 6 HOH 25  325 68  HOH HOH A . 
I 6 HOH 26  326 188 HOH HOH A . 
I 6 HOH 27  327 3   HOH HOH A . 
I 6 HOH 28  328 37  HOH HOH A . 
I 6 HOH 29  329 57  HOH HOH A . 
I 6 HOH 30  330 163 HOH HOH A . 
I 6 HOH 31  331 99  HOH HOH A . 
I 6 HOH 32  332 72  HOH HOH A . 
I 6 HOH 33  333 179 HOH HOH A . 
I 6 HOH 34  334 124 HOH HOH A . 
I 6 HOH 35  335 195 HOH HOH A . 
I 6 HOH 36  336 60  HOH HOH A . 
I 6 HOH 37  337 115 HOH HOH A . 
I 6 HOH 38  338 52  HOH HOH A . 
I 6 HOH 39  339 25  HOH HOH A . 
I 6 HOH 40  340 107 HOH HOH A . 
I 6 HOH 41  341 149 HOH HOH A . 
I 6 HOH 42  342 127 HOH HOH A . 
I 6 HOH 43  343 156 HOH HOH A . 
I 6 HOH 44  344 20  HOH HOH A . 
I 6 HOH 45  345 12  HOH HOH A . 
I 6 HOH 46  346 53  HOH HOH A . 
I 6 HOH 47  347 196 HOH HOH A . 
I 6 HOH 48  348 109 HOH HOH A . 
I 6 HOH 49  349 100 HOH HOH A . 
I 6 HOH 50  350 164 HOH HOH A . 
I 6 HOH 51  351 61  HOH HOH A . 
I 6 HOH 52  352 148 HOH HOH A . 
I 6 HOH 53  353 33  HOH HOH A . 
I 6 HOH 54  354 45  HOH HOH A . 
I 6 HOH 55  355 147 HOH HOH A . 
I 6 HOH 56  356 74  HOH HOH A . 
I 6 HOH 57  357 13  HOH HOH A . 
I 6 HOH 58  358 59  HOH HOH A . 
I 6 HOH 59  359 8   HOH HOH A . 
I 6 HOH 60  360 63  HOH HOH A . 
I 6 HOH 61  361 169 HOH HOH A . 
I 6 HOH 62  362 17  HOH HOH A . 
I 6 HOH 63  363 50  HOH HOH A . 
I 6 HOH 64  364 145 HOH HOH A . 
I 6 HOH 65  365 41  HOH HOH A . 
I 6 HOH 66  366 7   HOH HOH A . 
I 6 HOH 67  367 44  HOH HOH A . 
I 6 HOH 68  368 49  HOH HOH A . 
I 6 HOH 69  369 73  HOH HOH A . 
I 6 HOH 70  370 6   HOH HOH A . 
I 6 HOH 71  371 217 HOH HOH A . 
I 6 HOH 72  372 223 HOH HOH A . 
I 6 HOH 73  373 42  HOH HOH A . 
I 6 HOH 74  374 30  HOH HOH A . 
I 6 HOH 75  375 75  HOH HOH A . 
I 6 HOH 76  376 5   HOH HOH A . 
I 6 HOH 77  377 87  HOH HOH A . 
I 6 HOH 78  378 27  HOH HOH A . 
I 6 HOH 79  379 31  HOH HOH A . 
I 6 HOH 80  380 155 HOH HOH A . 
I 6 HOH 81  381 114 HOH HOH A . 
I 6 HOH 82  382 1   HOH HOH A . 
I 6 HOH 83  383 43  HOH HOH A . 
I 6 HOH 84  384 18  HOH HOH A . 
I 6 HOH 85  385 55  HOH HOH A . 
I 6 HOH 86  386 166 HOH HOH A . 
I 6 HOH 87  387 54  HOH HOH A . 
I 6 HOH 88  388 159 HOH HOH A . 
I 6 HOH 89  389 97  HOH HOH A . 
I 6 HOH 90  390 91  HOH HOH A . 
I 6 HOH 91  391 36  HOH HOH A . 
I 6 HOH 92  392 48  HOH HOH A . 
I 6 HOH 93  393 23  HOH HOH A . 
I 6 HOH 94  394 39  HOH HOH A . 
I 6 HOH 95  395 2   HOH HOH A . 
I 6 HOH 96  396 47  HOH HOH A . 
I 6 HOH 97  397 180 HOH HOH A . 
I 6 HOH 98  398 228 HOH HOH A . 
I 6 HOH 99  399 64  HOH HOH A . 
I 6 HOH 100 400 108 HOH HOH A . 
I 6 HOH 101 401 170 HOH HOH A . 
I 6 HOH 102 402 116 HOH HOH A . 
I 6 HOH 103 403 58  HOH HOH A . 
I 6 HOH 104 404 209 HOH HOH A . 
I 6 HOH 105 405 16  HOH HOH A . 
I 6 HOH 106 406 14  HOH HOH A . 
I 6 HOH 107 407 38  HOH HOH A . 
I 6 HOH 108 408 51  HOH HOH A . 
I 6 HOH 109 409 24  HOH HOH A . 
I 6 HOH 110 410 79  HOH HOH A . 
I 6 HOH 111 411 32  HOH HOH A . 
I 6 HOH 112 412 131 HOH HOH A . 
I 6 HOH 113 413 90  HOH HOH A . 
I 6 HOH 114 414 10  HOH HOH A . 
I 6 HOH 115 415 178 HOH HOH A . 
I 6 HOH 116 416 216 HOH HOH A . 
I 6 HOH 117 417 46  HOH HOH A . 
I 6 HOH 118 418 183 HOH HOH A . 
I 6 HOH 119 419 186 HOH HOH A . 
I 6 HOH 120 420 4   HOH HOH A . 
I 6 HOH 121 421 56  HOH HOH A . 
I 6 HOH 122 422 219 HOH HOH A . 
I 6 HOH 123 423 110 HOH HOH A . 
I 6 HOH 124 424 21  HOH HOH A . 
I 6 HOH 125 425 106 HOH HOH A . 
I 6 HOH 126 426 172 HOH HOH A . 
I 6 HOH 127 427 67  HOH HOH A . 
I 6 HOH 128 428 201 HOH HOH A . 
I 6 HOH 129 429 81  HOH HOH A . 
I 6 HOH 130 430 185 HOH HOH A . 
I 6 HOH 131 431 199 HOH HOH A . 
I 6 HOH 132 432 210 HOH HOH A . 
I 6 HOH 133 433 146 HOH HOH A . 
I 6 HOH 134 434 167 HOH HOH A . 
I 6 HOH 135 435 77  HOH HOH A . 
I 6 HOH 136 436 103 HOH HOH A . 
I 6 HOH 137 437 220 HOH HOH A . 
I 6 HOH 138 438 193 HOH HOH A . 
I 6 HOH 139 439 129 HOH HOH A . 
I 6 HOH 140 440 123 HOH HOH A . 
I 6 HOH 141 441 221 HOH HOH A . 
I 6 HOH 142 442 224 HOH HOH A . 
I 6 HOH 143 443 181 HOH HOH A . 
I 6 HOH 144 444 135 HOH HOH A . 
I 6 HOH 145 445 153 HOH HOH A . 
I 6 HOH 146 446 130 HOH HOH A . 
I 6 HOH 147 447 200 HOH HOH A . 
I 6 HOH 148 448 139 HOH HOH A . 
I 6 HOH 149 449 101 HOH HOH A . 
I 6 HOH 150 450 176 HOH HOH A . 
I 6 HOH 151 451 197 HOH HOH A . 
I 6 HOH 152 452 98  HOH HOH A . 
I 6 HOH 153 453 192 HOH HOH A . 
I 6 HOH 154 454 85  HOH HOH A . 
I 6 HOH 155 455 136 HOH HOH A . 
I 6 HOH 156 456 151 HOH HOH A . 
I 6 HOH 157 457 65  HOH HOH A . 
I 6 HOH 158 458 182 HOH HOH A . 
I 6 HOH 159 459 226 HOH HOH A . 
I 6 HOH 160 460 89  HOH HOH A . 
I 6 HOH 161 461 177 HOH HOH A . 
I 6 HOH 162 462 187 HOH HOH A . 
I 6 HOH 163 463 117 HOH HOH A . 
I 6 HOH 164 464 76  HOH HOH A . 
I 6 HOH 165 465 194 HOH HOH A . 
I 6 HOH 166 466 175 HOH HOH A . 
I 6 HOH 167 467 208 HOH HOH A . 
I 6 HOH 168 468 157 HOH HOH A . 
I 6 HOH 169 469 22  HOH HOH A . 
I 6 HOH 170 470 150 HOH HOH A . 
I 6 HOH 171 471 202 HOH HOH A . 
I 6 HOH 172 472 174 HOH HOH A . 
I 6 HOH 173 473 82  HOH HOH A . 
I 6 HOH 174 474 144 HOH HOH A . 
I 6 HOH 175 475 203 HOH HOH A . 
I 6 HOH 176 476 165 HOH HOH A . 
I 6 HOH 177 477 190 HOH HOH A . 
I 6 HOH 178 478 40  HOH HOH A . 
I 6 HOH 179 479 225 HOH HOH A . 
I 6 HOH 180 480 29  HOH HOH A . 
I 6 HOH 181 481 128 HOH HOH A . 
I 6 HOH 182 482 212 HOH HOH A . 
I 6 HOH 183 483 173 HOH HOH A . 
I 6 HOH 184 484 80  HOH HOH A . 
I 6 HOH 185 485 211 HOH HOH A . 
I 6 HOH 186 486 120 HOH HOH A . 
I 6 HOH 187 487 213 HOH HOH A . 
I 6 HOH 188 488 66  HOH HOH A . 
I 6 HOH 189 489 119 HOH HOH A . 
I 6 HOH 190 490 70  HOH HOH A . 
# 
loop_
_software.citation_id 
_software.classification 
_software.compiler_name 
_software.compiler_version 
_software.contact_author 
_software.contact_author_email 
_software.date 
_software.description 
_software.dependencies 
_software.hardware 
_software.language 
_software.location 
_software.mods 
_software.name 
_software.os 
_software.os_version 
_software.type 
_software.version 
_software.pdbx_ordinal 
? refinement        ? ? ? ? ? ? ? ? ? ? ? REFMAC      ? ? ? 5.8.0253 1 
? 'data extraction' ? ? ? ? ? ? ? ? ? ? ? PDB_EXTRACT ? ? ? 3.27     2 
? 'data reduction'  ? ? ? ? ? ? ? ? ? ? ? SAINT       ? ? ? .        3 
? 'data scaling'    ? ? ? ? ? ? ? ? ? ? ? SADABS      ? ? ? .        4 
? phasing           ? ? ? ? ? ? ? ? ? ? ? REFMAC      ? ? ? .        5 
# 
_cell.angle_alpha                  90.000 
_cell.angle_alpha_esd              ? 
_cell.angle_beta                   90.000 
_cell.angle_beta_esd               ? 
_cell.angle_gamma                  90.000 
_cell.angle_gamma_esd              ? 
_cell.entry_id                     7S41 
_cell.details                      ? 
_cell.formula_units_Z              ? 
_cell.length_a                     102.965 
_cell.length_a_esd                 ? 
_cell.length_b                     102.965 
_cell.length_b_esd                 ? 
_cell.length_c                     102.965 
_cell.length_c_esd                 ? 
_cell.volume                       ? 
_cell.volume_esd                   ? 
_cell.Z_PDB                        24 
_cell.reciprocal_angle_alpha       ? 
_cell.reciprocal_angle_beta        ? 
_cell.reciprocal_angle_gamma       ? 
_cell.reciprocal_angle_alpha_esd   ? 
_cell.reciprocal_angle_beta_esd    ? 
_cell.reciprocal_angle_gamma_esd   ? 
_cell.reciprocal_length_a          ? 
_cell.reciprocal_length_b          ? 
_cell.reciprocal_length_c          ? 
_cell.reciprocal_length_a_esd      ? 
_cell.reciprocal_length_b_esd      ? 
_cell.reciprocal_length_c_esd      ? 
_cell.pdbx_unique_axis             ? 
# 
_symmetry.entry_id                         7S41 
_symmetry.cell_setting                     ? 
_symmetry.Int_Tables_number                197 
_symmetry.space_group_name_Hall            ? 
_symmetry.space_group_name_H-M             'I 2 3' 
_symmetry.pdbx_full_space_group_name_H-M   ? 
# 
_exptl.absorpt_coefficient_mu     ? 
_exptl.absorpt_correction_T_max   ? 
_exptl.absorpt_correction_T_min   ? 
_exptl.absorpt_correction_type    ? 
_exptl.absorpt_process_details    ? 
_exptl.entry_id                   7S41 
_exptl.crystals_number            1 
_exptl.details                    ? 
_exptl.method                     'X-RAY DIFFRACTION' 
_exptl.method_details             ? 
# 
_exptl_crystal.colour                      ? 
_exptl_crystal.density_diffrn              ? 
_exptl_crystal.density_Matthews            2.41 
_exptl_crystal.density_method              ? 
_exptl_crystal.density_percent_sol         48.88 
_exptl_crystal.description                 ? 
_exptl_crystal.F_000                       ? 
_exptl_crystal.id                          1 
_exptl_crystal.preparation                 ? 
_exptl_crystal.size_max                    ? 
_exptl_crystal.size_mid                    ? 
_exptl_crystal.size_min                    ? 
_exptl_crystal.size_rad                    ? 
_exptl_crystal.colour_lustre               ? 
_exptl_crystal.colour_modifier             ? 
_exptl_crystal.colour_primary              ? 
_exptl_crystal.density_meas                ? 
_exptl_crystal.density_meas_esd            ? 
_exptl_crystal.density_meas_gt             ? 
_exptl_crystal.density_meas_lt             ? 
_exptl_crystal.density_meas_temp           ? 
_exptl_crystal.density_meas_temp_esd       ? 
_exptl_crystal.density_meas_temp_gt        ? 
_exptl_crystal.density_meas_temp_lt        ? 
_exptl_crystal.pdbx_crystal_image_url      ? 
_exptl_crystal.pdbx_crystal_image_format   ? 
_exptl_crystal.pdbx_mosaicity              ? 
_exptl_crystal.pdbx_mosaicity_esd          ? 
# 
_exptl_crystal_grow.apparatus       ? 
_exptl_crystal_grow.atmosphere      ? 
_exptl_crystal_grow.crystal_id      1 
_exptl_crystal_grow.details         ? 
_exptl_crystal_grow.method          'VAPOR DIFFUSION, HANGING DROP' 
_exptl_crystal_grow.method_ref      ? 
_exptl_crystal_grow.pH              7.5 
_exptl_crystal_grow.pressure        ? 
_exptl_crystal_grow.pressure_esd    ? 
_exptl_crystal_grow.seeding         ? 
_exptl_crystal_grow.seeding_ref     ? 
_exptl_crystal_grow.temp            293 
_exptl_crystal_grow.temp_details    ? 
_exptl_crystal_grow.temp_esd        ? 
_exptl_crystal_grow.time            ? 
_exptl_crystal_grow.pdbx_details    
;15% PEG-5000, 5 mM dTDP-3-amino-3,6-dideoxy-D-glucose, 5 mM coenzyme A, 100 mM HEPES.   Crystals were harvested and soaked in 20% PEG-5000, 200 mM NaCl, 5 mM dTDP-3-amino-3,6-dideoxy-D-glucose, 5 mM acetyl coenzyme A, 100 mM HEPES
;
_exptl_crystal_grow.pdbx_pH_range   ? 
# 
_diffrn.ambient_environment              ? 
_diffrn.ambient_temp                     100 
_diffrn.ambient_temp_details             ? 
_diffrn.ambient_temp_esd                 ? 
_diffrn.crystal_id                       1 
_diffrn.crystal_support                  ? 
_diffrn.crystal_treatment                ? 
_diffrn.details                          ? 
_diffrn.id                               1 
_diffrn.ambient_pressure                 ? 
_diffrn.ambient_pressure_esd             ? 
_diffrn.ambient_pressure_gt              ? 
_diffrn.ambient_pressure_lt              ? 
_diffrn.ambient_temp_gt                  ? 
_diffrn.ambient_temp_lt                  ? 
_diffrn.pdbx_serial_crystal_experiment   N 
# 
_diffrn_detector.details                      ? 
_diffrn_detector.detector                     PIXEL 
_diffrn_detector.diffrn_id                    1 
_diffrn_detector.type                         'Bruker PHOTON II' 
_diffrn_detector.area_resol_mean              ? 
_diffrn_detector.dtime                        ? 
_diffrn_detector.pdbx_frames_total            ? 
_diffrn_detector.pdbx_collection_time_total   ? 
_diffrn_detector.pdbx_collection_date         2020-09-04 
_diffrn_detector.pdbx_frequency               ? 
# 
_diffrn_radiation.collimation                      ? 
_diffrn_radiation.diffrn_id                        1 
_diffrn_radiation.filter_edge                      ? 
_diffrn_radiation.inhomogeneity                    ? 
_diffrn_radiation.monochromator                    ? 
_diffrn_radiation.polarisn_norm                    ? 
_diffrn_radiation.polarisn_ratio                   ? 
_diffrn_radiation.probe                            ? 
_diffrn_radiation.type                             ? 
_diffrn_radiation.xray_symbol                      ? 
_diffrn_radiation.wavelength_id                    1 
_diffrn_radiation.pdbx_monochromatic_or_laue_m_l   M 
_diffrn_radiation.pdbx_wavelength_list             ? 
_diffrn_radiation.pdbx_wavelength                  ? 
_diffrn_radiation.pdbx_diffrn_protocol             'SINGLE WAVELENGTH' 
_diffrn_radiation.pdbx_analyzer                    ? 
_diffrn_radiation.pdbx_scattering_type             x-ray 
# 
_diffrn_radiation_wavelength.id           1 
_diffrn_radiation_wavelength.wavelength   1.5418 
_diffrn_radiation_wavelength.wt           1.0 
# 
_diffrn_source.current                     ? 
_diffrn_source.details                     ? 
_diffrn_source.diffrn_id                   1 
_diffrn_source.power                       ? 
_diffrn_source.size                        ? 
_diffrn_source.source                      'SEALED TUBE' 
_diffrn_source.target                      ? 
_diffrn_source.type                        'BRUKER D8 QUEST' 
_diffrn_source.voltage                     ? 
_diffrn_source.take-off_angle              ? 
_diffrn_source.pdbx_wavelength_list        1.5418 
_diffrn_source.pdbx_wavelength             ? 
_diffrn_source.pdbx_synchrotron_beamline   ? 
_diffrn_source.pdbx_synchrotron_site       ? 
# 
_reflns.B_iso_Wilson_estimate                          ? 
_reflns.entry_id                                       7S41 
_reflns.data_reduction_details                         ? 
_reflns.data_reduction_method                          ? 
_reflns.d_resolution_high                              1.4 
_reflns.d_resolution_low                               50 
_reflns.details                                        ? 
_reflns.limit_h_max                                    ? 
_reflns.limit_h_min                                    ? 
_reflns.limit_k_max                                    ? 
_reflns.limit_k_min                                    ? 
_reflns.limit_l_max                                    ? 
_reflns.limit_l_min                                    ? 
_reflns.number_all                                     ? 
_reflns.number_obs                                     35803 
_reflns.observed_criterion                             ? 
_reflns.observed_criterion_F_max                       ? 
_reflns.observed_criterion_F_min                       ? 
_reflns.observed_criterion_I_max                       ? 
_reflns.observed_criterion_I_min                       ? 
_reflns.observed_criterion_sigma_F                     0 
_reflns.observed_criterion_sigma_I                     0 
_reflns.percent_possible_obs                           100 
_reflns.R_free_details                                 ? 
_reflns.Rmerge_F_all                                   ? 
_reflns.Rmerge_F_obs                                   ? 
_reflns.Friedel_coverage                               ? 
_reflns.number_gt                                      ? 
_reflns.threshold_expression                           ? 
_reflns.pdbx_redundancy                                17.1 
_reflns.pdbx_Rmerge_I_obs                              ? 
_reflns.pdbx_Rmerge_I_all                              ? 
_reflns.pdbx_Rsym_value                                0.041 
_reflns.pdbx_netI_over_av_sigmaI                       ? 
_reflns.pdbx_netI_over_sigmaI                          4.5 
_reflns.pdbx_res_netI_over_av_sigmaI_2                 ? 
_reflns.pdbx_res_netI_over_sigmaI_2                    ? 
_reflns.pdbx_chi_squared                               ? 
_reflns.pdbx_scaling_rejects                           ? 
_reflns.pdbx_d_res_high_opt                            ? 
_reflns.pdbx_d_res_low_opt                             ? 
_reflns.pdbx_d_res_opt_method                          ? 
_reflns.phase_calculation_details                      ? 
_reflns.pdbx_Rrim_I_all                                ? 
_reflns.pdbx_Rpim_I_all                                ? 
_reflns.pdbx_d_opt                                     ? 
_reflns.pdbx_number_measured_all                       ? 
_reflns.pdbx_diffrn_id                                 1 
_reflns.pdbx_ordinal                                   1 
_reflns.pdbx_CC_half                                   ? 
_reflns.pdbx_CC_star                                   ? 
_reflns.pdbx_R_split                                   ? 
_reflns.pdbx_aniso_diffraction_limit_axis_1_ortho[1]   ? 
_reflns.pdbx_aniso_diffraction_limit_axis_1_ortho[2]   ? 
_reflns.pdbx_aniso_diffraction_limit_axis_1_ortho[3]   ? 
_reflns.pdbx_aniso_diffraction_limit_axis_2_ortho[1]   ? 
_reflns.pdbx_aniso_diffraction_limit_axis_2_ortho[2]   ? 
_reflns.pdbx_aniso_diffraction_limit_axis_2_ortho[3]   ? 
_reflns.pdbx_aniso_diffraction_limit_axis_3_ortho[1]   ? 
_reflns.pdbx_aniso_diffraction_limit_axis_3_ortho[2]   ? 
_reflns.pdbx_aniso_diffraction_limit_axis_3_ortho[3]   ? 
_reflns.pdbx_aniso_diffraction_limit_1                 ? 
_reflns.pdbx_aniso_diffraction_limit_2                 ? 
_reflns.pdbx_aniso_diffraction_limit_3                 ? 
_reflns.pdbx_aniso_B_tensor_eigenvector_1_ortho[1]     ? 
_reflns.pdbx_aniso_B_tensor_eigenvector_1_ortho[2]     ? 
_reflns.pdbx_aniso_B_tensor_eigenvector_1_ortho[3]     ? 
_reflns.pdbx_aniso_B_tensor_eigenvector_2_ortho[1]     ? 
_reflns.pdbx_aniso_B_tensor_eigenvector_2_ortho[2]     ? 
_reflns.pdbx_aniso_B_tensor_eigenvector_2_ortho[3]     ? 
_reflns.pdbx_aniso_B_tensor_eigenvector_3_ortho[1]     ? 
_reflns.pdbx_aniso_B_tensor_eigenvector_3_ortho[2]     ? 
_reflns.pdbx_aniso_B_tensor_eigenvector_3_ortho[3]     ? 
_reflns.pdbx_aniso_B_tensor_eigenvalue_1               ? 
_reflns.pdbx_aniso_B_tensor_eigenvalue_2               ? 
_reflns.pdbx_aniso_B_tensor_eigenvalue_3               ? 
_reflns.pdbx_orthogonalization_convention              ? 
_reflns.pdbx_percent_possible_ellipsoidal              ? 
_reflns.pdbx_percent_possible_spherical                ? 
_reflns.pdbx_percent_possible_ellipsoidal_anomalous    ? 
_reflns.pdbx_percent_possible_spherical_anomalous      ? 
_reflns.pdbx_redundancy_anomalous                      ? 
_reflns.pdbx_CC_half_anomalous                         ? 
_reflns.pdbx_absDiff_over_sigma_anomalous              ? 
_reflns.pdbx_percent_possible_anomalous                ? 
_reflns.pdbx_observed_signal_threshold                 ? 
_reflns.pdbx_signal_type                               ? 
_reflns.pdbx_signal_details                            ? 
_reflns.pdbx_signal_software_id                        ? 
# 
_reflns_shell.d_res_high                                    1.5 
_reflns_shell.d_res_low                                     1.5 
_reflns_shell.meanI_over_sigI_all                           ? 
_reflns_shell.meanI_over_sigI_obs                           4.5 
_reflns_shell.number_measured_all                           ? 
_reflns_shell.number_measured_obs                           ? 
_reflns_shell.number_possible                               ? 
_reflns_shell.number_unique_all                             ? 
_reflns_shell.number_unique_obs                             6639 
_reflns_shell.percent_possible_all                          99.9 
_reflns_shell.percent_possible_obs                          ? 
_reflns_shell.Rmerge_F_all                                  ? 
_reflns_shell.Rmerge_F_obs                                  ? 
_reflns_shell.Rmerge_I_all                                  ? 
_reflns_shell.Rmerge_I_obs                                  ? 
_reflns_shell.meanI_over_sigI_gt                            ? 
_reflns_shell.meanI_over_uI_all                             ? 
_reflns_shell.meanI_over_uI_gt                              ? 
_reflns_shell.number_measured_gt                            ? 
_reflns_shell.number_unique_gt                              ? 
_reflns_shell.percent_possible_gt                           ? 
_reflns_shell.Rmerge_F_gt                                   ? 
_reflns_shell.Rmerge_I_gt                                   ? 
_reflns_shell.pdbx_redundancy                               11.7 
_reflns_shell.pdbx_Rsym_value                               0.234 
_reflns_shell.pdbx_chi_squared                              ? 
_reflns_shell.pdbx_netI_over_sigmaI_all                     ? 
_reflns_shell.pdbx_netI_over_sigmaI_obs                     ? 
_reflns_shell.pdbx_Rrim_I_all                               ? 
_reflns_shell.pdbx_Rpim_I_all                               ? 
_reflns_shell.pdbx_rejects                                  ? 
_reflns_shell.pdbx_ordinal                                  1 
_reflns_shell.pdbx_diffrn_id                                1 
_reflns_shell.pdbx_CC_half                                  ? 
_reflns_shell.pdbx_CC_star                                  ? 
_reflns_shell.pdbx_R_split                                  ? 
_reflns_shell.pdbx_percent_possible_ellipsoidal             ? 
_reflns_shell.pdbx_percent_possible_spherical               ? 
_reflns_shell.pdbx_percent_possible_ellipsoidal_anomalous   ? 
_reflns_shell.pdbx_percent_possible_spherical_anomalous     ? 
_reflns_shell.pdbx_redundancy_anomalous                     ? 
_reflns_shell.pdbx_CC_half_anomalous                        ? 
_reflns_shell.pdbx_absDiff_over_sigma_anomalous             ? 
_reflns_shell.pdbx_percent_possible_anomalous               ? 
# 
_refine.aniso_B[1][1]                            0.0000 
_refine.aniso_B[1][2]                            0.0000 
_refine.aniso_B[1][3]                            0.0000 
_refine.aniso_B[2][2]                            0.0000 
_refine.aniso_B[2][3]                            0.0000 
_refine.aniso_B[3][3]                            0.0000 
_refine.B_iso_max                                66.790 
_refine.B_iso_mean                               12.4330 
_refine.B_iso_min                                4.560 
_refine.correlation_coeff_Fo_to_Fc               0.9700 
_refine.correlation_coeff_Fo_to_Fc_free          0.9590 
_refine.details                                  
'HYDROGENS HAVE BEEN ADDED IN THE RIDING POSITIONS U VALUES      : REFINED INDIVIDUALLY' 
_refine.diff_density_max                         ? 
_refine.diff_density_max_esd                     ? 
_refine.diff_density_min                         ? 
_refine.diff_density_min_esd                     ? 
_refine.diff_density_rms                         ? 
_refine.diff_density_rms_esd                     ? 
_refine.entry_id                                 7S41 
_refine.pdbx_refine_id                           'X-RAY DIFFRACTION' 
_refine.ls_abs_structure_details                 ? 
_refine.ls_abs_structure_Flack                   ? 
_refine.ls_abs_structure_Flack_esd               ? 
_refine.ls_abs_structure_Rogers                  ? 
_refine.ls_abs_structure_Rogers_esd              ? 
_refine.ls_d_res_high                            1.4000 
_refine.ls_d_res_low                             36.4300 
_refine.ls_extinction_coef                       ? 
_refine.ls_extinction_coef_esd                   ? 
_refine.ls_extinction_expression                 ? 
_refine.ls_extinction_method                     ? 
_refine.ls_goodness_of_fit_all                   ? 
_refine.ls_goodness_of_fit_all_esd               ? 
_refine.ls_goodness_of_fit_obs                   ? 
_refine.ls_goodness_of_fit_obs_esd               ? 
_refine.ls_hydrogen_treatment                    ? 
_refine.ls_matrix_type                           ? 
_refine.ls_number_constraints                    ? 
_refine.ls_number_parameters                     ? 
_refine.ls_number_reflns_all                     ? 
_refine.ls_number_reflns_obs                     34048 
_refine.ls_number_reflns_R_free                  1755 
_refine.ls_number_reflns_R_work                  ? 
_refine.ls_number_restraints                     ? 
_refine.ls_percent_reflns_obs                    99.9700 
_refine.ls_percent_reflns_R_free                 4.9000 
_refine.ls_R_factor_all                          ? 
_refine.ls_R_factor_obs                          0.1638 
_refine.ls_R_factor_R_free                       0.1826 
_refine.ls_R_factor_R_free_error                 ? 
_refine.ls_R_factor_R_free_error_details         ? 
_refine.ls_R_factor_R_work                       0.1628 
_refine.ls_R_Fsqd_factor_obs                     ? 
_refine.ls_R_I_factor_obs                        ? 
_refine.ls_redundancy_reflns_all                 ? 
_refine.ls_redundancy_reflns_obs                 ? 
_refine.ls_restrained_S_all                      ? 
_refine.ls_restrained_S_obs                      ? 
_refine.ls_shift_over_esd_max                    ? 
_refine.ls_shift_over_esd_mean                   ? 
_refine.ls_structure_factor_coef                 ? 
_refine.ls_weighting_details                     ? 
_refine.ls_weighting_scheme                      ? 
_refine.ls_wR_factor_all                         ? 
_refine.ls_wR_factor_obs                         ? 
_refine.ls_wR_factor_R_free                      ? 
_refine.ls_wR_factor_R_work                      ? 
_refine.occupancy_max                            ? 
_refine.occupancy_min                            ? 
_refine.solvent_model_details                    MASK 
_refine.solvent_model_param_bsol                 ? 
_refine.solvent_model_param_ksol                 ? 
_refine.pdbx_R_complete                          ? 
_refine.ls_R_factor_gt                           ? 
_refine.ls_goodness_of_fit_gt                    ? 
_refine.ls_goodness_of_fit_ref                   ? 
_refine.ls_shift_over_su_max                     ? 
_refine.ls_shift_over_su_max_lt                  ? 
_refine.ls_shift_over_su_mean                    ? 
_refine.ls_shift_over_su_mean_lt                 ? 
_refine.pdbx_ls_sigma_I                          ? 
_refine.pdbx_ls_sigma_F                          0.000 
_refine.pdbx_ls_sigma_Fsqd                       ? 
_refine.pdbx_data_cutoff_high_absF               ? 
_refine.pdbx_data_cutoff_high_rms_absF           ? 
_refine.pdbx_data_cutoff_low_absF                ? 
_refine.pdbx_isotropic_thermal_model             ? 
_refine.pdbx_ls_cross_valid_method               THROUGHOUT 
_refine.pdbx_method_to_determine_struct          'MOLECULAR REPLACEMENT' 
_refine.pdbx_starting_model                      7s3u 
_refine.pdbx_stereochemistry_target_values       'MAXIMUM LIKELIHOOD' 
_refine.pdbx_R_Free_selection_details            RANDOM 
_refine.pdbx_stereochem_target_val_spec_case     ? 
_refine.pdbx_overall_ESU_R                       0.0520 
_refine.pdbx_overall_ESU_R_Free                  0.0530 
_refine.pdbx_solvent_vdw_probe_radii             1.2000 
_refine.pdbx_solvent_ion_probe_radii             0.8000 
_refine.pdbx_solvent_shrinkage_radii             0.8000 
_refine.pdbx_real_space_R                        ? 
_refine.pdbx_density_correlation                 ? 
_refine.pdbx_pd_number_of_powder_patterns        ? 
_refine.pdbx_pd_number_of_points                 ? 
_refine.pdbx_pd_meas_number_of_points            ? 
_refine.pdbx_pd_proc_ls_prof_R_factor            ? 
_refine.pdbx_pd_proc_ls_prof_wR_factor           ? 
_refine.pdbx_pd_Marquardt_correlation_coeff      ? 
_refine.pdbx_pd_Fsqrd_R_factor                   ? 
_refine.pdbx_pd_ls_matrix_band_width             ? 
_refine.pdbx_overall_phase_error                 ? 
_refine.pdbx_overall_SU_R_free_Cruickshank_DPI   ? 
_refine.pdbx_overall_SU_R_free_Blow_DPI          ? 
_refine.pdbx_overall_SU_R_Blow_DPI               ? 
_refine.pdbx_TLS_residual_ADP_flag               ? 
_refine.pdbx_diffrn_id                           1 
_refine.overall_SU_B                             0.9900 
_refine.overall_SU_ML                            0.0370 
_refine.overall_SU_R_Cruickshank_DPI             ? 
_refine.overall_SU_R_free                        ? 
_refine.overall_FOM_free_R_set                   ? 
_refine.overall_FOM_work_R_set                   ? 
_refine.pdbx_average_fsc_overall                 ? 
_refine.pdbx_average_fsc_work                    ? 
_refine.pdbx_average_fsc_free                    ? 
# 
_refine_hist.pdbx_refine_id                   'X-RAY DIFFRACTION' 
_refine_hist.cycle_id                         final 
_refine_hist.details                          ? 
_refine_hist.d_res_high                       1.4000 
_refine_hist.d_res_low                        36.4300 
_refine_hist.number_atoms_solvent             190 
_refine_hist.number_atoms_total               1400 
_refine_hist.number_reflns_all                ? 
_refine_hist.number_reflns_obs                ? 
_refine_hist.number_reflns_R_free             ? 
_refine_hist.number_reflns_R_work             ? 
_refine_hist.R_factor_all                     ? 
_refine_hist.R_factor_obs                     ? 
_refine_hist.R_factor_R_free                  ? 
_refine_hist.R_factor_R_work                  ? 
_refine_hist.pdbx_number_residues_total       145 
_refine_hist.pdbx_B_iso_mean_ligand           16.39 
_refine_hist.pdbx_B_iso_mean_solvent          27.62 
_refine_hist.pdbx_number_atoms_protein        1155 
_refine_hist.pdbx_number_atoms_nucleic_acid   0 
_refine_hist.pdbx_number_atoms_ligand         55 
_refine_hist.pdbx_number_atoms_lipid          ? 
_refine_hist.pdbx_number_atoms_carb           ? 
_refine_hist.pdbx_pseudo_atom_details         ? 
# 
loop_
_refine_ls_restr.pdbx_refine_id 
_refine_ls_restr.criterion 
_refine_ls_restr.dev_ideal 
_refine_ls_restr.dev_ideal_target 
_refine_ls_restr.number 
_refine_ls_restr.rejects 
_refine_ls_restr.type 
_refine_ls_restr.weight 
_refine_ls_restr.pdbx_restraint_function 
'X-RAY DIFFRACTION' ? 0.010  0.013  1270 ? r_bond_refined_d       ? ? 
'X-RAY DIFFRACTION' ? 0.001  0.017  1170 ? r_bond_other_d         ? ? 
'X-RAY DIFFRACTION' ? 1.687  1.750  1738 ? r_angle_refined_deg    ? ? 
'X-RAY DIFFRACTION' ? 1.376  1.645  2740 ? r_angle_other_deg      ? ? 
'X-RAY DIFFRACTION' ? 8.062  5.000  156  ? r_dihedral_angle_1_deg ? ? 
'X-RAY DIFFRACTION' ? 25.889 25.106 47   ? r_dihedral_angle_2_deg ? ? 
'X-RAY DIFFRACTION' ? 12.744 15.000 204  ? r_dihedral_angle_3_deg ? ? 
'X-RAY DIFFRACTION' ? 25.917 15.000 2    ? r_dihedral_angle_4_deg ? ? 
'X-RAY DIFFRACTION' ? 0.380  0.200  184  ? r_chiral_restr         ? ? 
'X-RAY DIFFRACTION' ? 0.009  0.020  1357 ? r_gen_planes_refined   ? ? 
'X-RAY DIFFRACTION' ? 0.006  0.020  227  ? r_gen_planes_other     ? ? 
# 
_refine_ls_shell.pdbx_refine_id                   'X-RAY DIFFRACTION' 
_refine_ls_shell.d_res_high                       1.4000 
_refine_ls_shell.d_res_low                        1.4360 
_refine_ls_shell.number_reflns_all                2613 
_refine_ls_shell.number_reflns_obs                ? 
_refine_ls_shell.number_reflns_R_free             129 
_refine_ls_shell.number_reflns_R_work             2484 
_refine_ls_shell.percent_reflns_obs               99.8500 
_refine_ls_shell.percent_reflns_R_free            ? 
_refine_ls_shell.R_factor_all                     ? 
_refine_ls_shell.R_factor_obs                     ? 
_refine_ls_shell.R_factor_R_free                  0.3070 
_refine_ls_shell.R_factor_R_free_error            0.0000 
_refine_ls_shell.R_factor_R_work                  0.3130 
_refine_ls_shell.redundancy_reflns_all            ? 
_refine_ls_shell.redundancy_reflns_obs            ? 
_refine_ls_shell.wR_factor_all                    ? 
_refine_ls_shell.wR_factor_obs                    ? 
_refine_ls_shell.wR_factor_R_free                 ? 
_refine_ls_shell.wR_factor_R_work                 ? 
_refine_ls_shell.pdbx_R_complete                  ? 
_refine_ls_shell.pdbx_total_number_of_bins_used   20 
_refine_ls_shell.pdbx_phase_error                 ? 
_refine_ls_shell.pdbx_fsc_work                    ? 
_refine_ls_shell.pdbx_fsc_free                    ? 
# 
_struct.entry_id                     7S41 
_struct.title                        
;Crystal structure of an N-acetyltransferase from Helicobacter pullorum in the presence of Coenzyme A and dTDP-3-acetamido-3,6-dideoxy-D-glucose
;
_struct.pdbx_model_details           ? 
_struct.pdbx_formula_weight          ? 
_struct.pdbx_formula_weight_method   ? 
_struct.pdbx_model_type_details      ? 
_struct.pdbx_CASP_flag               N 
# 
_struct_keywords.entry_id        7S41 
_struct_keywords.text            TRANSFERASE 
_struct_keywords.pdbx_keywords   TRANSFERASE 
# 
loop_
_struct_asym.id 
_struct_asym.pdbx_blank_PDB_chainid_flag 
_struct_asym.pdbx_modified 
_struct_asym.entity_id 
_struct_asym.details 
A N N 1 ? 
B N N 2 ? 
C N N 3 ? 
D N N 4 ? 
E N N 4 ? 
F N N 4 ? 
G N N 4 ? 
H N N 5 ? 
I N N 6 ? 
# 
_struct_ref.id                         1 
_struct_ref.db_name                    PDB 
_struct_ref.db_code                    7S41 
_struct_ref.pdbx_db_accession          7S41 
_struct_ref.pdbx_db_isoform            ? 
_struct_ref.entity_id                  1 
_struct_ref.pdbx_seq_one_letter_code   ? 
_struct_ref.pdbx_align_begin           1 
# 
_struct_ref_seq.align_id                      1 
_struct_ref_seq.ref_id                        1 
_struct_ref_seq.pdbx_PDB_id_code              7S41 
_struct_ref_seq.pdbx_strand_id                A 
_struct_ref_seq.seq_align_beg                 1 
_struct_ref_seq.pdbx_seq_align_beg_ins_code   ? 
_struct_ref_seq.seq_align_end                 165 
_struct_ref_seq.pdbx_seq_align_end_ins_code   ? 
_struct_ref_seq.pdbx_db_accession             7S41 
_struct_ref_seq.db_align_beg                  -21 
_struct_ref_seq.pdbx_db_align_beg_ins_code    ? 
_struct_ref_seq.db_align_end                  143 
_struct_ref_seq.pdbx_db_align_end_ins_code    ? 
_struct_ref_seq.pdbx_auth_seq_align_beg       -21 
_struct_ref_seq.pdbx_auth_seq_align_end       143 
# 
_pdbx_struct_assembly.id                   1 
_pdbx_struct_assembly.details              author_and_software_defined_assembly 
_pdbx_struct_assembly.method_details       PISA 
_pdbx_struct_assembly.oligomeric_details   trimeric 
_pdbx_struct_assembly.oligomeric_count     3 
# 
loop_
_pdbx_struct_assembly_prop.biol_id 
_pdbx_struct_assembly_prop.type 
_pdbx_struct_assembly_prop.value 
_pdbx_struct_assembly_prop.details 
1 'ABSA (A^2)' 13600 ? 
1 MORE         -9    ? 
1 'SSA (A^2)'  15620 ? 
# 
_pdbx_struct_assembly_gen.assembly_id       1 
_pdbx_struct_assembly_gen.oper_expression   1,2,3 
_pdbx_struct_assembly_gen.asym_id_list      A,B,C,D,E,F,G,H,I 
# 
_pdbx_struct_assembly_auth_evidence.id                     1 
_pdbx_struct_assembly_auth_evidence.assembly_id            1 
_pdbx_struct_assembly_auth_evidence.experimental_support   homology 
_pdbx_struct_assembly_auth_evidence.details                ? 
# 
loop_
_pdbx_struct_oper_list.id 
_pdbx_struct_oper_list.type 
_pdbx_struct_oper_list.name 
_pdbx_struct_oper_list.symmetry_operation 
_pdbx_struct_oper_list.matrix[1][1] 
_pdbx_struct_oper_list.matrix[1][2] 
_pdbx_struct_oper_list.matrix[1][3] 
_pdbx_struct_oper_list.vector[1] 
_pdbx_struct_oper_list.matrix[2][1] 
_pdbx_struct_oper_list.matrix[2][2] 
_pdbx_struct_oper_list.matrix[2][3] 
_pdbx_struct_oper_list.vector[2] 
_pdbx_struct_oper_list.matrix[3][1] 
_pdbx_struct_oper_list.matrix[3][2] 
_pdbx_struct_oper_list.matrix[3][3] 
_pdbx_struct_oper_list.vector[3] 
1 'identity operation'         1_555  x,y,z   1.0000000000  0.0000000000  0.0000000000  0.0000000000   0.0000000000  1.0000000000 0.0000000000  0.0000000000  0.0000000000  0.0000000000  1.0000000000 0.0000000000   
2 'crystal symmetry operation' 6_555  z,-x,-y -0.4650814596 -0.4786806690 -0.7446905754 -20.1168628306 0.7840870414  0.1677903145 -0.5975398915 10.3320543704 0.4109826608  -0.8618069549 0.2972911451 5.2458218501   
3 'crystal symmetry operation' 12_555 -y,-z,x -0.4650814596 0.7840870414  0.4109826608  -19.6131516926 -0.4786806690 0.1677903145 -0.8618069549 -6.8422862549 -0.7446905754 -0.5975398915 0.2972911451 -10.3665598938 
# 
loop_
_struct_conn.id 
_struct_conn.conn_type_id 
_struct_conn.pdbx_leaving_atom_flag 
_struct_conn.pdbx_PDB_id 
_struct_conn.ptnr1_label_asym_id 
_struct_conn.ptnr1_label_comp_id 
_struct_conn.ptnr1_label_seq_id 
_struct_conn.ptnr1_label_atom_id 
_struct_conn.pdbx_ptnr1_label_alt_id 
_struct_conn.pdbx_ptnr1_PDB_ins_code 
_struct_conn.pdbx_ptnr1_standard_comp_id 
_struct_conn.ptnr1_symmetry 
_struct_conn.ptnr2_label_asym_id 
_struct_conn.ptnr2_label_comp_id 
_struct_conn.ptnr2_label_seq_id 
_struct_conn.ptnr2_label_atom_id 
_struct_conn.pdbx_ptnr2_label_alt_id 
_struct_conn.pdbx_ptnr2_PDB_ins_code 
_struct_conn.ptnr1_auth_asym_id 
_struct_conn.ptnr1_auth_comp_id 
_struct_conn.ptnr1_auth_seq_id 
_struct_conn.ptnr2_auth_asym_id 
_struct_conn.ptnr2_auth_comp_id 
_struct_conn.ptnr2_auth_seq_id 
_struct_conn.ptnr2_symmetry 
_struct_conn.pdbx_ptnr3_label_atom_id 
_struct_conn.pdbx_ptnr3_label_seq_id 
_struct_conn.pdbx_ptnr3_label_comp_id 
_struct_conn.pdbx_ptnr3_label_asym_id 
_struct_conn.pdbx_ptnr3_label_alt_id 
_struct_conn.pdbx_ptnr3_PDB_ins_code 
_struct_conn.details 
_struct_conn.pdbx_dist_value 
_struct_conn.pdbx_value_order 
_struct_conn.pdbx_role 
disulf1 disulf none ? A CYS 102 SG  A A ? 1_555 C COA . S1P ? ? A CYS 80  A COA 202 1_555 ? ? ? ? ? ? ? 2.076 ? ? 
metalc1 metalc ?    ? A ASN 130 OD1 ? ? ? 1_555 H NA  . NA  ? ? A ASN 108 A NA  207 1_555 ? ? ? ? ? ? ? 2.445 ? ? 
metalc2 metalc ?    ? A ASN 130 OD1 ? ? ? 1_555 H NA  . NA  ? ? A ASN 108 A NA  207 6_555 ? ? ? ? ? ? ? 2.445 ? ? 
metalc3 metalc ?    ? H NA  .   NA  ? ? ? 1_555 I HOH . O   ? ? A NA  207 A HOH 304 1_555 ? ? ? ? ? ? ? 2.380 ? ? 
metalc4 metalc ?    ? H NA  .   NA  ? ? ? 1_555 I HOH . O   ? ? A NA  207 A HOH 304 6_555 ? ? ? ? ? ? ? 2.380 ? ? 
# 
loop_
_struct_conn_type.id 
_struct_conn_type.criteria 
_struct_conn_type.reference 
disulf ? ? 
metalc ? ? 
# 
loop_
_pdbx_struct_conn_angle.id 
_pdbx_struct_conn_angle.ptnr1_label_atom_id 
_pdbx_struct_conn_angle.ptnr1_label_alt_id 
_pdbx_struct_conn_angle.ptnr1_label_asym_id 
_pdbx_struct_conn_angle.ptnr1_label_comp_id 
_pdbx_struct_conn_angle.ptnr1_label_seq_id 
_pdbx_struct_conn_angle.ptnr1_auth_atom_id 
_pdbx_struct_conn_angle.ptnr1_auth_asym_id 
_pdbx_struct_conn_angle.ptnr1_auth_comp_id 
_pdbx_struct_conn_angle.ptnr1_auth_seq_id 
_pdbx_struct_conn_angle.ptnr1_PDB_ins_code 
_pdbx_struct_conn_angle.ptnr1_symmetry 
_pdbx_struct_conn_angle.ptnr2_label_atom_id 
_pdbx_struct_conn_angle.ptnr2_label_alt_id 
_pdbx_struct_conn_angle.ptnr2_label_asym_id 
_pdbx_struct_conn_angle.ptnr2_label_comp_id 
_pdbx_struct_conn_angle.ptnr2_label_seq_id 
_pdbx_struct_conn_angle.ptnr2_auth_atom_id 
_pdbx_struct_conn_angle.ptnr2_auth_asym_id 
_pdbx_struct_conn_angle.ptnr2_auth_comp_id 
_pdbx_struct_conn_angle.ptnr2_auth_seq_id 
_pdbx_struct_conn_angle.ptnr2_PDB_ins_code 
_pdbx_struct_conn_angle.ptnr2_symmetry 
_pdbx_struct_conn_angle.ptnr3_label_atom_id 
_pdbx_struct_conn_angle.ptnr3_label_alt_id 
_pdbx_struct_conn_angle.ptnr3_label_asym_id 
_pdbx_struct_conn_angle.ptnr3_label_comp_id 
_pdbx_struct_conn_angle.ptnr3_label_seq_id 
_pdbx_struct_conn_angle.ptnr3_auth_atom_id 
_pdbx_struct_conn_angle.ptnr3_auth_asym_id 
_pdbx_struct_conn_angle.ptnr3_auth_comp_id 
_pdbx_struct_conn_angle.ptnr3_auth_seq_id 
_pdbx_struct_conn_angle.ptnr3_PDB_ins_code 
_pdbx_struct_conn_angle.ptnr3_symmetry 
_pdbx_struct_conn_angle.value 
_pdbx_struct_conn_angle.value_esd 
1 OD1 ? A ASN 130 ? A ASN 108 ? 1_555 NA ? H NA . ? A NA 207 ? 1_555 OD1 ? A ASN 130 ? A ASN 108 ? 1_555 0.0   ? 
2 OD1 ? A ASN 130 ? A ASN 108 ? 1_555 NA ? H NA . ? A NA 207 ? 1_555 O   ? I HOH .   ? A HOH 304 ? 1_555 87.7  ? 
3 OD1 ? A ASN 130 ? A ASN 108 ? 1_555 NA ? H NA . ? A NA 207 ? 1_555 O   ? I HOH .   ? A HOH 304 ? 1_555 87.7  ? 
4 OD1 ? A ASN 130 ? A ASN 108 ? 1_555 NA ? H NA . ? A NA 207 ? 1_555 O   ? I HOH .   ? A HOH 304 ? 6_555 174.3 ? 
5 OD1 ? A ASN 130 ? A ASN 108 ? 1_555 NA ? H NA . ? A NA 207 ? 1_555 O   ? I HOH .   ? A HOH 304 ? 6_555 174.3 ? 
6 O   ? I HOH .   ? A HOH 304 ? 1_555 NA ? H NA . ? A NA 207 ? 1_555 O   ? I HOH .   ? A HOH 304 ? 6_555 92.3  ? 
# 
_pdbx_modification_feature.ordinal                            1 
_pdbx_modification_feature.label_comp_id                      COA 
_pdbx_modification_feature.label_asym_id                      C 
_pdbx_modification_feature.label_seq_id                       . 
_pdbx_modification_feature.label_alt_id                       ? 
_pdbx_modification_feature.modified_residue_label_comp_id     CYS 
_pdbx_modification_feature.modified_residue_label_asym_id     A 
_pdbx_modification_feature.modified_residue_label_seq_id      102 
_pdbx_modification_feature.modified_residue_label_alt_id      A 
_pdbx_modification_feature.auth_comp_id                       COA 
_pdbx_modification_feature.auth_asym_id                       A 
_pdbx_modification_feature.auth_seq_id                        202 
_pdbx_modification_feature.PDB_ins_code                       ? 
_pdbx_modification_feature.symmetry                           1_555 
_pdbx_modification_feature.modified_residue_auth_comp_id      CYS 
_pdbx_modification_feature.modified_residue_auth_asym_id      A 
_pdbx_modification_feature.modified_residue_auth_seq_id       80 
_pdbx_modification_feature.modified_residue_PDB_ins_code      A 
_pdbx_modification_feature.modified_residue_symmetry          1_555 
_pdbx_modification_feature.comp_id_linking_atom               S1P 
_pdbx_modification_feature.modified_residue_id_linking_atom   SG 
_pdbx_modification_feature.modified_residue_id                . 
_pdbx_modification_feature.ref_pcm_id                         . 
_pdbx_modification_feature.ref_comp_id                        . 
_pdbx_modification_feature.type                               None 
_pdbx_modification_feature.category                           'Disulfide bridge' 
# 
loop_
_struct_sheet.id 
_struct_sheet.type 
_struct_sheet.number_strands 
_struct_sheet.details 
AA1 ? 8 ? 
AA2 ? 4 ? 
AA3 ? 5 ? 
AA4 ? 2 ? 
# 
loop_
_struct_sheet_order.sheet_id 
_struct_sheet_order.range_id_1 
_struct_sheet_order.range_id_2 
_struct_sheet_order.offset 
_struct_sheet_order.sense 
AA1 1 2 ? parallel 
AA1 2 3 ? parallel 
AA1 3 4 ? parallel 
AA1 4 5 ? parallel 
AA1 5 6 ? parallel 
AA1 6 7 ? parallel 
AA1 7 8 ? parallel 
AA2 1 2 ? parallel 
AA2 2 3 ? parallel 
AA2 3 4 ? parallel 
AA3 1 2 ? parallel 
AA3 2 3 ? parallel 
AA3 3 4 ? parallel 
AA3 4 5 ? parallel 
AA4 1 2 ? parallel 
# 
loop_
_struct_sheet_range.sheet_id 
_struct_sheet_range.id 
_struct_sheet_range.beg_label_comp_id 
_struct_sheet_range.beg_label_asym_id 
_struct_sheet_range.beg_label_seq_id 
_struct_sheet_range.pdbx_beg_PDB_ins_code 
_struct_sheet_range.end_label_comp_id 
_struct_sheet_range.end_label_asym_id 
_struct_sheet_range.end_label_seq_id 
_struct_sheet_range.pdbx_end_PDB_ins_code 
_struct_sheet_range.beg_auth_comp_id 
_struct_sheet_range.beg_auth_asym_id 
_struct_sheet_range.beg_auth_seq_id 
_struct_sheet_range.end_auth_comp_id 
_struct_sheet_range.end_auth_asym_id 
_struct_sheet_range.end_auth_seq_id 
AA1 1 MET A 23  ? ILE A 24  ? MET A 1   ILE A 2   
AA1 2 ARG A 40  ? ILE A 41  ? ARG A 18  ILE A 19  
AA1 3 ASN A 58  ? ILE A 59  ? ASN A 36  ILE A 37  
AA1 4 THR A 76  ? ILE A 77  ? THR A 54  ILE A 55  
AA1 5 PHE A 94  ? ILE A 95  ? PHE A 72  ILE A 73  
AA1 6 SER A 126 ? ILE A 127 ? SER A 104 ILE A 105 
AA1 7 MET A 144 ? ILE A 145 ? MET A 122 ILE A 123 
AA1 8 THR A 160 ? TYR A 161 ? THR A 138 TYR A 139 
AA2 1 ASP A 29  ? VAL A 30  ? ASP A 7   VAL A 8   
AA2 2 VAL A 46  ? VAL A 47  ? VAL A 24  VAL A 25  
AA2 3 PHE A 64  ? ILE A 65  ? PHE A 42  ILE A 43  
AA2 4 GLN A 82  ? ILE A 83  ? GLN A 60  ILE A 61  
AA3 1 ILE A 52  ? ILE A 53  ? ILE A 30  ILE A 31  
AA3 2 VAL A 69  ? ILE A 71  ? VAL A 47  ILE A 49  
AA3 3 ILE A 87  ? ILE A 89  ? ILE A 65  ILE A 67  
AA3 4 THR A 119 ? ILE A 121 ? THR A 97  ILE A 99  
AA3 5 THR A 138 ? ILE A 139 ? THR A 116 ILE A 117 
AA4 1 THR A 132 ? ILE A 133 ? THR A 110 ILE A 111 
AA4 2 ILE A 150 ? VAL A 151 ? ILE A 128 VAL A 129 
# 
loop_
_pdbx_struct_sheet_hbond.sheet_id 
_pdbx_struct_sheet_hbond.range_id_1 
_pdbx_struct_sheet_hbond.range_id_2 
_pdbx_struct_sheet_hbond.range_1_label_atom_id 
_pdbx_struct_sheet_hbond.range_1_label_comp_id 
_pdbx_struct_sheet_hbond.range_1_label_asym_id 
_pdbx_struct_sheet_hbond.range_1_label_seq_id 
_pdbx_struct_sheet_hbond.range_1_PDB_ins_code 
_pdbx_struct_sheet_hbond.range_1_auth_atom_id 
_pdbx_struct_sheet_hbond.range_1_auth_comp_id 
_pdbx_struct_sheet_hbond.range_1_auth_asym_id 
_pdbx_struct_sheet_hbond.range_1_auth_seq_id 
_pdbx_struct_sheet_hbond.range_2_label_atom_id 
_pdbx_struct_sheet_hbond.range_2_label_comp_id 
_pdbx_struct_sheet_hbond.range_2_label_asym_id 
_pdbx_struct_sheet_hbond.range_2_label_seq_id 
_pdbx_struct_sheet_hbond.range_2_PDB_ins_code 
_pdbx_struct_sheet_hbond.range_2_auth_atom_id 
_pdbx_struct_sheet_hbond.range_2_auth_comp_id 
_pdbx_struct_sheet_hbond.range_2_auth_asym_id 
_pdbx_struct_sheet_hbond.range_2_auth_seq_id 
AA1 1 2 N MET A 23  ? N MET A 1   O ILE A 41  ? O ILE A 19  
AA1 2 3 N ARG A 40  ? N ARG A 18  O ILE A 59  ? O ILE A 37  
AA1 3 4 N ASN A 58  ? N ASN A 36  O ILE A 77  ? O ILE A 55  
AA1 4 5 N THR A 76  ? N THR A 54  O ILE A 95  ? O ILE A 73  
AA1 5 6 N PHE A 94  ? N PHE A 72  O ILE A 127 ? O ILE A 105 
AA1 6 7 N SER A 126 ? N SER A 104 O ILE A 145 ? O ILE A 123 
AA1 7 8 N MET A 144 ? N MET A 122 O TYR A 161 ? O TYR A 139 
AA2 1 2 N ASP A 29  ? N ASP A 7   O VAL A 47  ? O VAL A 25  
AA2 2 3 N VAL A 46  ? N VAL A 24  O ILE A 65  ? O ILE A 43  
AA2 3 4 N PHE A 64  ? N PHE A 42  O ILE A 83  ? O ILE A 61  
AA3 1 2 N ILE A 52  ? N ILE A 30  O ILE A 71  ? O ILE A 49  
AA3 2 3 N LYS A 70  ? N LYS A 48  O ILE A 89  ? O ILE A 67  
AA3 3 4 N GLU A 88  ? N GLU A 66  O THR A 119 ? O THR A 97  
AA3 4 5 N ILE A 120 ? N ILE A 98  O ILE A 139 ? O ILE A 117 
AA4 1 2 N THR A 132 ? N THR A 110 O VAL A 151 ? O VAL A 129 
# 
_pdbx_entry_details.entry_id                   7S41 
_pdbx_entry_details.has_ligand_of_interest     Y 
_pdbx_entry_details.compound_details           ? 
_pdbx_entry_details.source_details             ? 
_pdbx_entry_details.nonpolymer_details         ? 
_pdbx_entry_details.sequence_details           ? 
_pdbx_entry_details.has_protein_modification   Y 
# 
loop_
_pdbx_validate_close_contact.id 
_pdbx_validate_close_contact.PDB_model_num 
_pdbx_validate_close_contact.auth_atom_id_1 
_pdbx_validate_close_contact.auth_asym_id_1 
_pdbx_validate_close_contact.auth_comp_id_1 
_pdbx_validate_close_contact.auth_seq_id_1 
_pdbx_validate_close_contact.PDB_ins_code_1 
_pdbx_validate_close_contact.label_alt_id_1 
_pdbx_validate_close_contact.auth_atom_id_2 
_pdbx_validate_close_contact.auth_asym_id_2 
_pdbx_validate_close_contact.auth_comp_id_2 
_pdbx_validate_close_contact.auth_seq_id_2 
_pdbx_validate_close_contact.PDB_ins_code_2 
_pdbx_validate_close_contact.label_alt_id_2 
_pdbx_validate_close_contact.dist 
1 1 O5A A COA 202 ? ? O A HOH 301 ? ? 1.78 
2 1 O   A HOH 305 ? ? O A HOH 311 ? ? 1.95 
3 1 O   A HOH 400 ? ? O A HOH 419 ? ? 2.03 
4 1 O   A HOH 453 ? ? O A HOH 476 ? ? 2.12 
5 1 OE1 A GLU 119 ? ? O A HOH 302 ? ? 2.13 
6 1 O   A HOH 443 ? ? O A HOH 489 ? ? 2.19 
# 
loop_
_pdbx_validate_symm_contact.id 
_pdbx_validate_symm_contact.PDB_model_num 
_pdbx_validate_symm_contact.auth_atom_id_1 
_pdbx_validate_symm_contact.auth_asym_id_1 
_pdbx_validate_symm_contact.auth_comp_id_1 
_pdbx_validate_symm_contact.auth_seq_id_1 
_pdbx_validate_symm_contact.PDB_ins_code_1 
_pdbx_validate_symm_contact.label_alt_id_1 
_pdbx_validate_symm_contact.site_symmetry_1 
_pdbx_validate_symm_contact.auth_atom_id_2 
_pdbx_validate_symm_contact.auth_asym_id_2 
_pdbx_validate_symm_contact.auth_comp_id_2 
_pdbx_validate_symm_contact.auth_seq_id_2 
_pdbx_validate_symm_contact.PDB_ins_code_2 
_pdbx_validate_symm_contact.label_alt_id_2 
_pdbx_validate_symm_contact.site_symmetry_2 
_pdbx_validate_symm_contact.dist 
1 1 O A HOH 301 ? ? 1_555 O A HOH 416 ? ? 12_555 2.07 
2 1 O A HOH 421 ? ? 1_555 O A HOH 483 ? ? 19_555 2.12 
# 
loop_
_pdbx_validate_rmsd_angle.id 
_pdbx_validate_rmsd_angle.PDB_model_num 
_pdbx_validate_rmsd_angle.auth_atom_id_1 
_pdbx_validate_rmsd_angle.auth_asym_id_1 
_pdbx_validate_rmsd_angle.auth_comp_id_1 
_pdbx_validate_rmsd_angle.auth_seq_id_1 
_pdbx_validate_rmsd_angle.PDB_ins_code_1 
_pdbx_validate_rmsd_angle.label_alt_id_1 
_pdbx_validate_rmsd_angle.auth_atom_id_2 
_pdbx_validate_rmsd_angle.auth_asym_id_2 
_pdbx_validate_rmsd_angle.auth_comp_id_2 
_pdbx_validate_rmsd_angle.auth_seq_id_2 
_pdbx_validate_rmsd_angle.PDB_ins_code_2 
_pdbx_validate_rmsd_angle.label_alt_id_2 
_pdbx_validate_rmsd_angle.auth_atom_id_3 
_pdbx_validate_rmsd_angle.auth_asym_id_3 
_pdbx_validate_rmsd_angle.auth_comp_id_3 
_pdbx_validate_rmsd_angle.auth_seq_id_3 
_pdbx_validate_rmsd_angle.PDB_ins_code_3 
_pdbx_validate_rmsd_angle.label_alt_id_3 
_pdbx_validate_rmsd_angle.angle_value 
_pdbx_validate_rmsd_angle.angle_target_value 
_pdbx_validate_rmsd_angle.angle_deviation 
_pdbx_validate_rmsd_angle.angle_standard_deviation 
_pdbx_validate_rmsd_angle.linker_flag 
1 1 CB A CYS 80 A B CA A CYS 80 A B C  A CYS 80 A B 97.64  110.40 -12.76 2.00 N 
2 1 CA A CYS 80 A B CB A CYS 80 A B SG A CYS 80 A B 126.27 114.20 12.07  1.10 N 
# 
loop_
_pdbx_struct_special_symmetry.id 
_pdbx_struct_special_symmetry.PDB_model_num 
_pdbx_struct_special_symmetry.auth_asym_id 
_pdbx_struct_special_symmetry.auth_comp_id 
_pdbx_struct_special_symmetry.auth_seq_id 
_pdbx_struct_special_symmetry.PDB_ins_code 
_pdbx_struct_special_symmetry.label_asym_id 
_pdbx_struct_special_symmetry.label_comp_id 
_pdbx_struct_special_symmetry.label_seq_id 
1 1 A NA  207 ? H NA  . 
2 1 A HOH 475 ? I HOH . 
3 1 A HOH 488 ? I HOH . 
4 1 A HOH 490 ? I HOH . 
# 
_pdbx_distant_solvent_atoms.id                                1 
_pdbx_distant_solvent_atoms.PDB_model_num                     1 
_pdbx_distant_solvent_atoms.auth_atom_id                      O 
_pdbx_distant_solvent_atoms.label_alt_id                      ? 
_pdbx_distant_solvent_atoms.auth_asym_id                      A 
_pdbx_distant_solvent_atoms.auth_comp_id                      HOH 
_pdbx_distant_solvent_atoms.auth_seq_id                       490 
_pdbx_distant_solvent_atoms.PDB_ins_code                      ? 
_pdbx_distant_solvent_atoms.neighbor_macromolecule_distance   6.44 
_pdbx_distant_solvent_atoms.neighbor_ligand_distance          . 
# 
loop_
_pdbx_unobs_or_zero_occ_residues.id 
_pdbx_unobs_or_zero_occ_residues.PDB_model_num 
_pdbx_unobs_or_zero_occ_residues.polymer_flag 
_pdbx_unobs_or_zero_occ_residues.occupancy_flag 
_pdbx_unobs_or_zero_occ_residues.auth_asym_id 
_pdbx_unobs_or_zero_occ_residues.auth_comp_id 
_pdbx_unobs_or_zero_occ_residues.auth_seq_id 
_pdbx_unobs_or_zero_occ_residues.PDB_ins_code 
_pdbx_unobs_or_zero_occ_residues.label_asym_id 
_pdbx_unobs_or_zero_occ_residues.label_comp_id 
_pdbx_unobs_or_zero_occ_residues.label_seq_id 
1  1 Y 1 A MET -21 ? A MET 1  
2  1 Y 1 A HIS -20 ? A HIS 2  
3  1 Y 1 A SER -19 ? A SER 3  
4  1 Y 1 A SER -18 ? A SER 4  
5  1 Y 1 A HIS -17 ? A HIS 5  
6  1 Y 1 A HIS -16 ? A HIS 6  
7  1 Y 1 A HIS -15 ? A HIS 7  
8  1 Y 1 A HIS -14 ? A HIS 8  
9  1 Y 1 A HIS -13 ? A HIS 9  
10 1 Y 1 A HIS -12 ? A HIS 10 
11 1 Y 1 A SER -11 ? A SER 11 
12 1 Y 1 A SER -10 ? A SER 12 
13 1 Y 1 A GLU -9  ? A GLU 13 
14 1 Y 1 A ASN -8  ? A ASN 14 
15 1 Y 1 A LEU -7  ? A LEU 15 
16 1 Y 1 A TYR -6  ? A TYR 16 
17 1 Y 1 A PHE -5  ? A PHE 17 
18 1 Y 1 A GLN -4  ? A GLN 18 
19 1 Y 1 A GLY -3  ? A GLY 19 
20 1 Y 1 A GLY -2  ? A GLY 20 
# 
loop_
_chem_comp_atom.comp_id 
_chem_comp_atom.atom_id 
_chem_comp_atom.type_symbol 
_chem_comp_atom.pdbx_aromatic_flag 
_chem_comp_atom.pdbx_stereo_config 
_chem_comp_atom.pdbx_ordinal 
87N O3    O  N N 1   
87N C3    C  N N 2   
87N C3M   C  N N 3   
87N N3Q   N  N N 4   
87N C3Q   C  N S 5   
87N C4Q   C  N S 6   
87N O4Q   O  N N 7   
87N C2Q   C  N R 8   
87N O2Q   O  N N 9   
87N C1Q   C  N R 10  
87N O5Q   O  N N 11  
87N C5Q   C  N R 12  
87N C6Q   C  N N 13  
87N O3B   O  N N 14  
87N PB    P  N N 15  
87N O1B   O  N N 16  
87N O2B   O  N N 17  
87N O3A   O  N N 18  
87N PA    P  N N 19  
87N O1A   O  N N 20  
87N O2A   O  N N 21  
87N "O5'" O  N N 22  
87N "C5'" C  N N 23  
87N "C4'" C  N R 24  
87N "O4'" O  N N 25  
87N "C3'" C  N S 26  
87N "O3'" O  N N 27  
87N "C2'" C  N N 28  
87N "C1'" C  N R 29  
87N N1    N  N N 30  
87N C2    C  N N 31  
87N O2    O  N N 32  
87N N3    N  N N 33  
87N C6    C  N N 34  
87N C5    C  N N 35  
87N C5M   C  N N 36  
87N C4    C  N N 37  
87N O4    O  N N 38  
87N H1    H  N N 39  
87N H2    H  N N 40  
87N H3    H  N N 41  
87N H4    H  N N 42  
87N H5    H  N N 43  
87N H6    H  N N 44  
87N H7    H  N N 45  
87N H8    H  N N 46  
87N H9    H  N N 47  
87N H10   H  N N 48  
87N H11   H  N N 49  
87N H12   H  N N 50  
87N H13   H  N N 51  
87N H14   H  N N 52  
87N H15   H  N N 53  
87N H16   H  N N 54  
87N H17   H  N N 55  
87N H18   H  N N 56  
87N H19   H  N N 57  
87N H20   H  N N 58  
87N H21   H  N N 59  
87N H22   H  N N 60  
87N H23   H  N N 61  
87N H24   H  N N 62  
87N H25   H  N N 63  
87N H26   H  N N 64  
87N H27   H  N N 65  
87N H28   H  N N 66  
87N H29   H  N N 67  
ALA N     N  N N 68  
ALA CA    C  N S 69  
ALA C     C  N N 70  
ALA O     O  N N 71  
ALA CB    C  N N 72  
ALA OXT   O  N N 73  
ALA H     H  N N 74  
ALA H2    H  N N 75  
ALA HA    H  N N 76  
ALA HB1   H  N N 77  
ALA HB2   H  N N 78  
ALA HB3   H  N N 79  
ALA HXT   H  N N 80  
ARG N     N  N N 81  
ARG CA    C  N S 82  
ARG C     C  N N 83  
ARG O     O  N N 84  
ARG CB    C  N N 85  
ARG CG    C  N N 86  
ARG CD    C  N N 87  
ARG NE    N  N N 88  
ARG CZ    C  N N 89  
ARG NH1   N  N N 90  
ARG NH2   N  N N 91  
ARG OXT   O  N N 92  
ARG H     H  N N 93  
ARG H2    H  N N 94  
ARG HA    H  N N 95  
ARG HB2   H  N N 96  
ARG HB3   H  N N 97  
ARG HG2   H  N N 98  
ARG HG3   H  N N 99  
ARG HD2   H  N N 100 
ARG HD3   H  N N 101 
ARG HE    H  N N 102 
ARG HH11  H  N N 103 
ARG HH12  H  N N 104 
ARG HH21  H  N N 105 
ARG HH22  H  N N 106 
ARG HXT   H  N N 107 
ASN N     N  N N 108 
ASN CA    C  N S 109 
ASN C     C  N N 110 
ASN O     O  N N 111 
ASN CB    C  N N 112 
ASN CG    C  N N 113 
ASN OD1   O  N N 114 
ASN ND2   N  N N 115 
ASN OXT   O  N N 116 
ASN H     H  N N 117 
ASN H2    H  N N 118 
ASN HA    H  N N 119 
ASN HB2   H  N N 120 
ASN HB3   H  N N 121 
ASN HD21  H  N N 122 
ASN HD22  H  N N 123 
ASN HXT   H  N N 124 
ASP N     N  N N 125 
ASP CA    C  N S 126 
ASP C     C  N N 127 
ASP O     O  N N 128 
ASP CB    C  N N 129 
ASP CG    C  N N 130 
ASP OD1   O  N N 131 
ASP OD2   O  N N 132 
ASP OXT   O  N N 133 
ASP H     H  N N 134 
ASP H2    H  N N 135 
ASP HA    H  N N 136 
ASP HB2   H  N N 137 
ASP HB3   H  N N 138 
ASP HD2   H  N N 139 
ASP HXT   H  N N 140 
COA N1A   N  Y N 141 
COA C2A   C  Y N 142 
COA N3A   N  Y N 143 
COA C4A   C  Y N 144 
COA C5A   C  Y N 145 
COA C6A   C  Y N 146 
COA N6A   N  N N 147 
COA N7A   N  Y N 148 
COA C8A   C  Y N 149 
COA N9A   N  Y N 150 
COA C1B   C  N R 151 
COA C2B   C  N R 152 
COA O2B   O  N N 153 
COA C3B   C  N S 154 
COA O3B   O  N N 155 
COA P3B   P  N N 156 
COA O7A   O  N N 157 
COA O8A   O  N N 158 
COA O9A   O  N N 159 
COA C4B   C  N R 160 
COA O4B   O  N N 161 
COA C5B   C  N N 162 
COA O5B   O  N N 163 
COA P1A   P  N S 164 
COA O1A   O  N N 165 
COA O2A   O  N N 166 
COA O3A   O  N N 167 
COA P2A   P  N S 168 
COA O4A   O  N N 169 
COA O5A   O  N N 170 
COA O6A   O  N N 171 
COA CBP   C  N N 172 
COA CCP   C  N N 173 
COA CDP   C  N N 174 
COA CEP   C  N N 175 
COA CAP   C  N R 176 
COA OAP   O  N N 177 
COA C9P   C  N N 178 
COA O9P   O  N N 179 
COA N8P   N  N N 180 
COA C7P   C  N N 181 
COA C6P   C  N N 182 
COA C5P   C  N N 183 
COA O5P   O  N N 184 
COA N4P   N  N N 185 
COA C3P   C  N N 186 
COA C2P   C  N N 187 
COA S1P   S  N N 188 
COA H2A   H  N N 189 
COA H61A  H  N N 190 
COA H62A  H  N N 191 
COA H8A   H  N N 192 
COA H1B   H  N N 193 
COA H2B   H  N N 194 
COA HO2A  H  N N 195 
COA H3B   H  N N 196 
COA HOA8  H  N N 197 
COA HOA9  H  N N 198 
COA H4B   H  N N 199 
COA H51A  H  N N 200 
COA H52A  H  N N 201 
COA HOA2  H  N N 202 
COA HOA5  H  N N 203 
COA H121  H  N N 204 
COA H122  H  N N 205 
COA H131  H  N N 206 
COA H132  H  N N 207 
COA H133  H  N N 208 
COA H141  H  N N 209 
COA H142  H  N N 210 
COA H143  H  N N 211 
COA H10   H  N N 212 
COA HO1   H  N N 213 
COA HN8   H  N N 214 
COA H71   H  N N 215 
COA H72   H  N N 216 
COA H61   H  N N 217 
COA H62   H  N N 218 
COA HN4   H  N N 219 
COA H31   H  N N 220 
COA H32   H  N N 221 
COA H21   H  N N 222 
COA H22   H  N N 223 
COA HS1   H  N N 224 
CYS N     N  N N 225 
CYS CA    C  N R 226 
CYS C     C  N N 227 
CYS O     O  N N 228 
CYS CB    C  N N 229 
CYS SG    S  N N 230 
CYS OXT   O  N N 231 
CYS H     H  N N 232 
CYS H2    H  N N 233 
CYS HA    H  N N 234 
CYS HB2   H  N N 235 
CYS HB3   H  N N 236 
CYS HG    H  N N 237 
CYS HXT   H  N N 238 
EDO C1    C  N N 239 
EDO O1    O  N N 240 
EDO C2    C  N N 241 
EDO O2    O  N N 242 
EDO H11   H  N N 243 
EDO H12   H  N N 244 
EDO HO1   H  N N 245 
EDO H21   H  N N 246 
EDO H22   H  N N 247 
EDO HO2   H  N N 248 
GLN N     N  N N 249 
GLN CA    C  N S 250 
GLN C     C  N N 251 
GLN O     O  N N 252 
GLN CB    C  N N 253 
GLN CG    C  N N 254 
GLN CD    C  N N 255 
GLN OE1   O  N N 256 
GLN NE2   N  N N 257 
GLN OXT   O  N N 258 
GLN H     H  N N 259 
GLN H2    H  N N 260 
GLN HA    H  N N 261 
GLN HB2   H  N N 262 
GLN HB3   H  N N 263 
GLN HG2   H  N N 264 
GLN HG3   H  N N 265 
GLN HE21  H  N N 266 
GLN HE22  H  N N 267 
GLN HXT   H  N N 268 
GLU N     N  N N 269 
GLU CA    C  N S 270 
GLU C     C  N N 271 
GLU O     O  N N 272 
GLU CB    C  N N 273 
GLU CG    C  N N 274 
GLU CD    C  N N 275 
GLU OE1   O  N N 276 
GLU OE2   O  N N 277 
GLU OXT   O  N N 278 
GLU H     H  N N 279 
GLU H2    H  N N 280 
GLU HA    H  N N 281 
GLU HB2   H  N N 282 
GLU HB3   H  N N 283 
GLU HG2   H  N N 284 
GLU HG3   H  N N 285 
GLU HE2   H  N N 286 
GLU HXT   H  N N 287 
GLY N     N  N N 288 
GLY CA    C  N N 289 
GLY C     C  N N 290 
GLY O     O  N N 291 
GLY OXT   O  N N 292 
GLY H     H  N N 293 
GLY H2    H  N N 294 
GLY HA2   H  N N 295 
GLY HA3   H  N N 296 
GLY HXT   H  N N 297 
HIS N     N  N N 298 
HIS CA    C  N S 299 
HIS C     C  N N 300 
HIS O     O  N N 301 
HIS CB    C  N N 302 
HIS CG    C  Y N 303 
HIS ND1   N  Y N 304 
HIS CD2   C  Y N 305 
HIS CE1   C  Y N 306 
HIS NE2   N  Y N 307 
HIS OXT   O  N N 308 
HIS H     H  N N 309 
HIS H2    H  N N 310 
HIS HA    H  N N 311 
HIS HB2   H  N N 312 
HIS HB3   H  N N 313 
HIS HD1   H  N N 314 
HIS HD2   H  N N 315 
HIS HE1   H  N N 316 
HIS HE2   H  N N 317 
HIS HXT   H  N N 318 
HOH O     O  N N 319 
HOH H1    H  N N 320 
HOH H2    H  N N 321 
ILE N     N  N N 322 
ILE CA    C  N S 323 
ILE C     C  N N 324 
ILE O     O  N N 325 
ILE CB    C  N S 326 
ILE CG1   C  N N 327 
ILE CG2   C  N N 328 
ILE CD1   C  N N 329 
ILE OXT   O  N N 330 
ILE H     H  N N 331 
ILE H2    H  N N 332 
ILE HA    H  N N 333 
ILE HB    H  N N 334 
ILE HG12  H  N N 335 
ILE HG13  H  N N 336 
ILE HG21  H  N N 337 
ILE HG22  H  N N 338 
ILE HG23  H  N N 339 
ILE HD11  H  N N 340 
ILE HD12  H  N N 341 
ILE HD13  H  N N 342 
ILE HXT   H  N N 343 
LEU N     N  N N 344 
LEU CA    C  N S 345 
LEU C     C  N N 346 
LEU O     O  N N 347 
LEU CB    C  N N 348 
LEU CG    C  N N 349 
LEU CD1   C  N N 350 
LEU CD2   C  N N 351 
LEU OXT   O  N N 352 
LEU H     H  N N 353 
LEU H2    H  N N 354 
LEU HA    H  N N 355 
LEU HB2   H  N N 356 
LEU HB3   H  N N 357 
LEU HG    H  N N 358 
LEU HD11  H  N N 359 
LEU HD12  H  N N 360 
LEU HD13  H  N N 361 
LEU HD21  H  N N 362 
LEU HD22  H  N N 363 
LEU HD23  H  N N 364 
LEU HXT   H  N N 365 
LYS N     N  N N 366 
LYS CA    C  N S 367 
LYS C     C  N N 368 
LYS O     O  N N 369 
LYS CB    C  N N 370 
LYS CG    C  N N 371 
LYS CD    C  N N 372 
LYS CE    C  N N 373 
LYS NZ    N  N N 374 
LYS OXT   O  N N 375 
LYS H     H  N N 376 
LYS H2    H  N N 377 
LYS HA    H  N N 378 
LYS HB2   H  N N 379 
LYS HB3   H  N N 380 
LYS HG2   H  N N 381 
LYS HG3   H  N N 382 
LYS HD2   H  N N 383 
LYS HD3   H  N N 384 
LYS HE2   H  N N 385 
LYS HE3   H  N N 386 
LYS HZ1   H  N N 387 
LYS HZ2   H  N N 388 
LYS HZ3   H  N N 389 
LYS HXT   H  N N 390 
MET N     N  N N 391 
MET CA    C  N S 392 
MET C     C  N N 393 
MET O     O  N N 394 
MET CB    C  N N 395 
MET CG    C  N N 396 
MET SD    S  N N 397 
MET CE    C  N N 398 
MET OXT   O  N N 399 
MET H     H  N N 400 
MET H2    H  N N 401 
MET HA    H  N N 402 
MET HB2   H  N N 403 
MET HB3   H  N N 404 
MET HG2   H  N N 405 
MET HG3   H  N N 406 
MET HE1   H  N N 407 
MET HE2   H  N N 408 
MET HE3   H  N N 409 
MET HXT   H  N N 410 
NA  NA    NA N N 411 
PHE N     N  N N 412 
PHE CA    C  N S 413 
PHE C     C  N N 414 
PHE O     O  N N 415 
PHE CB    C  N N 416 
PHE CG    C  Y N 417 
PHE CD1   C  Y N 418 
PHE CD2   C  Y N 419 
PHE CE1   C  Y N 420 
PHE CE2   C  Y N 421 
PHE CZ    C  Y N 422 
PHE OXT   O  N N 423 
PHE H     H  N N 424 
PHE H2    H  N N 425 
PHE HA    H  N N 426 
PHE HB2   H  N N 427 
PHE HB3   H  N N 428 
PHE HD1   H  N N 429 
PHE HD2   H  N N 430 
PHE HE1   H  N N 431 
PHE HE2   H  N N 432 
PHE HZ    H  N N 433 
PHE HXT   H  N N 434 
PRO N     N  N N 435 
PRO CA    C  N S 436 
PRO C     C  N N 437 
PRO O     O  N N 438 
PRO CB    C  N N 439 
PRO CG    C  N N 440 
PRO CD    C  N N 441 
PRO OXT   O  N N 442 
PRO H     H  N N 443 
PRO HA    H  N N 444 
PRO HB2   H  N N 445 
PRO HB3   H  N N 446 
PRO HG2   H  N N 447 
PRO HG3   H  N N 448 
PRO HD2   H  N N 449 
PRO HD3   H  N N 450 
PRO HXT   H  N N 451 
SER N     N  N N 452 
SER CA    C  N S 453 
SER C     C  N N 454 
SER O     O  N N 455 
SER CB    C  N N 456 
SER OG    O  N N 457 
SER OXT   O  N N 458 
SER H     H  N N 459 
SER H2    H  N N 460 
SER HA    H  N N 461 
SER HB2   H  N N 462 
SER HB3   H  N N 463 
SER HG    H  N N 464 
SER HXT   H  N N 465 
THR N     N  N N 466 
THR CA    C  N S 467 
THR C     C  N N 468 
THR O     O  N N 469 
THR CB    C  N R 470 
THR OG1   O  N N 471 
THR CG2   C  N N 472 
THR OXT   O  N N 473 
THR H     H  N N 474 
THR H2    H  N N 475 
THR HA    H  N N 476 
THR HB    H  N N 477 
THR HG1   H  N N 478 
THR HG21  H  N N 479 
THR HG22  H  N N 480 
THR HG23  H  N N 481 
THR HXT   H  N N 482 
TRP N     N  N N 483 
TRP CA    C  N S 484 
TRP C     C  N N 485 
TRP O     O  N N 486 
TRP CB    C  N N 487 
TRP CG    C  Y N 488 
TRP CD1   C  Y N 489 
TRP CD2   C  Y N 490 
TRP NE1   N  Y N 491 
TRP CE2   C  Y N 492 
TRP CE3   C  Y N 493 
TRP CZ2   C  Y N 494 
TRP CZ3   C  Y N 495 
TRP CH2   C  Y N 496 
TRP OXT   O  N N 497 
TRP H     H  N N 498 
TRP H2    H  N N 499 
TRP HA    H  N N 500 
TRP HB2   H  N N 501 
TRP HB3   H  N N 502 
TRP HD1   H  N N 503 
TRP HE1   H  N N 504 
TRP HE3   H  N N 505 
TRP HZ2   H  N N 506 
TRP HZ3   H  N N 507 
TRP HH2   H  N N 508 
TRP HXT   H  N N 509 
TYR N     N  N N 510 
TYR CA    C  N S 511 
TYR C     C  N N 512 
TYR O     O  N N 513 
TYR CB    C  N N 514 
TYR CG    C  Y N 515 
TYR CD1   C  Y N 516 
TYR CD2   C  Y N 517 
TYR CE1   C  Y N 518 
TYR CE2   C  Y N 519 
TYR CZ    C  Y N 520 
TYR OH    O  N N 521 
TYR OXT   O  N N 522 
TYR H     H  N N 523 
TYR H2    H  N N 524 
TYR HA    H  N N 525 
TYR HB2   H  N N 526 
TYR HB3   H  N N 527 
TYR HD1   H  N N 528 
TYR HD2   H  N N 529 
TYR HE1   H  N N 530 
TYR HE2   H  N N 531 
TYR HH    H  N N 532 
TYR HXT   H  N N 533 
VAL N     N  N N 534 
VAL CA    C  N S 535 
VAL C     C  N N 536 
VAL O     O  N N 537 
VAL CB    C  N N 538 
VAL CG1   C  N N 539 
VAL CG2   C  N N 540 
VAL OXT   O  N N 541 
VAL H     H  N N 542 
VAL H2    H  N N 543 
VAL HA    H  N N 544 
VAL HB    H  N N 545 
VAL HG11  H  N N 546 
VAL HG12  H  N N 547 
VAL HG13  H  N N 548 
VAL HG21  H  N N 549 
VAL HG22  H  N N 550 
VAL HG23  H  N N 551 
VAL HXT   H  N N 552 
# 
loop_
_chem_comp_bond.comp_id 
_chem_comp_bond.atom_id_1 
_chem_comp_bond.atom_id_2 
_chem_comp_bond.value_order 
_chem_comp_bond.pdbx_aromatic_flag 
_chem_comp_bond.pdbx_stereo_config 
_chem_comp_bond.pdbx_ordinal 
87N O4    C4    doub N N 1   
87N C4    N3    sing N N 2   
87N C4    C5    sing N N 3   
87N N3    C2    sing N N 4   
87N C5M   C5    sing N N 5   
87N C5    C6    doub N N 6   
87N C2    O2    doub N N 7   
87N C2    N1    sing N N 8   
87N C6    N1    sing N N 9   
87N N1    "C1'" sing N N 10  
87N "C2'" "C1'" sing N N 11  
87N "C2'" "C3'" sing N N 12  
87N "C1'" "O4'" sing N N 13  
87N "C3'" "O3'" sing N N 14  
87N "C3'" "C4'" sing N N 15  
87N "O4'" "C4'" sing N N 16  
87N "C4'" "C5'" sing N N 17  
87N "C5'" "O5'" sing N N 18  
87N "O5'" PA    sing N N 19  
87N C3M   C3    sing N N 20  
87N O2Q   C2Q   sing N N 21  
87N O2A   PA    doub N N 22  
87N PA    O3A   sing N N 23  
87N PA    O1A   sing N N 24  
87N C3    O3    doub N N 25  
87N C3    N3Q   sing N N 26  
87N O3A   PB    sing N N 27  
87N O2B   PB    doub N N 28  
87N C2Q   C1Q   sing N N 29  
87N C2Q   C3Q   sing N N 30  
87N N3Q   C3Q   sing N N 31  
87N PB    O3B   sing N N 32  
87N PB    O1B   sing N N 33  
87N O3B   C1Q   sing N N 34  
87N C1Q   O5Q   sing N N 35  
87N C3Q   C4Q   sing N N 36  
87N O5Q   C5Q   sing N N 37  
87N C4Q   C5Q   sing N N 38  
87N C4Q   O4Q   sing N N 39  
87N C5Q   C6Q   sing N N 40  
87N C3M   H1    sing N N 41  
87N C3M   H2    sing N N 42  
87N C3M   H3    sing N N 43  
87N N3Q   H4    sing N N 44  
87N C3Q   H5    sing N N 45  
87N C4Q   H6    sing N N 46  
87N O4Q   H7    sing N N 47  
87N C2Q   H8    sing N N 48  
87N O2Q   H9    sing N N 49  
87N C1Q   H10   sing N N 50  
87N C5Q   H11   sing N N 51  
87N C6Q   H12   sing N N 52  
87N C6Q   H13   sing N N 53  
87N C6Q   H14   sing N N 54  
87N O1B   H15   sing N N 55  
87N O1A   H16   sing N N 56  
87N "C5'" H17   sing N N 57  
87N "C5'" H18   sing N N 58  
87N "C4'" H19   sing N N 59  
87N "C3'" H20   sing N N 60  
87N "O3'" H21   sing N N 61  
87N "C2'" H22   sing N N 62  
87N "C2'" H23   sing N N 63  
87N "C1'" H24   sing N N 64  
87N N3    H25   sing N N 65  
87N C6    H26   sing N N 66  
87N C5M   H27   sing N N 67  
87N C5M   H28   sing N N 68  
87N C5M   H29   sing N N 69  
ALA N     CA    sing N N 70  
ALA N     H     sing N N 71  
ALA N     H2    sing N N 72  
ALA CA    C     sing N N 73  
ALA CA    CB    sing N N 74  
ALA CA    HA    sing N N 75  
ALA C     O     doub N N 76  
ALA C     OXT   sing N N 77  
ALA CB    HB1   sing N N 78  
ALA CB    HB2   sing N N 79  
ALA CB    HB3   sing N N 80  
ALA OXT   HXT   sing N N 81  
ARG N     CA    sing N N 82  
ARG N     H     sing N N 83  
ARG N     H2    sing N N 84  
ARG CA    C     sing N N 85  
ARG CA    CB    sing N N 86  
ARG CA    HA    sing N N 87  
ARG C     O     doub N N 88  
ARG C     OXT   sing N N 89  
ARG CB    CG    sing N N 90  
ARG CB    HB2   sing N N 91  
ARG CB    HB3   sing N N 92  
ARG CG    CD    sing N N 93  
ARG CG    HG2   sing N N 94  
ARG CG    HG3   sing N N 95  
ARG CD    NE    sing N N 96  
ARG CD    HD2   sing N N 97  
ARG CD    HD3   sing N N 98  
ARG NE    CZ    sing N N 99  
ARG NE    HE    sing N N 100 
ARG CZ    NH1   sing N N 101 
ARG CZ    NH2   doub N N 102 
ARG NH1   HH11  sing N N 103 
ARG NH1   HH12  sing N N 104 
ARG NH2   HH21  sing N N 105 
ARG NH2   HH22  sing N N 106 
ARG OXT   HXT   sing N N 107 
ASN N     CA    sing N N 108 
ASN N     H     sing N N 109 
ASN N     H2    sing N N 110 
ASN CA    C     sing N N 111 
ASN CA    CB    sing N N 112 
ASN CA    HA    sing N N 113 
ASN C     O     doub N N 114 
ASN C     OXT   sing N N 115 
ASN CB    CG    sing N N 116 
ASN CB    HB2   sing N N 117 
ASN CB    HB3   sing N N 118 
ASN CG    OD1   doub N N 119 
ASN CG    ND2   sing N N 120 
ASN ND2   HD21  sing N N 121 
ASN ND2   HD22  sing N N 122 
ASN OXT   HXT   sing N N 123 
ASP N     CA    sing N N 124 
ASP N     H     sing N N 125 
ASP N     H2    sing N N 126 
ASP CA    C     sing N N 127 
ASP CA    CB    sing N N 128 
ASP CA    HA    sing N N 129 
ASP C     O     doub N N 130 
ASP C     OXT   sing N N 131 
ASP CB    CG    sing N N 132 
ASP CB    HB2   sing N N 133 
ASP CB    HB3   sing N N 134 
ASP CG    OD1   doub N N 135 
ASP CG    OD2   sing N N 136 
ASP OD2   HD2   sing N N 137 
ASP OXT   HXT   sing N N 138 
COA N1A   C2A   sing Y N 139 
COA N1A   C6A   doub Y N 140 
COA C2A   N3A   doub Y N 141 
COA C2A   H2A   sing N N 142 
COA N3A   C4A   sing Y N 143 
COA C4A   C5A   doub Y N 144 
COA C4A   N9A   sing Y N 145 
COA C5A   C6A   sing Y N 146 
COA C5A   N7A   sing Y N 147 
COA C6A   N6A   sing N N 148 
COA N6A   H61A  sing N N 149 
COA N6A   H62A  sing N N 150 
COA N7A   C8A   doub Y N 151 
COA C8A   N9A   sing Y N 152 
COA C8A   H8A   sing N N 153 
COA N9A   C1B   sing N N 154 
COA C1B   C2B   sing N N 155 
COA C1B   O4B   sing N N 156 
COA C1B   H1B   sing N N 157 
COA C2B   O2B   sing N N 158 
COA C2B   C3B   sing N N 159 
COA C2B   H2B   sing N N 160 
COA O2B   HO2A  sing N N 161 
COA C3B   O3B   sing N N 162 
COA C3B   C4B   sing N N 163 
COA C3B   H3B   sing N N 164 
COA O3B   P3B   sing N N 165 
COA P3B   O7A   doub N N 166 
COA P3B   O8A   sing N N 167 
COA P3B   O9A   sing N N 168 
COA O8A   HOA8  sing N N 169 
COA O9A   HOA9  sing N N 170 
COA C4B   O4B   sing N N 171 
COA C4B   C5B   sing N N 172 
COA C4B   H4B   sing N N 173 
COA C5B   O5B   sing N N 174 
COA C5B   H51A  sing N N 175 
COA C5B   H52A  sing N N 176 
COA O5B   P1A   sing N N 177 
COA P1A   O1A   doub N N 178 
COA P1A   O2A   sing N N 179 
COA P1A   O3A   sing N N 180 
COA O2A   HOA2  sing N N 181 
COA O3A   P2A   sing N N 182 
COA P2A   O4A   doub N N 183 
COA P2A   O5A   sing N N 184 
COA P2A   O6A   sing N N 185 
COA O5A   HOA5  sing N N 186 
COA O6A   CCP   sing N N 187 
COA CBP   CCP   sing N N 188 
COA CBP   CDP   sing N N 189 
COA CBP   CEP   sing N N 190 
COA CBP   CAP   sing N N 191 
COA CCP   H121  sing N N 192 
COA CCP   H122  sing N N 193 
COA CDP   H131  sing N N 194 
COA CDP   H132  sing N N 195 
COA CDP   H133  sing N N 196 
COA CEP   H141  sing N N 197 
COA CEP   H142  sing N N 198 
COA CEP   H143  sing N N 199 
COA CAP   OAP   sing N N 200 
COA CAP   C9P   sing N N 201 
COA CAP   H10   sing N N 202 
COA OAP   HO1   sing N N 203 
COA C9P   O9P   doub N N 204 
COA C9P   N8P   sing N N 205 
COA N8P   C7P   sing N N 206 
COA N8P   HN8   sing N N 207 
COA C7P   C6P   sing N N 208 
COA C7P   H71   sing N N 209 
COA C7P   H72   sing N N 210 
COA C6P   C5P   sing N N 211 
COA C6P   H61   sing N N 212 
COA C6P   H62   sing N N 213 
COA C5P   O5P   doub N N 214 
COA C5P   N4P   sing N N 215 
COA N4P   C3P   sing N N 216 
COA N4P   HN4   sing N N 217 
COA C3P   C2P   sing N N 218 
COA C3P   H31   sing N N 219 
COA C3P   H32   sing N N 220 
COA C2P   S1P   sing N N 221 
COA C2P   H21   sing N N 222 
COA C2P   H22   sing N N 223 
COA S1P   HS1   sing N N 224 
CYS N     CA    sing N N 225 
CYS N     H     sing N N 226 
CYS N     H2    sing N N 227 
CYS CA    C     sing N N 228 
CYS CA    CB    sing N N 229 
CYS CA    HA    sing N N 230 
CYS C     O     doub N N 231 
CYS C     OXT   sing N N 232 
CYS CB    SG    sing N N 233 
CYS CB    HB2   sing N N 234 
CYS CB    HB3   sing N N 235 
CYS SG    HG    sing N N 236 
CYS OXT   HXT   sing N N 237 
EDO C1    O1    sing N N 238 
EDO C1    C2    sing N N 239 
EDO C1    H11   sing N N 240 
EDO C1    H12   sing N N 241 
EDO O1    HO1   sing N N 242 
EDO C2    O2    sing N N 243 
EDO C2    H21   sing N N 244 
EDO C2    H22   sing N N 245 
EDO O2    HO2   sing N N 246 
GLN N     CA    sing N N 247 
GLN N     H     sing N N 248 
GLN N     H2    sing N N 249 
GLN CA    C     sing N N 250 
GLN CA    CB    sing N N 251 
GLN CA    HA    sing N N 252 
GLN C     O     doub N N 253 
GLN C     OXT   sing N N 254 
GLN CB    CG    sing N N 255 
GLN CB    HB2   sing N N 256 
GLN CB    HB3   sing N N 257 
GLN CG    CD    sing N N 258 
GLN CG    HG2   sing N N 259 
GLN CG    HG3   sing N N 260 
GLN CD    OE1   doub N N 261 
GLN CD    NE2   sing N N 262 
GLN NE2   HE21  sing N N 263 
GLN NE2   HE22  sing N N 264 
GLN OXT   HXT   sing N N 265 
GLU N     CA    sing N N 266 
GLU N     H     sing N N 267 
GLU N     H2    sing N N 268 
GLU CA    C     sing N N 269 
GLU CA    CB    sing N N 270 
GLU CA    HA    sing N N 271 
GLU C     O     doub N N 272 
GLU C     OXT   sing N N 273 
GLU CB    CG    sing N N 274 
GLU CB    HB2   sing N N 275 
GLU CB    HB3   sing N N 276 
GLU CG    CD    sing N N 277 
GLU CG    HG2   sing N N 278 
GLU CG    HG3   sing N N 279 
GLU CD    OE1   doub N N 280 
GLU CD    OE2   sing N N 281 
GLU OE2   HE2   sing N N 282 
GLU OXT   HXT   sing N N 283 
GLY N     CA    sing N N 284 
GLY N     H     sing N N 285 
GLY N     H2    sing N N 286 
GLY CA    C     sing N N 287 
GLY CA    HA2   sing N N 288 
GLY CA    HA3   sing N N 289 
GLY C     O     doub N N 290 
GLY C     OXT   sing N N 291 
GLY OXT   HXT   sing N N 292 
HIS N     CA    sing N N 293 
HIS N     H     sing N N 294 
HIS N     H2    sing N N 295 
HIS CA    C     sing N N 296 
HIS CA    CB    sing N N 297 
HIS CA    HA    sing N N 298 
HIS C     O     doub N N 299 
HIS C     OXT   sing N N 300 
HIS CB    CG    sing N N 301 
HIS CB    HB2   sing N N 302 
HIS CB    HB3   sing N N 303 
HIS CG    ND1   sing Y N 304 
HIS CG    CD2   doub Y N 305 
HIS ND1   CE1   doub Y N 306 
HIS ND1   HD1   sing N N 307 
HIS CD2   NE2   sing Y N 308 
HIS CD2   HD2   sing N N 309 
HIS CE1   NE2   sing Y N 310 
HIS CE1   HE1   sing N N 311 
HIS NE2   HE2   sing N N 312 
HIS OXT   HXT   sing N N 313 
HOH O     H1    sing N N 314 
HOH O     H2    sing N N 315 
ILE N     CA    sing N N 316 
ILE N     H     sing N N 317 
ILE N     H2    sing N N 318 
ILE CA    C     sing N N 319 
ILE CA    CB    sing N N 320 
ILE CA    HA    sing N N 321 
ILE C     O     doub N N 322 
ILE C     OXT   sing N N 323 
ILE CB    CG1   sing N N 324 
ILE CB    CG2   sing N N 325 
ILE CB    HB    sing N N 326 
ILE CG1   CD1   sing N N 327 
ILE CG1   HG12  sing N N 328 
ILE CG1   HG13  sing N N 329 
ILE CG2   HG21  sing N N 330 
ILE CG2   HG22  sing N N 331 
ILE CG2   HG23  sing N N 332 
ILE CD1   HD11  sing N N 333 
ILE CD1   HD12  sing N N 334 
ILE CD1   HD13  sing N N 335 
ILE OXT   HXT   sing N N 336 
LEU N     CA    sing N N 337 
LEU N     H     sing N N 338 
LEU N     H2    sing N N 339 
LEU CA    C     sing N N 340 
LEU CA    CB    sing N N 341 
LEU CA    HA    sing N N 342 
LEU C     O     doub N N 343 
LEU C     OXT   sing N N 344 
LEU CB    CG    sing N N 345 
LEU CB    HB2   sing N N 346 
LEU CB    HB3   sing N N 347 
LEU CG    CD1   sing N N 348 
LEU CG    CD2   sing N N 349 
LEU CG    HG    sing N N 350 
LEU CD1   HD11  sing N N 351 
LEU CD1   HD12  sing N N 352 
LEU CD1   HD13  sing N N 353 
LEU CD2   HD21  sing N N 354 
LEU CD2   HD22  sing N N 355 
LEU CD2   HD23  sing N N 356 
LEU OXT   HXT   sing N N 357 
LYS N     CA    sing N N 358 
LYS N     H     sing N N 359 
LYS N     H2    sing N N 360 
LYS CA    C     sing N N 361 
LYS CA    CB    sing N N 362 
LYS CA    HA    sing N N 363 
LYS C     O     doub N N 364 
LYS C     OXT   sing N N 365 
LYS CB    CG    sing N N 366 
LYS CB    HB2   sing N N 367 
LYS CB    HB3   sing N N 368 
LYS CG    CD    sing N N 369 
LYS CG    HG2   sing N N 370 
LYS CG    HG3   sing N N 371 
LYS CD    CE    sing N N 372 
LYS CD    HD2   sing N N 373 
LYS CD    HD3   sing N N 374 
LYS CE    NZ    sing N N 375 
LYS CE    HE2   sing N N 376 
LYS CE    HE3   sing N N 377 
LYS NZ    HZ1   sing N N 378 
LYS NZ    HZ2   sing N N 379 
LYS NZ    HZ3   sing N N 380 
LYS OXT   HXT   sing N N 381 
MET N     CA    sing N N 382 
MET N     H     sing N N 383 
MET N     H2    sing N N 384 
MET CA    C     sing N N 385 
MET CA    CB    sing N N 386 
MET CA    HA    sing N N 387 
MET C     O     doub N N 388 
MET C     OXT   sing N N 389 
MET CB    CG    sing N N 390 
MET CB    HB2   sing N N 391 
MET CB    HB3   sing N N 392 
MET CG    SD    sing N N 393 
MET CG    HG2   sing N N 394 
MET CG    HG3   sing N N 395 
MET SD    CE    sing N N 396 
MET CE    HE1   sing N N 397 
MET CE    HE2   sing N N 398 
MET CE    HE3   sing N N 399 
MET OXT   HXT   sing N N 400 
PHE N     CA    sing N N 401 
PHE N     H     sing N N 402 
PHE N     H2    sing N N 403 
PHE CA    C     sing N N 404 
PHE CA    CB    sing N N 405 
PHE CA    HA    sing N N 406 
PHE C     O     doub N N 407 
PHE C     OXT   sing N N 408 
PHE CB    CG    sing N N 409 
PHE CB    HB2   sing N N 410 
PHE CB    HB3   sing N N 411 
PHE CG    CD1   doub Y N 412 
PHE CG    CD2   sing Y N 413 
PHE CD1   CE1   sing Y N 414 
PHE CD1   HD1   sing N N 415 
PHE CD2   CE2   doub Y N 416 
PHE CD2   HD2   sing N N 417 
PHE CE1   CZ    doub Y N 418 
PHE CE1   HE1   sing N N 419 
PHE CE2   CZ    sing Y N 420 
PHE CE2   HE2   sing N N 421 
PHE CZ    HZ    sing N N 422 
PHE OXT   HXT   sing N N 423 
PRO N     CA    sing N N 424 
PRO N     CD    sing N N 425 
PRO N     H     sing N N 426 
PRO CA    C     sing N N 427 
PRO CA    CB    sing N N 428 
PRO CA    HA    sing N N 429 
PRO C     O     doub N N 430 
PRO C     OXT   sing N N 431 
PRO CB    CG    sing N N 432 
PRO CB    HB2   sing N N 433 
PRO CB    HB3   sing N N 434 
PRO CG    CD    sing N N 435 
PRO CG    HG2   sing N N 436 
PRO CG    HG3   sing N N 437 
PRO CD    HD2   sing N N 438 
PRO CD    HD3   sing N N 439 
PRO OXT   HXT   sing N N 440 
SER N     CA    sing N N 441 
SER N     H     sing N N 442 
SER N     H2    sing N N 443 
SER CA    C     sing N N 444 
SER CA    CB    sing N N 445 
SER CA    HA    sing N N 446 
SER C     O     doub N N 447 
SER C     OXT   sing N N 448 
SER CB    OG    sing N N 449 
SER CB    HB2   sing N N 450 
SER CB    HB3   sing N N 451 
SER OG    HG    sing N N 452 
SER OXT   HXT   sing N N 453 
THR N     CA    sing N N 454 
THR N     H     sing N N 455 
THR N     H2    sing N N 456 
THR CA    C     sing N N 457 
THR CA    CB    sing N N 458 
THR CA    HA    sing N N 459 
THR C     O     doub N N 460 
THR C     OXT   sing N N 461 
THR CB    OG1   sing N N 462 
THR CB    CG2   sing N N 463 
THR CB    HB    sing N N 464 
THR OG1   HG1   sing N N 465 
THR CG2   HG21  sing N N 466 
THR CG2   HG22  sing N N 467 
THR CG2   HG23  sing N N 468 
THR OXT   HXT   sing N N 469 
TRP N     CA    sing N N 470 
TRP N     H     sing N N 471 
TRP N     H2    sing N N 472 
TRP CA    C     sing N N 473 
TRP CA    CB    sing N N 474 
TRP CA    HA    sing N N 475 
TRP C     O     doub N N 476 
TRP C     OXT   sing N N 477 
TRP CB    CG    sing N N 478 
TRP CB    HB2   sing N N 479 
TRP CB    HB3   sing N N 480 
TRP CG    CD1   doub Y N 481 
TRP CG    CD2   sing Y N 482 
TRP CD1   NE1   sing Y N 483 
TRP CD1   HD1   sing N N 484 
TRP CD2   CE2   doub Y N 485 
TRP CD2   CE3   sing Y N 486 
TRP NE1   CE2   sing Y N 487 
TRP NE1   HE1   sing N N 488 
TRP CE2   CZ2   sing Y N 489 
TRP CE3   CZ3   doub Y N 490 
TRP CE3   HE3   sing N N 491 
TRP CZ2   CH2   doub Y N 492 
TRP CZ2   HZ2   sing N N 493 
TRP CZ3   CH2   sing Y N 494 
TRP CZ3   HZ3   sing N N 495 
TRP CH2   HH2   sing N N 496 
TRP OXT   HXT   sing N N 497 
TYR N     CA    sing N N 498 
TYR N     H     sing N N 499 
TYR N     H2    sing N N 500 
TYR CA    C     sing N N 501 
TYR CA    CB    sing N N 502 
TYR CA    HA    sing N N 503 
TYR C     O     doub N N 504 
TYR C     OXT   sing N N 505 
TYR CB    CG    sing N N 506 
TYR CB    HB2   sing N N 507 
TYR CB    HB3   sing N N 508 
TYR CG    CD1   doub Y N 509 
TYR CG    CD2   sing Y N 510 
TYR CD1   CE1   sing Y N 511 
TYR CD1   HD1   sing N N 512 
TYR CD2   CE2   doub Y N 513 
TYR CD2   HD2   sing N N 514 
TYR CE1   CZ    doub Y N 515 
TYR CE1   HE1   sing N N 516 
TYR CE2   CZ    sing Y N 517 
TYR CE2   HE2   sing N N 518 
TYR CZ    OH    sing N N 519 
TYR OH    HH    sing N N 520 
TYR OXT   HXT   sing N N 521 
VAL N     CA    sing N N 522 
VAL N     H     sing N N 523 
VAL N     H2    sing N N 524 
VAL CA    C     sing N N 525 
VAL CA    CB    sing N N 526 
VAL CA    HA    sing N N 527 
VAL C     O     doub N N 528 
VAL C     OXT   sing N N 529 
VAL CB    CG1   sing N N 530 
VAL CB    CG2   sing N N 531 
VAL CB    HB    sing N N 532 
VAL CG1   HG11  sing N N 533 
VAL CG1   HG12  sing N N 534 
VAL CG1   HG13  sing N N 535 
VAL CG2   HG21  sing N N 536 
VAL CG2   HG22  sing N N 537 
VAL CG2   HG23  sing N N 538 
VAL OXT   HXT   sing N N 539 
# 
_pdbx_audit_support.funding_organization   
'National Institutes of Health/National Institute of General Medical Sciences (NIH/NIGMS)' 
_pdbx_audit_support.country                'United States' 
_pdbx_audit_support.grant_number           'NIH R35 GM134643' 
_pdbx_audit_support.ordinal                1 
# 
_pdbx_initial_refinement_model.id               1 
_pdbx_initial_refinement_model.entity_id_list   ? 
_pdbx_initial_refinement_model.type             'experimental model' 
_pdbx_initial_refinement_model.source_name      PDB 
_pdbx_initial_refinement_model.accession_code   7S3U 
_pdbx_initial_refinement_model.details          ? 
# 
_atom_sites.entry_id                    7S41 
_atom_sites.Cartn_transf_matrix[1][1]   ? 
_atom_sites.Cartn_transf_matrix[1][2]   ? 
_atom_sites.Cartn_transf_matrix[1][3]   ? 
_atom_sites.Cartn_transf_matrix[2][1]   ? 
_atom_sites.Cartn_transf_matrix[2][2]   ? 
_atom_sites.Cartn_transf_matrix[2][3]   ? 
_atom_sites.Cartn_transf_matrix[3][1]   ? 
_atom_sites.Cartn_transf_matrix[3][2]   ? 
_atom_sites.Cartn_transf_matrix[3][3]   ? 
_atom_sites.Cartn_transf_vector[1]      ? 
_atom_sites.Cartn_transf_vector[2]      ? 
_atom_sites.Cartn_transf_vector[3]      ? 
_atom_sites.fract_transf_matrix[1][1]   0.00851092 
_atom_sites.fract_transf_matrix[1][2]   0.00419532 
_atom_sites.fract_transf_matrix[1][3]   -0.00207040 
_atom_sites.fract_transf_matrix[2][1]   0.00442468 
_atom_sites.fract_transf_matrix[2][2]   -0.00861438 
_atom_sites.fract_transf_matrix[2][3]   0.00073322 
_atom_sites.fract_transf_matrix[3][1]   -0.00151968 
_atom_sites.fract_transf_matrix[3][2]   -0.00158580 
_atom_sites.fract_transf_matrix[3][3]   -0.00946038 
_atom_sites.fract_transf_vector[1]      0.350796 
_atom_sites.fract_transf_vector[2]      -0.176628 
_atom_sites.fract_transf_vector[3]      0.212068 
_atom_sites.solution_primary            ? 
_atom_sites.solution_secondary          ? 
_atom_sites.solution_hydrogens          ? 
_atom_sites.special_details             ? 
# 
loop_
_atom_type.symbol 
C  
N  
NA 
O  
P  
S  
# 
loop_
_atom_site.group_PDB 
_atom_site.id 
_atom_site.type_symbol 
_atom_site.label_atom_id 
_atom_site.label_alt_id 
_atom_site.label_comp_id 
_atom_site.label_asym_id 
_atom_site.label_entity_id 
_atom_site.label_seq_id 
_atom_site.pdbx_PDB_ins_code 
_atom_site.Cartn_x 
_atom_site.Cartn_y 
_atom_site.Cartn_z 
_atom_site.occupancy 
_atom_site.B_iso_or_equiv 
_atom_site.pdbx_formal_charge 
_atom_site.auth_seq_id 
_atom_site.auth_comp_id 
_atom_site.auth_asym_id 
_atom_site.auth_atom_id 
_atom_site.pdbx_PDB_model_num 
ATOM   1    N  N     . GLY A 1 21  ? 5.016   -4.693  22.278  1.00 34.44 ? -1  GLY A N     1 
ATOM   2    C  CA    . GLY A 1 21  ? 4.422   -5.585  21.242  1.00 29.41 ? -1  GLY A CA    1 
ATOM   3    C  C     . GLY A 1 21  ? 3.545   -4.806  20.270  1.00 26.63 ? -1  GLY A C     1 
ATOM   4    O  O     . GLY A 1 21  ? 3.671   -3.576  20.206  1.00 21.81 ? -1  GLY A O     1 
ATOM   5    N  N     . HIS A 1 22  ? 2.670   -5.505  19.546  1.00 24.89 ? 0   HIS A N     1 
ATOM   6    C  CA    . HIS A 1 22  ? 1.762   -4.901  18.537  1.00 21.60 ? 0   HIS A CA    1 
ATOM   7    C  C     . HIS A 1 22  ? 0.321   -5.277  18.883  1.00 22.96 ? 0   HIS A C     1 
ATOM   8    O  O     . HIS A 1 22  ? 0.129   -6.256  19.631  1.00 24.17 ? 0   HIS A O     1 
ATOM   9    C  CB    . HIS A 1 22  ? 2.184   -5.306  17.118  1.00 22.48 ? 0   HIS A CB    1 
ATOM   10   C  CG    . HIS A 1 22  ? 2.294   -6.775  16.878  1.00 23.62 ? 0   HIS A CG    1 
ATOM   11   N  ND1   . HIS A 1 22  ? 3.443   -7.488  17.166  1.00 25.08 ? 0   HIS A ND1   1 
ATOM   12   C  CD2   . HIS A 1 22  ? 1.432   -7.660  16.330  1.00 29.52 ? 0   HIS A CD2   1 
ATOM   13   C  CE1   . HIS A 1 22  ? 3.273   -8.753  16.829  1.00 26.55 ? 0   HIS A CE1   1 
ATOM   14   N  NE2   . HIS A 1 22  ? 2.049   -8.887  16.314  1.00 26.43 ? 0   HIS A NE2   1 
ATOM   15   N  N     . MET A 1 23  ? -0.644  -4.508  18.376  1.00 17.18 ? 1   MET A N     1 
ATOM   16   C  CA    . MET A 1 23  ? -2.087  -4.697  18.648  1.00 16.17 ? 1   MET A CA    1 
ATOM   17   C  C     . MET A 1 23  ? -2.749  -5.224  17.376  1.00 14.76 ? 1   MET A C     1 
ATOM   18   O  O     . MET A 1 23  ? -2.801  -4.469  16.376  1.00 13.51 ? 1   MET A O     1 
ATOM   19   C  CB    . MET A 1 23  ? -2.733  -3.377  19.070  1.00 17.38 ? 1   MET A CB    1 
ATOM   20   C  CG    . MET A 1 23  ? -4.134  -3.532  19.650  1.00 18.49 ? 1   MET A CG    1 
ATOM   21   S  SD    . MET A 1 23  ? -5.433  -3.966  18.433  1.00 21.92 ? 1   MET A SD    1 
ATOM   22   C  CE    . MET A 1 23  ? -5.352  -2.566  17.314  1.00 17.35 ? 1   MET A CE    1 
ATOM   23   N  N     . ILE A 1 24  ? -3.224  -6.466  17.405  1.00 12.14 ? 2   ILE A N     1 
ATOM   24   C  CA    . ILE A 1 24  ? -4.036  -7.071  16.314  1.00 11.36 ? 2   ILE A CA    1 
ATOM   25   C  C     . ILE A 1 24  ? -5.457  -7.201  16.839  1.00 10.76 ? 2   ILE A C     1 
ATOM   26   O  O     . ILE A 1 24  ? -5.681  -7.915  17.830  1.00 11.22 ? 2   ILE A O     1 
ATOM   27   C  CB    . ILE A 1 24  ? -3.474  -8.427  15.860  1.00 11.92 ? 2   ILE A CB    1 
ATOM   28   C  CG1   . ILE A 1 24  ? -2.044  -8.302  15.323  1.00 14.17 ? 2   ILE A CG1   1 
ATOM   29   C  CG2   . ILE A 1 24  ? -4.407  -9.085  14.853  1.00 12.99 ? 2   ILE A CG2   1 
ATOM   30   C  CD1   . ILE A 1 24  ? -1.349  -9.617  15.151  1.00 15.33 ? 2   ILE A CD1   1 
ATOM   31   N  N     . HIS A 1 25  ? -6.389  -6.514  16.216  1.00 8.76  ? 3   HIS A N     1 
ATOM   32   C  CA    . HIS A 1 25  ? -7.806  -6.561  16.613  1.00 8.22  ? 3   HIS A CA    1 
ATOM   33   C  C     . HIS A 1 25  ? -8.328  -7.994  16.470  1.00 7.92  ? 3   HIS A C     1 
ATOM   34   O  O     . HIS A 1 25  ? -7.991  -8.677  15.485  1.00 7.83  ? 3   HIS A O     1 
ATOM   35   C  CB    . HIS A 1 25  ? -8.629  -5.554  15.810  1.00 8.70  ? 3   HIS A CB    1 
ATOM   36   C  CG    . HIS A 1 25  ? -9.925  -5.276  16.470  1.00 7.86  ? 3   HIS A CG    1 
ATOM   37   N  ND1   . HIS A 1 25  ? -10.987 -6.165  16.415  1.00 8.28  ? 3   HIS A ND1   1 
ATOM   38   C  CD2   . HIS A 1 25  ? -10.330 -4.240  17.231  1.00 7.75  ? 3   HIS A CD2   1 
ATOM   39   C  CE1   . HIS A 1 25  ? -11.987 -5.665  17.116  1.00 8.14  ? 3   HIS A CE1   1 
ATOM   40   N  NE2   . HIS A 1 25  ? -11.611 -4.490  17.621  1.00 8.50  ? 3   HIS A NE2   1 
ATOM   41   N  N     . LYS A 1 26  ? -9.159  -8.440  17.409  1.00 9.03  ? 4   LYS A N     1 
ATOM   42   C  CA    . LYS A 1 26  ? -9.687  -9.817  17.370  1.00 10.35 ? 4   LYS A CA    1 
ATOM   43   C  C     . LYS A 1 26  ? -10.488 -10.015 16.080  1.00 8.41  ? 4   LYS A C     1 
ATOM   44   O  O     . LYS A 1 26  ? -10.615 -11.158 15.655  1.00 9.65  ? 4   LYS A O     1 
ATOM   45   C  CB    . LYS A 1 26  ? -10.500 -10.119 18.629  1.00 13.03 ? 4   LYS A CB    1 
ATOM   46   C  CG    . LYS A 1 26  ? -11.819 -9.390  18.735  1.00 18.66 ? 4   LYS A CG    1 
ATOM   47   C  CD    . LYS A 1 26  ? -12.595 -9.792  19.964  1.00 25.24 ? 4   LYS A CD    1 
ATOM   48   C  CE    . LYS A 1 26  ? -13.940 -9.108  20.076  1.00 32.33 ? 4   LYS A CE    1 
ATOM   49   N  NZ    . LYS A 1 26  ? -14.706 -9.626  21.239  1.00 34.77 ? 4   LYS A NZ    1 
ATOM   50   N  N     . LEU A 1 27  ? -10.973 -8.939  15.456  1.00 7.37  ? 5   LEU A N     1 
ATOM   51   C  CA    . LEU A 1 27  ? -11.826 -9.049  14.244  1.00 7.66  ? 5   LEU A CA    1 
ATOM   52   C  C     . LEU A 1 27  ? -10.981 -8.945  12.973  1.00 7.87  ? 5   LEU A C     1 
ATOM   53   O  O     . LEU A 1 27  ? -11.571 -8.941  11.876  1.00 6.93  ? 5   LEU A O     1 
ATOM   54   C  CB    . LEU A 1 27  ? -12.942 -7.997  14.287  1.00 8.46  ? 5   LEU A CB    1 
ATOM   55   C  CG    . LEU A 1 27  ? -13.957 -8.158  15.422  1.00 8.24  ? 5   LEU A CG    1 
ATOM   56   C  CD1   . LEU A 1 27  ? -15.007 -7.053  15.371  1.00 9.21  ? 5   LEU A CD1   1 
ATOM   57   C  CD2   . LEU A 1 27  ? -14.645 -9.513  15.349  1.00 8.31  ? 5   LEU A CD2   1 
ATOM   58   N  N     . ALA A 1 28  ? -9.659  -8.924  13.094  1.00 7.37  ? 6   ALA A N     1 
ATOM   59   C  CA    . ALA A 1 28  ? -8.726  -9.012  11.947  1.00 7.66  ? 6   ALA A CA    1 
ATOM   60   C  C     . ALA A 1 28  ? -8.275  -10.462 11.774  1.00 7.80  ? 6   ALA A C     1 
ATOM   61   O  O     . ALA A 1 28  ? -8.297  -11.230 12.764  1.00 8.62  ? 6   ALA A O     1 
ATOM   62   C  CB    . ALA A 1 28  ? -7.550  -8.079  12.149  1.00 7.80  ? 6   ALA A CB    1 
ATOM   63   N  N     . ASP A 1 29  ? -7.904  -10.822 10.557  1.00 7.60  ? 7   ASP A N     1 
ATOM   64   C  CA    . ASP A 1 29  ? -7.276  -12.108 10.196  1.00 7.74  ? 7   ASP A CA    1 
ATOM   65   C  C     . ASP A 1 29  ? -5.833  -11.799 9.826   1.00 7.80  ? 7   ASP A C     1 
ATOM   66   O  O     . ASP A 1 29  ? -5.556  -11.533 8.647   1.00 7.37  ? 7   ASP A O     1 
ATOM   67   C  CB    . ASP A 1 29  ? -8.028  -12.790 9.058   1.00 7.89  ? 7   ASP A CB    1 
ATOM   68   C  CG    . ASP A 1 29  ? -7.413  -14.111 8.626   1.00 9.35  ? 7   ASP A CG    1 
ATOM   69   O  OD1   . ASP A 1 29  ? -7.873  -14.666 7.603   1.00 11.00 ? 7   ASP A OD1   1 
ATOM   70   O  OD2   . ASP A 1 29  ? -6.480  -14.570 9.315   1.00 11.41 ? 7   ASP A OD2   1 
ATOM   71   N  N     . VAL A 1 30  ? -4.942  -11.824 10.809  1.00 7.99  ? 8   VAL A N     1 
ATOM   72   C  CA    . VAL A 1 30  ? -3.508  -11.514 10.591  1.00 8.27  ? 8   VAL A CA    1 
ATOM   73   C  C     . VAL A 1 30  ? -2.704  -12.808 10.716  1.00 9.27  ? 8   VAL A C     1 
ATOM   74   O  O     . VAL A 1 30  ? -2.686  -13.400 11.789  1.00 9.41  ? 8   VAL A O     1 
ATOM   75   C  CB    . VAL A 1 30  ? -3.002  -10.443 11.569  1.00 8.83  ? 8   VAL A CB    1 
ATOM   76   C  CG1   . VAL A 1 30  ? -1.509  -10.207 11.410  1.00 9.03  ? 8   VAL A CG1   1 
ATOM   77   C  CG2   . VAL A 1 30  ? -3.772  -9.151  11.415  1.00 9.09  ? 8   VAL A CG2   1 
ATOM   78   N  N     . GLN A 1 31  ? -2.041  -13.204 9.642   1.00 8.97  ? 9   GLN A N     1 
ATOM   79   C  CA    . GLN A 1 31  ? -1.351  -14.507 9.531   1.00 9.15  ? 9   GLN A CA    1 
ATOM   80   C  C     . GLN A 1 31  ? 0.159   -14.299 9.540   1.00 9.95  ? 9   GLN A C     1 
ATOM   81   O  O     . GLN A 1 31  ? 0.895   -15.303 9.554   1.00 11.66 ? 9   GLN A O     1 
ATOM   82   C  CB    . GLN A 1 31  ? -1.790  -15.227 8.262   1.00 10.61 ? 9   GLN A CB    1 
ATOM   83   C  CG    . GLN A 1 31  ? -3.287  -15.429 8.188   1.00 10.23 ? 9   GLN A CG    1 
ATOM   84   C  CD    . GLN A 1 31  ? -3.722  -15.995 6.867   1.00 10.41 ? 9   GLN A CD    1 
ATOM   85   O  OE1   . GLN A 1 31  ? -2.932  -16.628 6.158   1.00 10.86 ? 9   GLN A OE1   1 
ATOM   86   N  NE2   . GLN A 1 31  ? -4.997  -15.820 6.549   1.00 9.73  ? 9   GLN A NE2   1 
ATOM   87   N  N     . SER A 1 32  ? 0.610   -13.048 9.474   1.00 10.07 ? 10  SER A N     1 
ATOM   88   C  CA    . SER A 1 32  ? 2.047   -12.691 9.499   1.00 10.58 ? 10  SER A CA    1 
ATOM   89   C  C     . SER A 1 32  ? 2.518   -12.519 10.944  1.00 11.35 ? 10  SER A C     1 
ATOM   90   O  O     . SER A 1 32  ? 1.790   -11.883 11.750  1.00 11.74 ? 10  SER A O     1 
ATOM   91   C  CB    . SER A 1 32  ? 2.310   -11.442 8.706   1.00 10.70 ? 10  SER A CB    1 
ATOM   92   O  OG    . SER A 1 32  ? 3.644   -11.014 8.926   1.00 10.44 ? 10  SER A OG    1 
ATOM   93   N  N     . LYS A 1 33  ? 3.700   -13.039 11.261  1.00 14.01 ? 11  LYS A N     1 
ATOM   94   C  CA    . LYS A 1 33  ? 4.367   -12.813 12.563  1.00 17.41 ? 11  LYS A CA    1 
ATOM   95   C  C     . LYS A 1 33  ? 5.357   -11.662 12.408  1.00 15.85 ? 11  LYS A C     1 
ATOM   96   O  O     . LYS A 1 33  ? 5.934   -11.227 13.423  1.00 19.80 ? 11  LYS A O     1 
ATOM   97   C  CB    . LYS A 1 33  ? 5.034   -14.108 13.036  1.00 20.25 ? 11  LYS A CB    1 
ATOM   98   C  CG    . LYS A 1 33  ? 4.083   -15.289 13.169  1.00 25.79 ? 11  LYS A CG    1 
ATOM   99   C  CD    . LYS A 1 33  ? 4.769   -16.639 13.188  1.00 34.29 ? 11  LYS A CD    1 
ATOM   100  C  CE    . LYS A 1 33  ? 3.865   -17.734 13.717  1.00 38.42 ? 11  LYS A CE    1 
ATOM   101  N  NZ    . LYS A 1 33  ? 4.460   -19.077 13.520  1.00 42.24 ? 11  LYS A NZ    1 
ATOM   102  N  N     . ASN A 1 34  ? 5.536   -11.171 11.188  1.00 11.81 ? 12  ASN A N     1 
ATOM   103  C  CA    . ASN A 1 34  ? 6.582   -10.170 10.868  1.00 12.97 ? 12  ASN A CA    1 
ATOM   104  C  C     . ASN A 1 34  ? 6.021   -8.756  11.059  1.00 12.42 ? 12  ASN A C     1 
ATOM   105  O  O     . ASN A 1 34  ? 5.983   -8.002  10.077  1.00 13.26 ? 12  ASN A O     1 
ATOM   106  C  CB    . ASN A 1 34  ? 7.127   -10.337 9.455   1.00 13.69 ? 12  ASN A CB    1 
ATOM   107  C  CG    . ASN A 1 34  ? 7.361   -11.776 9.048   1.00 17.65 ? 12  ASN A CG    1 
ATOM   108  O  OD1   . ASN A 1 34  ? 8.143   -12.475 9.692   1.00 20.40 ? 12  ASN A OD1   1 
ATOM   109  N  ND2   . ASN A 1 34  ? 6.711   -12.218 7.971   1.00 19.14 ? 12  ASN A ND2   1 
ATOM   110  N  N     . ILE A 1 35  ? 5.617   -8.415  12.281  1.00 12.68 ? 13  ILE A N     1 
ATOM   111  C  CA    . ILE A 1 35  ? 4.906   -7.147  12.597  1.00 14.76 ? 13  ILE A CA    1 
ATOM   112  C  C     . ILE A 1 35  ? 5.653   -6.440  13.722  1.00 15.54 ? 13  ILE A C     1 
ATOM   113  O  O     . ILE A 1 35  ? 5.826   -7.034  14.791  1.00 14.79 ? 13  ILE A O     1 
ATOM   114  C  CB    . ILE A 1 35  ? 3.430   -7.412  12.928  1.00 16.50 ? 13  ILE A CB    1 
ATOM   115  C  CG1   . ILE A 1 35  ? 2.753   -8.163  11.775  1.00 20.24 ? 13  ILE A CG1   1 
ATOM   116  C  CG2   . ILE A 1 35  ? 2.710   -6.109  13.270  1.00 16.69 ? 13  ILE A CG2   1 
ATOM   117  C  CD1   . ILE A 1 35  ? 1.324   -8.511  12.022  1.00 24.41 ? 13  ILE A CD1   1 
ATOM   118  N  N     . GLY A 1 36  ? 6.090   -5.211  13.471  1.00 13.91 ? 14  GLY A N     1 
ATOM   119  C  CA    . GLY A 1 36  ? 6.935   -4.444  14.394  1.00 12.78 ? 14  GLY A CA    1 
ATOM   120  C  C     . GLY A 1 36  ? 6.173   -3.965  15.612  1.00 14.10 ? 14  GLY A C     1 
ATOM   121  O  O     . GLY A 1 36  ? 4.931   -3.829  15.554  1.00 11.98 ? 14  GLY A O     1 
ATOM   122  N  N     . SER A 1 37  ? 6.904   -3.682  16.685  1.00 12.64 ? 15  SER A N     1 
ATOM   123  C  CA    . SER A 1 37  ? 6.394   -3.065  17.931  1.00 14.13 ? 15  SER A CA    1 
ATOM   124  C  C     . SER A 1 37  ? 5.589   -1.802  17.613  1.00 11.89 ? 15  SER A C     1 
ATOM   125  O  O     . SER A 1 37  ? 6.026   -1.019  16.758  1.00 12.06 ? 15  SER A O     1 
ATOM   126  C  CB    . SER A 1 37  ? 7.549   -2.754  18.866  1.00 18.03 ? 15  SER A CB    1 
ATOM   127  O  OG    . SER A 1 37  ? 7.076   -2.207  20.081  1.00 24.86 ? 15  SER A OG    1 
ATOM   128  N  N     . GLY A 1 38  ? 4.473   -1.598  18.314  1.00 11.62 ? 16  GLY A N     1 
ATOM   129  C  CA    . GLY A 1 38  ? 3.690   -0.358  18.257  1.00 11.63 ? 16  GLY A CA    1 
ATOM   130  C  C     . GLY A 1 38  ? 2.690   -0.358  17.107  1.00 10.47 ? 16  GLY A C     1 
ATOM   131  O  O     . GLY A 1 38  ? 1.902   0.571   17.023  1.00 12.33 ? 16  GLY A O     1 
ATOM   132  N  N     . THR A 1 39  ? 2.747   -1.345  16.221  1.00 10.51 ? 17  THR A N     1 
ATOM   133  C  CA    . THR A 1 39  ? 1.849   -1.391  15.040  1.00 10.14 ? 17  THR A CA    1 
ATOM   134  C  C     . THR A 1 39  ? 0.451   -1.768  15.518  1.00 10.36 ? 17  THR A C     1 
ATOM   135  O  O     . THR A 1 39  ? 0.331   -2.613  16.438  1.00 10.15 ? 17  THR A O     1 
ATOM   136  C  CB    . THR A 1 39  ? 2.428   -2.292  13.951  1.00 9.87  ? 17  THR A CB    1 
ATOM   137  O  OG1   . THR A 1 39  ? 3.442   -1.507  13.318  1.00 9.10  ? 17  THR A OG1   1 
ATOM   138  C  CG2   . THR A 1 39  ? 1.410   -2.757  12.931  1.00 9.88  ? 17  THR A CG2   1 
ATOM   139  N  N     . ARG A 1 40  ? -0.560  -1.121  14.950  1.00 8.87  ? 18  ARG A N     1 
ATOM   140  C  CA    . ARG A 1 40  ? -1.985  -1.421  15.198  1.00 9.26  ? 18  ARG A CA    1 
ATOM   141  C  C     . ARG A 1 40  ? -2.575  -1.953  13.898  1.00 8.00  ? 18  ARG A C     1 
ATOM   142  O  O     . ARG A 1 40  ? -2.377  -1.289  12.851  1.00 7.27  ? 18  ARG A O     1 
ATOM   143  C  CB    . ARG A 1 40  ? -2.761  -0.183  15.649  1.00 10.98 ? 18  ARG A CB    1 
ATOM   144  C  CG    . ARG A 1 40  ? -2.297  0.400   16.979  1.00 13.41 ? 18  ARG A CG    1 
ATOM   145  C  CD    . ARG A 1 40  ? -2.948  1.754   17.261  1.00 15.89 ? 18  ARG A CD    1 
ATOM   146  N  NE    . ARG A 1 40  ? -2.291  2.828   16.502  1.00 20.45 ? 18  ARG A NE    1 
ATOM   147  C  CZ    . ARG A 1 40  ? -2.885  3.935   16.025  1.00 24.26 ? 18  ARG A CZ    1 
ATOM   148  N  NH1   . ARG A 1 40  ? -2.166  4.807   15.329  1.00 21.51 ? 18  ARG A NH1   1 
ATOM   149  N  NH2   . ARG A 1 40  ? -4.181  4.159   16.223  1.00 24.03 ? 18  ARG A NH2   1 
ATOM   150  N  N     . ILE A 1 41  ? -3.267  -3.085  13.960  1.00 7.04  ? 19  ILE A N     1 
ATOM   151  C  CA    . ILE A 1 41  ? -4.037  -3.624  12.812  1.00 7.04  ? 19  ILE A CA    1 
ATOM   152  C  C     . ILE A 1 41  ? -5.490  -3.787  13.246  1.00 6.50  ? 19  ILE A C     1 
ATOM   153  O  O     . ILE A 1 41  ? -5.759  -4.478  14.246  1.00 6.87  ? 19  ILE A O     1 
ATOM   154  C  CB    . ILE A 1 41  ? -3.420  -4.923  12.282  1.00 7.87  ? 19  ILE A CB    1 
ATOM   155  C  CG1   . ILE A 1 41  ? -1.961  -4.723  11.879  1.00 9.42  ? 19  ILE A CG1   1 
ATOM   156  C  CG2   . ILE A 1 41  ? -4.257  -5.463  11.130  1.00 8.78  ? 19  ILE A CG2   1 
ATOM   157  C  CD1   . ILE A 1 41  ? -1.227  -5.995  11.635  1.00 10.33 ? 19  ILE A CD1   1 
ATOM   158  N  N     . TRP A 1 42  ? -6.388  -3.098  12.550  1.00 5.89  ? 20  TRP A N     1 
ATOM   159  C  CA    . TRP A 1 42  ? -7.765  -2.834  12.998  1.00 5.64  ? 20  TRP A CA    1 
ATOM   160  C  C     . TRP A 1 42  ? -8.732  -3.862  12.403  1.00 5.20  ? 20  TRP A C     1 
ATOM   161  O  O     . TRP A 1 42  ? -8.302  -4.823  11.758  1.00 5.58  ? 20  TRP A O     1 
ATOM   162  C  CB    . TRP A 1 42  ? -8.127  -1.382  12.680  1.00 5.79  ? 20  TRP A CB    1 
ATOM   163  C  CG    . TRP A 1 42  ? -7.416  -0.447  13.608  1.00 6.22  ? 20  TRP A CG    1 
ATOM   164  C  CD1   . TRP A 1 42  ? -6.350  0.360   13.344  1.00 6.68  ? 20  TRP A CD1   1 
ATOM   165  C  CD2   . TRP A 1 42  ? -7.698  -0.310  15.008  1.00 6.89  ? 20  TRP A CD2   1 
ATOM   166  N  NE1   . TRP A 1 42  ? -5.964  1.023   14.482  1.00 7.39  ? 20  TRP A NE1   1 
ATOM   167  C  CE2   . TRP A 1 42  ? -6.785  0.633   15.519  1.00 6.96  ? 20  TRP A CE2   1 
ATOM   168  C  CE3   . TRP A 1 42  ? -8.651  -0.880  15.857  1.00 6.97  ? 20  TRP A CE3   1 
ATOM   169  C  CZ2   . TRP A 1 42  ? -6.801  1.014   16.860  1.00 8.03  ? 20  TRP A CZ2   1 
ATOM   170  C  CZ3   . TRP A 1 42  ? -8.666  -0.504  17.175  1.00 7.30  ? 20  TRP A CZ3   1 
ATOM   171  C  CH2   . TRP A 1 42  ? -7.744  0.418   17.671  1.00 7.12  ? 20  TRP A CH2   1 
ATOM   172  N  N     . GLN A 1 43  ? -10.012 -3.671  12.664  1.00 5.40  ? 21  GLN A N     1 
ATOM   173  C  CA    . GLN A 1 43  ? -11.058 -4.669  12.367  1.00 5.52  ? 21  GLN A CA    1 
ATOM   174  C  C     . GLN A 1 43  ? -11.078 -4.991  10.877  1.00 5.69  ? 21  GLN A C     1 
ATOM   175  O  O     . GLN A 1 43  ? -10.929 -4.076  10.044  1.00 5.19  ? 21  GLN A O     1 
ATOM   176  C  CB    . GLN A 1 43  ? -12.434 -4.143  12.748  1.00 5.51  ? 21  GLN A CB    1 
ATOM   177  C  CG    . GLN A 1 43  ? -12.550 -3.740  14.213  1.00 5.55  ? 21  GLN A CG    1 
ATOM   178  C  CD    . GLN A 1 43  ? -12.328 -2.274  14.472  1.00 5.81  ? 21  GLN A CD    1 
ATOM   179  O  OE1   . GLN A 1 43  ? -11.541 -1.609  13.797  1.00 6.26  ? 21  GLN A OE1   1 
ATOM   180  N  NE2   . GLN A 1 43  ? -13.014 -1.751  15.478  1.00 5.50  ? 21  GLN A NE2   1 
ATOM   181  N  N     . PHE A 1 44  ? -11.345 -6.240  10.563  1.00 5.56  ? 22  PHE A N     1 
ATOM   182  C  CA    . PHE A 1 44  ? -11.684 -6.702  9.195   1.00 6.23  ? 22  PHE A CA    1 
ATOM   183  C  C     . PHE A 1 44  ? -10.501 -6.452  8.265   1.00 6.44  ? 22  PHE A C     1 
ATOM   184  O  O     . PHE A 1 44  ? -10.723 -6.234  7.073   1.00 8.30  ? 22  PHE A O     1 
ATOM   185  C  CB    . PHE A 1 44  ? -12.960 -6.021  8.697   1.00 6.06  ? 22  PHE A CB    1 
ATOM   186  C  CG    . PHE A 1 44  ? -14.052 -5.990  9.731   1.00 5.81  ? 22  PHE A CG    1 
ATOM   187  C  CD1   . PHE A 1 44  ? -14.432 -7.154  10.372  1.00 6.54  ? 22  PHE A CD1   1 
ATOM   188  C  CD2   . PHE A 1 44  ? -14.663 -4.802  10.108  1.00 6.15  ? 22  PHE A CD2   1 
ATOM   189  C  CE1   . PHE A 1 44  ? -15.419 -7.141  11.345  1.00 6.06  ? 22  PHE A CE1   1 
ATOM   190  C  CE2   . PHE A 1 44  ? -15.642 -4.789  11.093  1.00 6.66  ? 22  PHE A CE2   1 
ATOM   191  C  CZ    . PHE A 1 44  ? -16.017 -5.953  11.705  1.00 6.54  ? 22  PHE A CZ    1 
ATOM   192  N  N     . CYS A 1 45  ? -9.281  -6.476  8.786   1.00 6.34  ? 23  CYS A N     1 
ATOM   193  C  CA    . CYS A 1 45  ? -8.054  -6.549  7.973   1.00 6.20  ? 23  CYS A CA    1 
ATOM   194  C  C     . CYS A 1 45  ? -7.707  -8.008  7.704   1.00 6.00  ? 23  CYS A C     1 
ATOM   195  O  O     . CYS A 1 45  ? -8.007  -8.872  8.551   1.00 6.32  ? 23  CYS A O     1 
ATOM   196  C  CB    . CYS A 1 45  ? -6.889  -5.830  8.630   1.00 6.55  ? 23  CYS A CB    1 
ATOM   197  S  SG    . CYS A 1 45  ? -7.071  -4.027  8.586   1.00 6.30  ? 23  CYS A SG    1 
ATOM   198  N  N     . VAL A 1 46  ? -7.122  -8.254  6.549   1.00 5.52  ? 24  VAL A N     1 
ATOM   199  C  CA    . VAL A 1 46  ? -6.479  -9.534  6.156   1.00 5.88  ? 24  VAL A CA    1 
ATOM   200  C  C     . VAL A 1 46  ? -5.004  -9.235  5.924   1.00 6.04  ? 24  VAL A C     1 
ATOM   201  O  O     . VAL A 1 46  ? -4.712  -8.348  5.102   1.00 5.67  ? 24  VAL A O     1 
ATOM   202  C  CB    . VAL A 1 46  ? -7.131  -10.142 4.906   1.00 6.04  ? 24  VAL A CB    1 
ATOM   203  C  CG1   . VAL A 1 46  ? -6.440  -11.427 4.492   1.00 6.31  ? 24  VAL A CG1   1 
ATOM   204  C  CG2   . VAL A 1 46  ? -8.627  -10.357 5.091   1.00 6.32  ? 24  VAL A CG2   1 
ATOM   205  N  N     . VAL A 1 47  ? -4.117  -9.981  6.572   1.00 6.59  ? 25  VAL A N     1 
ATOM   206  C  CA    . VAL A 1 47  ? -2.658  -9.866  6.362   1.00 6.45  ? 25  VAL A CA    1 
ATOM   207  C  C     . VAL A 1 47  ? -2.083  -11.266 6.174   1.00 6.56  ? 25  VAL A C     1 
ATOM   208  O  O     . VAL A 1 47  ? -2.221  -12.095 7.066   1.00 6.44  ? 25  VAL A O     1 
ATOM   209  C  CB    . VAL A 1 47  ? -2.004  -9.118  7.532   1.00 6.98  ? 25  VAL A CB    1 
ATOM   210  C  CG1   . VAL A 1 47  ? -0.501  -8.993  7.319   1.00 7.33  ? 25  VAL A CG1   1 
ATOM   211  C  CG2   . VAL A 1 47  ? -2.626  -7.755  7.766   1.00 6.84  ? 25  VAL A CG2   1 
ATOM   212  N  N     . LEU A 1 48  ? -1.531  -11.539 5.012   1.00 5.87  ? 26  LEU A N     1 
ATOM   213  C  CA    . LEU A 1 48  ? -1.096  -12.907 4.653   1.00 6.69  ? 26  LEU A CA    1 
ATOM   214  C  C     . LEU A 1 48  ? 0.311   -13.154 5.194   1.00 7.24  ? 26  LEU A C     1 
ATOM   215  O  O     . LEU A 1 48  ? 1.017   -12.230 5.604   1.00 7.05  ? 26  LEU A O     1 
ATOM   216  C  CB    . LEU A 1 48  ? -1.210  -13.078 3.137   1.00 6.62  ? 26  LEU A CB    1 
ATOM   217  C  CG    . LEU A 1 48  ? -2.632  -12.944 2.578   1.00 7.12  ? 26  LEU A CG    1 
ATOM   218  C  CD1   . LEU A 1 48  ? -2.682  -13.382 1.126   1.00 7.84  ? 26  LEU A CD1   1 
ATOM   219  C  CD2   . LEU A 1 48  ? -3.655  -13.712 3.417   1.00 7.16  ? 26  LEU A CD2   1 
ATOM   220  N  N     . PRO A 1 49  ? 0.713   -14.436 5.317   1.00 7.81  ? 27  PRO A N     1 
ATOM   221  C  CA    . PRO A 1 49  ? 1.840   -14.812 6.164   1.00 8.76  ? 27  PRO A CA    1 
ATOM   222  C  C     . PRO A 1 49  ? 3.165   -14.080 5.908   1.00 8.78  ? 27  PRO A C     1 
ATOM   223  O  O     . PRO A 1 49  ? 3.887   -13.851 6.857   1.00 9.94  ? 27  PRO A O     1 
ATOM   224  C  CB    . PRO A 1 49  ? 2.001   -16.307 5.866   1.00 8.62  ? 27  PRO A CB    1 
ATOM   225  C  CG    . PRO A 1 49  ? 0.597   -16.771 5.523   1.00 8.44  ? 27  PRO A CG    1 
ATOM   226  C  CD    . PRO A 1 49  ? -0.019  -15.597 4.781   1.00 8.12  ? 27  PRO A CD    1 
ATOM   227  N  N     . SER A 1 50  ? 3.509   -13.794 4.656   1.00 7.57  ? 28  SER A N     1 
ATOM   228  C  CA    . SER A 1 50  ? 4.869   -13.304 4.317   1.00 8.36  ? 28  SER A CA    1 
ATOM   229  C  C     . SER A 1 50  ? 4.941   -11.781 4.413   1.00 8.56  ? 28  SER A C     1 
ATOM   230  O  O     . SER A 1 50  ? 6.039   -11.239 4.264   1.00 9.13  ? 28  SER A O     1 
ATOM   231  C  CB    . SER A 1 50  ? 5.327   -13.796 2.993   1.00 8.67  ? 28  SER A CB    1 
ATOM   232  O  OG    . SER A 1 50  ? 5.689   -15.166 3.088   1.00 9.50  ? 28  SER A OG    1 
ATOM   233  N  N     . ALA A 1 51  ? 3.827   -11.097 4.667   1.00 7.50  ? 29  ALA A N     1 
ATOM   234  C  CA    . ALA A 1 51  ? 3.854   -9.621  4.759   1.00 8.05  ? 29  ALA A CA    1 
ATOM   235  C  C     . ALA A 1 51  ? 4.866   -9.211  5.842   1.00 8.13  ? 29  ALA A C     1 
ATOM   236  O  O     . ALA A 1 51  ? 4.887   -9.842  6.930   1.00 7.83  ? 29  ALA A O     1 
ATOM   237  C  CB    . ALA A 1 51  ? 2.477   -9.089  5.057   1.00 7.58  ? 29  ALA A CB    1 
ATOM   238  N  N     . ILE A 1 52  ? 5.661   -8.174  5.567   1.00 9.60  ? 30  ILE A N     1 
ATOM   239  C  CA    . ILE A 1 52  ? 6.545   -7.523  6.565   1.00 10.39 ? 30  ILE A CA    1 
ATOM   240  C  C     . ILE A 1 52  ? 6.000   -6.129  6.844   1.00 10.12 ? 30  ILE A C     1 
ATOM   241  O  O     . ILE A 1 52  ? 5.837   -5.354  5.886   1.00 9.29  ? 30  ILE A O     1 
ATOM   242  C  CB    . ILE A 1 52  ? 8.006   -7.500  6.099   1.00 12.61 ? 30  ILE A CB    1 
ATOM   243  C  CG1   . ILE A 1 52  ? 8.497   -8.923  5.798   1.00 13.31 ? 30  ILE A CG1   1 
ATOM   244  C  CG2   . ILE A 1 52  ? 8.872   -6.806  7.147   1.00 12.02 ? 30  ILE A CG2   1 
ATOM   245  C  CD1   . ILE A 1 52  ? 9.869   -9.016  5.162   1.00 15.12 ? 30  ILE A CD1   1 
ATOM   246  N  N     . ILE A 1 53  ? 5.695   -5.843  8.107   1.00 9.67  ? 31  ILE A N     1 
ATOM   247  C  CA    . ILE A 1 53  ? 5.199   -4.522  8.572   1.00 9.22  ? 31  ILE A CA    1 
ATOM   248  C  C     . ILE A 1 53  ? 6.107   -4.044  9.697   1.00 9.19  ? 31  ILE A C     1 
ATOM   249  O  O     . ILE A 1 53  ? 6.346   -4.823  10.623  1.00 9.80  ? 31  ILE A O     1 
ATOM   250  C  CB    . ILE A 1 53  ? 3.723   -4.594  9.001   1.00 9.71  ? 31  ILE A CB    1 
ATOM   251  C  CG1   . ILE A 1 53  ? 2.851   -5.156  7.872   1.00 9.81  ? 31  ILE A CG1   1 
ATOM   252  C  CG2   . ILE A 1 53  ? 3.229   -3.240  9.503   1.00 9.90  ? 31  ILE A CG2   1 
ATOM   253  C  CD1   . ILE A 1 53  ? 1.463   -5.541  8.286   1.00 11.65 ? 31  ILE A CD1   1 
ATOM   254  N  N     . GLY A 1 54  ? 6.584   -2.811  9.599   1.00 8.83  ? 32  GLY A N     1 
ATOM   255  C  CA    . GLY A 1 54  ? 7.532   -2.234  10.561  1.00 9.58  ? 32  GLY A CA    1 
ATOM   256  C  C     . GLY A 1 54  ? 6.860   -1.788  11.845  1.00 10.50 ? 32  GLY A C     1 
ATOM   257  O  O     . GLY A 1 54  ? 5.747   -2.271  12.174  1.00 9.89  ? 32  GLY A O     1 
ATOM   258  N  N     . GLU A 1 55  ? 7.522   -0.891  12.575  1.00 9.95  ? 33  GLU A N     1 
ATOM   259  C  CA    . GLU A 1 55  ? 7.099   -0.412  13.908  1.00 11.23 ? 33  GLU A CA    1 
ATOM   260  C  C     . GLU A 1 55  ? 6.163   0.781   13.756  1.00 9.92  ? 33  GLU A C     1 
ATOM   261  O  O     . GLU A 1 55  ? 6.329   1.547   12.785  1.00 9.21  ? 33  GLU A O     1 
ATOM   262  C  CB    . GLU A 1 55  ? 8.331   -0.027  14.723  1.00 12.26 ? 33  GLU A CB    1 
ATOM   263  C  CG    . GLU A 1 55  ? 9.195   -1.221  15.048  1.00 14.68 ? 33  GLU A CG    1 
ATOM   264  C  CD    . GLU A 1 55  ? 10.489  -0.919  15.788  1.00 19.24 ? 33  GLU A CD    1 
ATOM   265  O  OE1   . GLU A 1 55  ? 10.925  0.247   15.777  1.00 19.58 ? 33  GLU A OE1   1 
ATOM   266  O  OE2   . GLU A 1 55  ? 11.067  -1.876  16.346  1.00 21.36 ? 33  GLU A OE2   1 
ATOM   267  N  N     . ASN A 1 56  ? 5.214   0.904   14.674  1.00 9.93  ? 34  ASN A N     1 
ATOM   268  C  CA    . ASN A 1 56  ? 4.379   2.116   14.870  1.00 11.04 ? 34  ASN A CA    1 
ATOM   269  C  C     . ASN A 1 56  ? 3.601   2.416   13.588  1.00 9.75  ? 34  ASN A C     1 
ATOM   270  O  O     . ASN A 1 56  ? 3.336   3.590   13.308  1.00 10.36 ? 34  ASN A O     1 
ATOM   271  C  CB    . ASN A 1 56  ? 5.227   3.302   15.309  1.00 13.28 ? 34  ASN A CB    1 
ATOM   272  C  CG    . ASN A 1 56  ? 5.852   3.040   16.662  1.00 18.59 ? 34  ASN A CG    1 
ATOM   273  O  OD1   . ASN A 1 56  ? 5.145   2.737   17.621  1.00 21.71 ? 34  ASN A OD1   1 
ATOM   274  N  ND2   . ASN A 1 56  ? 7.171   3.108   16.736  1.00 21.55 ? 34  ASN A ND2   1 
ATOM   275  N  N     . CYS A 1 57  ? 3.187   1.376   12.877  1.00 8.69  ? 35  CYS A N     1 
ATOM   276  C  CA    . CYS A 1 57  ? 2.250   1.531   11.741  1.00 7.96  ? 35  CYS A CA    1 
ATOM   277  C  C     . CYS A 1 57  ? 0.824   1.542   12.266  1.00 8.24  ? 35  CYS A C     1 
ATOM   278  O  O     . CYS A 1 57  ? 0.550   0.997   13.352  1.00 7.91  ? 35  CYS A O     1 
ATOM   279  C  CB    . CYS A 1 57  ? 2.445   0.446   10.693  1.00 7.19  ? 35  CYS A CB    1 
ATOM   280  S  SG    . CYS A 1 57  ? 4.062   0.518   9.877   1.00 8.16  ? 35  CYS A SG    1 
ATOM   281  N  N     . ASN A 1 58  ? -0.071  2.133   11.495  1.00 7.96  ? 36  ASN A N     1 
ATOM   282  C  CA    . ASN A 1 58  ? -1.522  2.074   11.727  1.00 8.13  ? 36  ASN A CA    1 
ATOM   283  C  C     . ASN A 1 58  ? -2.177  1.502   10.480  1.00 7.42  ? 36  ASN A C     1 
ATOM   284  O  O     . ASN A 1 58  ? -2.179  2.195   9.450   1.00 8.44  ? 36  ASN A O     1 
ATOM   285  C  CB    . ASN A 1 58  ? -2.097  3.434   12.080  1.00 8.06  ? 36  ASN A CB    1 
ATOM   286  C  CG    . ASN A 1 58  ? -3.428  3.326   12.787  1.00 9.18  ? 36  ASN A CG    1 
ATOM   287  O  OD1   . ASN A 1 58  ? -3.667  2.343   13.491  1.00 11.22 ? 36  ASN A OD1   1 
ATOM   288  N  ND2   . ASN A 1 58  ? -4.308  4.298   12.600  1.00 8.65  ? 36  ASN A ND2   1 
ATOM   289  N  N     . ILE A 1 59  ? -2.655  0.266   10.557  1.00 8.04  ? 37  ILE A N     1 
ATOM   290  C  CA    . ILE A 1 59  ? -3.339  -0.398  9.425   1.00 7.41  ? 37  ILE A CA    1 
ATOM   291  C  C     . ILE A 1 59  ? -4.819  -0.361  9.777   1.00 7.07  ? 37  ILE A C     1 
ATOM   292  O  O     . ILE A 1 59  ? -5.231  -1.108  10.660  1.00 6.53  ? 37  ILE A O     1 
ATOM   293  C  CB    . ILE A 1 59  ? -2.807  -1.831  9.172   1.00 8.75  ? 37  ILE A CB    1 
ATOM   294  C  CG1   . ILE A 1 59  ? -1.274  -1.890  9.130   1.00 10.33 ? 37  ILE A CG1   1 
ATOM   295  C  CG2   . ILE A 1 59  ? -3.427  -2.411  7.909   1.00 9.64  ? 37  ILE A CG2   1 
ATOM   296  C  CD1   . ILE A 1 59  ? -0.665  -0.925  8.180   1.00 12.26 ? 37  ILE A CD1   1 
ATOM   297  N  N     . CYS A 1 60  ? -5.554  0.568   9.180   1.00 6.20  ? 38  CYS A N     1 
ATOM   298  C  CA    . CYS A 1 60  ? -6.943  0.869   9.549   1.00 5.78  ? 38  CYS A CA    1 
ATOM   299  C  C     . CYS A 1 60  ? -7.874  -0.216  9.003   1.00 5.18  ? 38  CYS A C     1 
ATOM   300  O  O     . CYS A 1 60  ? -7.438  -1.099  8.247   1.00 6.02  ? 38  CYS A O     1 
ATOM   301  C  CB    . CYS A 1 60  ? -7.320  2.262   9.057   1.00 5.62  ? 38  CYS A CB    1 
ATOM   302  S  SG    . CYS A 1 60  ? -6.295  3.556   9.800   1.00 6.84  ? 38  CYS A SG    1 
ATOM   303  N  N     . SER A 1 61  ? -9.140  -0.154  9.407   1.00 4.76  ? 39  SER A N     1 
ATOM   304  C  CA    . SER A 1 61  ? -10.115 -1.221  9.126   1.00 5.17  ? 39  SER A CA    1 
ATOM   305  C  C     . SER A 1 61  ? -10.212 -1.475  7.615   1.00 4.92  ? 39  SER A C     1 
ATOM   306  O  O     . SER A 1 61  ? -10.025 -0.546  6.805   1.00 4.56  ? 39  SER A O     1 
ATOM   307  C  CB    . SER A 1 61  ? -11.443 -0.917  9.744   1.00 5.91  ? 39  SER A CB    1 
ATOM   308  O  OG    . SER A 1 61  ? -12.043 0.223   9.163   1.00 6.05  ? 39  SER A OG    1 
ATOM   309  N  N     . HIS A 1 62  ? -10.540 -2.709  7.252   1.00 4.59  ? 40  HIS A N     1 
ATOM   310  C  CA    . HIS A 1 62  ? -10.992 -3.122  5.896   1.00 5.32  ? 40  HIS A CA    1 
ATOM   311  C  C     . HIS A 1 62  ? -9.832  -3.108  4.903   1.00 4.95  ? 40  HIS A C     1 
ATOM   312  O  O     . HIS A 1 62  ? -10.082 -2.962  3.707   1.00 6.52  ? 40  HIS A O     1 
ATOM   313  C  CB    . HIS A 1 62  ? -12.116 -2.212  5.373   1.00 5.67  ? 40  HIS A CB    1 
ATOM   314  C  CG    . HIS A 1 62  ? -13.298 -2.125  6.265   1.00 6.15  ? 40  HIS A CG    1 
ATOM   315  N  ND1   . HIS A 1 62  ? -13.555 -1.008  7.036   1.00 7.95  ? 40  HIS A ND1   1 
ATOM   316  C  CD2   . HIS A 1 62  ? -14.271 -3.018  6.539   1.00 7.41  ? 40  HIS A CD2   1 
ATOM   317  C  CE1   . HIS A 1 62  ? -14.663 -1.223  7.737   1.00 7.76  ? 40  HIS A CE1   1 
ATOM   318  N  NE2   . HIS A 1 62  ? -15.122 -2.437  7.451   1.00 6.87  ? 40  HIS A NE2   1 
ATOM   319  N  N     . CYS A 1 63  ? -8.599  -3.287  5.361   1.00 5.01  ? 41  CYS A N     1 
ATOM   320  C  CA    . CYS A 1 63  ? -7.422  -3.410  4.478   1.00 4.83  ? 41  CYS A CA    1 
ATOM   321  C  C     . CYS A 1 63  ? -7.114  -4.874  4.181   1.00 4.95  ? 41  CYS A C     1 
ATOM   322  O  O     . CYS A 1 63  ? -7.463  -5.752  4.964   1.00 5.02  ? 41  CYS A O     1 
ATOM   323  C  CB    . CYS A 1 63  ? -6.209  -2.718  5.062   1.00 5.04  ? 41  CYS A CB    1 
ATOM   324  S  SG    . CYS A 1 63  ? -6.354  -0.916  5.031   1.00 6.42  ? 41  CYS A SG    1 
ATOM   325  N  N     . PHE A 1 64  ? -6.472  -5.089  3.051   1.00 4.90  ? 42  PHE A N     1 
ATOM   326  C  CA    . PHE A 1 64  ? -5.907  -6.376  2.595   1.00 5.92  ? 42  PHE A CA    1 
ATOM   327  C  C     . PHE A 1 64  ? -4.439  -6.167  2.300   1.00 6.47  ? 42  PHE A C     1 
ATOM   328  O  O     . PHE A 1 64  ? -4.081  -5.249  1.543   1.00 6.63  ? 42  PHE A O     1 
ATOM   329  C  CB    . PHE A 1 64  ? -6.618  -6.890  1.350   1.00 6.02  ? 42  PHE A CB    1 
ATOM   330  C  CG    . PHE A 1 64  ? -6.039  -8.160  0.796   1.00 6.13  ? 42  PHE A CG    1 
ATOM   331  C  CD1   . PHE A 1 64  ? -6.455  -9.389  1.280   1.00 6.88  ? 42  PHE A CD1   1 
ATOM   332  C  CD2   . PHE A 1 64  ? -5.042  -8.125  -0.175  1.00 6.30  ? 42  PHE A CD2   1 
ATOM   333  C  CE1   . PHE A 1 64  ? -5.894  -10.561 0.798   1.00 6.99  ? 42  PHE A CE1   1 
ATOM   334  C  CE2   . PHE A 1 64  ? -4.497  -9.303  -0.680  1.00 6.46  ? 42  PHE A CE2   1 
ATOM   335  C  CZ    . PHE A 1 64  ? -4.922  -10.523 -0.181  1.00 6.60  ? 42  PHE A CZ    1 
ATOM   336  N  N     A ILE A 1 65  ? -3.598  -7.020  2.871   0.50 5.95  ? 43  ILE A N     1 
ATOM   337  N  N     B ILE A 1 65  ? -3.595  -7.004  2.900   0.50 6.29  ? 43  ILE A N     1 
ATOM   338  C  CA    A ILE A 1 65  ? -2.133  -6.984  2.672   0.50 6.55  ? 43  ILE A CA    1 
ATOM   339  C  CA    B ILE A 1 65  ? -2.122  -6.992  2.716   0.50 7.19  ? 43  ILE A CA    1 
ATOM   340  C  C     A ILE A 1 65  ? -1.678  -8.386  2.306   0.50 6.36  ? 43  ILE A C     1 
ATOM   341  C  C     B ILE A 1 65  ? -1.706  -8.395  2.296   0.50 6.70  ? 43  ILE A C     1 
ATOM   342  O  O     A ILE A 1 65  ? -1.923  -9.305  3.091   0.50 6.28  ? 43  ILE A O     1 
ATOM   343  O  O     B ILE A 1 65  ? -2.026  -9.341  3.027   0.50 6.53  ? 43  ILE A O     1 
ATOM   344  C  CB    A ILE A 1 65  ? -1.408  -6.454  3.915   0.50 6.76  ? 43  ILE A CB    1 
ATOM   345  C  CB    B ILE A 1 65  ? -1.397  -6.539  3.996   0.50 7.95  ? 43  ILE A CB    1 
ATOM   346  C  CG1   A ILE A 1 65  ? -1.837  -5.021  4.240   0.50 6.63  ? 43  ILE A CG1   1 
ATOM   347  C  CG1   B ILE A 1 65  ? -2.083  -5.340  4.658   0.50 8.30  ? 43  ILE A CG1   1 
ATOM   348  C  CG2   A ILE A 1 65  ? 0.099   -6.566  3.712   0.50 7.25  ? 43  ILE A CG2   1 
ATOM   349  C  CG2   B ILE A 1 65  ? 0.072   -6.254  3.697   0.50 8.49  ? 43  ILE A CG2   1 
ATOM   350  C  CD1   A ILE A 1 65  ? -1.239  -4.457  5.501   0.50 6.64  ? 43  ILE A CD1   1 
ATOM   351  C  CD1   B ILE A 1 65  ? -1.945  -4.041  3.900   0.50 9.23  ? 43  ILE A CD1   1 
ATOM   352  N  N     . GLU A 1 66  ? -1.057  -8.506  1.140   1.00 6.31  ? 44  GLU A N     1 
ATOM   353  C  CA    . GLU A 1 66  ? -0.718  -9.800  0.529   1.00 6.10  ? 44  GLU A CA    1 
ATOM   354  C  C     . GLU A 1 66  ? 0.644   -10.238 1.057   1.00 5.97  ? 44  GLU A C     1 
ATOM   355  O  O     . GLU A 1 66  ? 1.046   -9.801  2.116   1.00 7.37  ? 44  GLU A O     1 
ATOM   356  C  CB    . GLU A 1 66  ? -0.797  -9.690  -0.997  1.00 5.66  ? 44  GLU A CB    1 
ATOM   357  C  CG    . GLU A 1 66  ? -1.374  -10.953 -1.644  1.00 5.96  ? 44  GLU A CG    1 
ATOM   358  C  CD    . GLU A 1 66  ? -1.849  -10.809 -3.082  1.00 5.96  ? 44  GLU A CD    1 
ATOM   359  O  OE1   . GLU A 1 66  ? -1.467  -9.825  -3.749  1.00 5.75  ? 44  GLU A OE1   1 
ATOM   360  O  OE2   . GLU A 1 66  ? -2.543  -11.738 -3.566  1.00 6.94  ? 44  GLU A OE2   1 
ATOM   361  N  N     . ASN A 1 67  ? 1.288   -11.156 0.360   1.00 5.98  ? 45  ASN A N     1 
ATOM   362  C  CA    . ASN A 1 67  ? 2.461   -11.893 0.876   1.00 7.26  ? 45  ASN A CA    1 
ATOM   363  C  C     . ASN A 1 67  ? 3.750   -11.152 0.531   1.00 6.72  ? 45  ASN A C     1 
ATOM   364  O  O     . ASN A 1 67  ? 4.570   -10.938 1.442   1.00 7.11  ? 45  ASN A O     1 
ATOM   365  C  CB    . ASN A 1 67  ? 2.462   -13.310 0.319   1.00 6.70  ? 45  ASN A CB    1 
ATOM   366  C  CG    . ASN A 1 67  ? 1.528   -14.200 1.105   1.00 5.90  ? 45  ASN A CG    1 
ATOM   367  O  OD1   . ASN A 1 67  ? 1.681   -14.326 2.314   1.00 6.72  ? 45  ASN A OD1   1 
ATOM   368  N  ND2   . ASN A 1 67  ? 0.573   -14.805 0.422   1.00 6.01  ? 45  ASN A ND2   1 
ATOM   369  N  N     . ASP A 1 68  ? 3.956   -10.842 -0.747  1.00 7.77  ? 46  ASP A N     1 
ATOM   370  C  CA    . ASP A 1 68  ? 5.230   -10.267 -1.239  1.00 8.61  ? 46  ASP A CA    1 
ATOM   371  C  C     . ASP A 1 68  ? 5.156   -8.755  -1.033  1.00 7.70  ? 46  ASP A C     1 
ATOM   372  O  O     . ASP A 1 68  ? 5.101   -7.984  -2.034  1.00 8.26  ? 46  ASP A O     1 
ATOM   373  C  CB    . ASP A 1 68  ? 5.490   -10.657 -2.681  1.00 10.03 ? 46  ASP A CB    1 
ATOM   374  C  CG    . ASP A 1 68  ? 6.832   -10.193 -3.200  1.00 11.83 ? 46  ASP A CG    1 
ATOM   375  O  OD1   . ASP A 1 68  ? 6.966   -10.127 -4.436  1.00 14.60 ? 46  ASP A OD1   1 
ATOM   376  O  OD2   . ASP A 1 68  ? 7.700   -9.864  -2.374  1.00 12.98 ? 46  ASP A OD2   1 
ATOM   377  N  N     . VAL A 1 69  ? 5.090   -8.361  0.229   1.00 8.11  ? 47  VAL A N     1 
ATOM   378  C  CA    . VAL A 1 69  ? 4.779   -6.977  0.648   1.00 8.42  ? 47  VAL A CA    1 
ATOM   379  C  C     . VAL A 1 69  ? 5.754   -6.569  1.741   1.00 9.28  ? 47  VAL A C     1 
ATOM   380  O  O     . VAL A 1 69  ? 5.923   -7.311  2.717   1.00 8.60  ? 47  VAL A O     1 
ATOM   381  C  CB    . VAL A 1 69  ? 3.319   -6.829  1.112   1.00 8.20  ? 47  VAL A CB    1 
ATOM   382  C  CG1   . VAL A 1 69  ? 3.084   -5.454  1.707   1.00 9.23  ? 47  VAL A CG1   1 
ATOM   383  C  CG2   . VAL A 1 69  ? 2.338   -7.123  -0.007  1.00 8.19  ? 47  VAL A CG2   1 
ATOM   384  N  N     . LYS A 1 70  ? 6.365   -5.409  1.582   1.00 9.21  ? 48  LYS A N     1 
ATOM   385  C  CA    . LYS A 1 70  ? 7.184   -4.810  2.643   1.00 10.38 ? 48  LYS A CA    1 
ATOM   386  C  C     . LYS A 1 70  ? 6.655   -3.417  2.939   1.00 9.04  ? 48  LYS A C     1 
ATOM   387  O  O     . LYS A 1 70  ? 6.543   -2.608  2.019   1.00 8.59  ? 48  LYS A O     1 
ATOM   388  C  CB    . LYS A 1 70  ? 8.655   -4.776  2.245   1.00 13.33 ? 48  LYS A CB    1 
ATOM   389  C  CG    . LYS A 1 70  ? 9.550   -4.144  3.298   1.00 20.53 ? 48  LYS A CG    1 
ATOM   390  C  CD    . LYS A 1 70  ? 11.019  -4.485  3.150   1.00 27.11 ? 48  LYS A CD    1 
ATOM   391  C  CE    . LYS A 1 70  ? 11.792  -4.260  4.434   1.00 33.66 ? 48  LYS A CE    1 
ATOM   392  N  NZ    . LYS A 1 70  ? 13.248  -4.418  4.215   1.00 40.74 ? 48  LYS A NZ    1 
ATOM   393  N  N     . ILE A 1 71  ? 6.367   -3.170  4.200   1.00 8.52  ? 49  ILE A N     1 
ATOM   394  C  CA    . ILE A 1 71  ? 5.891   -1.881  4.738   1.00 8.64  ? 49  ILE A CA    1 
ATOM   395  C  C     . ILE A 1 71  ? 6.850   -1.471  5.840   1.00 9.58  ? 49  ILE A C     1 
ATOM   396  O  O     . ILE A 1 71  ? 7.105   -2.292  6.726   1.00 9.29  ? 49  ILE A O     1 
ATOM   397  C  CB    . ILE A 1 71  ? 4.442   -2.029  5.227   1.00 8.48  ? 49  ILE A CB    1 
ATOM   398  C  CG1   . ILE A 1 71  ? 3.490   -2.309  4.058   1.00 8.14  ? 49  ILE A CG1   1 
ATOM   399  C  CG2   . ILE A 1 71  ? 4.048   -0.818  6.046   1.00 8.29  ? 49  ILE A CG2   1 
ATOM   400  C  CD1   . ILE A 1 71  ? 2.138   -2.864  4.448   1.00 8.35  ? 49  ILE A CD1   1 
ATOM   401  N  N     . GLY A 1 72  ? 7.349   -0.245  5.775   1.00 8.88  ? 50  GLY A N     1 
ATOM   402  C  CA    . GLY A 1 72  ? 8.354   0.281   6.713   1.00 8.77  ? 50  GLY A CA    1 
ATOM   403  C  C     . GLY A 1 72  ? 7.762   0.679   8.048   1.00 9.44  ? 50  GLY A C     1 
ATOM   404  O  O     . GLY A 1 72  ? 6.682   0.163   8.437   1.00 10.93 ? 50  GLY A O     1 
ATOM   405  N  N     . ASN A 1 73  ? 8.457   1.575   8.751   1.00 8.52  ? 51  ASN A N     1 
ATOM   406  C  CA    . ASN A 1 73  ? 8.071   2.095   10.081  1.00 10.01 ? 51  ASN A CA    1 
ATOM   407  C  C     . ASN A 1 73  ? 7.214   3.353   9.918   1.00 9.21  ? 51  ASN A C     1 
ATOM   408  O  O     . ASN A 1 73  ? 7.421   4.104   8.949   1.00 9.15  ? 51  ASN A O     1 
ATOM   409  C  CB    . ASN A 1 73  ? 9.304   2.396   10.943  1.00 10.95 ? 51  ASN A CB    1 
ATOM   410  C  CG    . ASN A 1 73  ? 10.246  1.218   11.062  1.00 12.79 ? 51  ASN A CG    1 
ATOM   411  O  OD1   . ASN A 1 73  ? 9.826   0.080   11.272  1.00 11.57 ? 51  ASN A OD1   1 
ATOM   412  N  ND2   . ASN A 1 73  ? 11.540  1.480   10.936  1.00 13.29 ? 51  ASN A ND2   1 
ATOM   413  N  N     . ASN A 1 74  ? 6.302   3.583   10.861  1.00 9.06  ? 52  ASN A N     1 
ATOM   414  C  CA    . ASN A 1 74  ? 5.533   4.844   11.001  1.00 9.15  ? 52  ASN A CA    1 
ATOM   415  C  C     . ASN A 1 74  ? 4.660   5.051   9.765   1.00 9.55  ? 52  ASN A C     1 
ATOM   416  O  O     . ASN A 1 74  ? 4.409   6.226   9.402   1.00 9.17  ? 52  ASN A O     1 
ATOM   417  C  CB    . ASN A 1 74  ? 6.451   6.057   11.150  1.00 12.94 ? 52  ASN A CB    1 
ATOM   418  C  CG    . ASN A 1 74  ? 7.467   5.885   12.250  1.00 18.05 ? 52  ASN A CG    1 
ATOM   419  O  OD1   . ASN A 1 74  ? 7.103   5.531   13.355  1.00 20.82 ? 52  ASN A OD1   1 
ATOM   420  N  ND2   . ASN A 1 74  ? 8.729   6.158   11.947  1.00 21.70 ? 52  ASN A ND2   1 
ATOM   421  N  N     . VAL A 1 75  ? 4.216   3.959   9.149   1.00 7.92  ? 53  VAL A N     1 
ATOM   422  C  CA    . VAL A 1 75  ? 3.341   4.015   7.947   1.00 7.57  ? 53  VAL A CA    1 
ATOM   423  C  C     . VAL A 1 75  ? 1.882   4.062   8.407   1.00 7.98  ? 53  VAL A C     1 
ATOM   424  O  O     . VAL A 1 75  ? 1.516   3.280   9.272   1.00 8.65  ? 53  VAL A O     1 
ATOM   425  C  CB    . VAL A 1 75  ? 3.595   2.831   7.003   1.00 7.53  ? 53  VAL A CB    1 
ATOM   426  C  CG1   . VAL A 1 75  ? 2.544   2.791   5.898   1.00 7.92  ? 53  VAL A CG1   1 
ATOM   427  C  CG2   . VAL A 1 75  ? 5.001   2.838   6.428   1.00 8.37  ? 53  VAL A CG2   1 
ATOM   428  N  N     . THR A 1 76  ? 1.101   4.979   7.846   1.00 7.05  ? 54  THR A N     1 
ATOM   429  C  CA    . THR A 1 76  ? -0.370  5.066   8.010   1.00 6.97  ? 54  THR A CA    1 
ATOM   430  C  C     . THR A 1 76  ? -1.032  4.514   6.764   1.00 7.32  ? 54  THR A C     1 
ATOM   431  O  O     . THR A 1 76  ? -0.822  5.085   5.678   1.00 7.29  ? 54  THR A O     1 
ATOM   432  C  CB    . THR A 1 76  ? -0.830  6.507   8.265   1.00 8.10  ? 54  THR A CB    1 
ATOM   433  O  OG1   . THR A 1 76  ? -0.110  7.016   9.404   1.00 8.56  ? 54  THR A OG1   1 
ATOM   434  C  CG2   . THR A 1 76  ? -2.321  6.599   8.495   1.00 9.18  ? 54  THR A CG2   1 
ATOM   435  N  N     . ILE A 1 77  ? -1.820  3.455   6.900   1.00 6.56  ? 55  ILE A N     1 
ATOM   436  C  CA    . ILE A 1 77  ? -2.684  2.959   5.804   1.00 6.39  ? 55  ILE A CA    1 
ATOM   437  C  C     . ILE A 1 77  ? -4.124  3.109   6.252   1.00 6.09  ? 55  ILE A C     1 
ATOM   438  O  O     . ILE A 1 77  ? -4.543  2.396   7.191   1.00 5.88  ? 55  ILE A O     1 
ATOM   439  C  CB    . ILE A 1 77  ? -2.332  1.516   5.408   1.00 7.34  ? 55  ILE A CB    1 
ATOM   440  C  CG1   . ILE A 1 77  ? -0.820  1.355   5.206   1.00 9.13  ? 55  ILE A CG1   1 
ATOM   441  C  CG2   . ILE A 1 77  ? -3.125  1.103   4.187   1.00 7.22  ? 55  ILE A CG2   1 
ATOM   442  C  CD1   . ILE A 1 77  ? -0.423  0.105   4.484   1.00 10.44 ? 55  ILE A CD1   1 
ATOM   443  N  N     . LYS A 1 78  ? -4.834  4.040   5.648   1.00 6.16  ? 56  LYS A N     1 
ATOM   444  C  CA    . LYS A 1 78  ? -6.226  4.338   6.031   1.00 5.68  ? 56  LYS A CA    1 
ATOM   445  C  C     . LYS A 1 78  ? -7.128  3.236   5.474   1.00 5.21  ? 56  LYS A C     1 
ATOM   446  O  O     . LYS A 1 78  ? -6.643  2.355   4.739   1.00 5.03  ? 56  LYS A O     1 
ATOM   447  C  CB    . LYS A 1 78  ? -6.620  5.726   5.542   1.00 6.13  ? 56  LYS A CB    1 
ATOM   448  C  CG    . LYS A 1 78  ? -5.807  6.863   6.152   1.00 7.14  ? 56  LYS A CG    1 
ATOM   449  C  CD    . LYS A 1 78  ? -5.797  6.874   7.675   1.00 7.99  ? 56  LYS A CD    1 
ATOM   450  C  CE    . LYS A 1 78  ? -7.182  6.808   8.296   1.00 9.37  ? 56  LYS A CE    1 
ATOM   451  N  NZ    . LYS A 1 78  ? -7.216  7.377   9.668   1.00 9.42  ? 56  LYS A NZ    1 
ATOM   452  N  N     . CYS A 1 79  ? -8.411  3.307   5.801   1.00 4.74  ? 57  CYS A N     1 
ATOM   453  C  CA    . CYS A 1 79  ? -9.367  2.202   5.564   1.00 5.28  ? 57  CYS A CA    1 
ATOM   454  C  C     . CYS A 1 79  ? -9.456  1.852   4.084   1.00 5.58  ? 57  CYS A C     1 
ATOM   455  O  O     . CYS A 1 79  ? -9.379  2.757   3.235   1.00 6.02  ? 57  CYS A O     1 
ATOM   456  C  CB    . CYS A 1 79  ? -10.749 2.601   6.036   1.00 5.66  ? 57  CYS A CB    1 
ATOM   457  S  SG    . CYS A 1 79  ? -10.815 3.058   7.787   1.00 6.91  ? 57  CYS A SG    1 
ATOM   458  N  N     . GLY A 1 80  ? -9.707  0.578   3.790   1.00 5.24  ? 58  GLY A N     1 
ATOM   459  C  CA    . GLY A 1 80  ? -10.210 0.140   2.487   1.00 5.80  ? 58  GLY A CA    1 
ATOM   460  C  C     . GLY A 1 80  ? -9.122  0.064   1.426   1.00 6.00  ? 58  GLY A C     1 
ATOM   461  O  O     . GLY A 1 80  ? -9.460  0.094   0.226   1.00 7.48  ? 58  GLY A O     1 
ATOM   462  N  N     . VAL A 1 81  ? -7.869  -0.051  1.858   1.00 6.50  ? 59  VAL A N     1 
ATOM   463  C  CA    . VAL A 1 81  ? -6.675  -0.139  0.967   1.00 6.30  ? 59  VAL A CA    1 
ATOM   464  C  C     . VAL A 1 81  ? -6.255  -1.607  0.826   1.00 6.66  ? 59  VAL A C     1 
ATOM   465  O  O     . VAL A 1 81  ? -6.201  -2.339  1.865   1.00 6.77  ? 59  VAL A O     1 
ATOM   466  C  CB    . VAL A 1 81  ? -5.530  0.725   1.509   1.00 6.82  ? 59  VAL A CB    1 
ATOM   467  C  CG1   . VAL A 1 81  ? -4.268  0.556   0.676   1.00 7.26  ? 59  VAL A CG1   1 
ATOM   468  C  CG2   . VAL A 1 81  ? -5.924  2.200   1.593   1.00 8.02  ? 59  VAL A CG2   1 
ATOM   469  N  N     . GLN A 1 82  ? -5.870  -2.017  -0.381  1.00 6.20  ? 60  GLN A N     1 
ATOM   470  C  CA    . GLN A 1 82  ? -5.201  -3.324  -0.600  1.00 6.56  ? 60  GLN A CA    1 
ATOM   471  C  C     . GLN A 1 82  ? -3.769  -3.110  -1.083  1.00 7.19  ? 60  GLN A C     1 
ATOM   472  O  O     . GLN A 1 82  ? -3.560  -2.376  -2.070  1.00 6.97  ? 60  GLN A O     1 
ATOM   473  C  CB    . GLN A 1 82  ? -5.965  -4.188  -1.586  1.00 7.76  ? 60  GLN A CB    1 
ATOM   474  C  CG    . GLN A 1 82  ? -7.436  -4.308  -1.243  1.00 8.05  ? 60  GLN A CG    1 
ATOM   475  C  CD    . GLN A 1 82  ? -8.277  -3.311  -1.998  1.00 8.18  ? 60  GLN A CD    1 
ATOM   476  O  OE1   . GLN A 1 82  ? -7.877  -2.800  -3.050  1.00 8.48  ? 60  GLN A OE1   1 
ATOM   477  N  NE2   . GLN A 1 82  ? -9.453  -3.030  -1.461  1.00 7.44  ? 60  GLN A NE2   1 
ATOM   478  N  N     . ILE A 1 83  ? -2.825  -3.766  -0.420  1.00 6.88  ? 61  ILE A N     1 
ATOM   479  C  CA    . ILE A 1 83  ? -1.389  -3.774  -0.790  1.00 7.01  ? 61  ILE A CA    1 
ATOM   480  C  C     . ILE A 1 83  ? -1.069  -5.157  -1.358  1.00 6.87  ? 61  ILE A C     1 
ATOM   481  O  O     . ILE A 1 83  ? -1.033  -6.135  -0.594  1.00 7.17  ? 61  ILE A O     1 
ATOM   482  C  CB    . ILE A 1 83  ? -0.496  -3.398  0.396   1.00 8.57  ? 61  ILE A CB    1 
ATOM   483  C  CG1   . ILE A 1 83  ? -0.977  -2.136  1.135   1.00 9.21  ? 61  ILE A CG1   1 
ATOM   484  C  CG2   . ILE A 1 83  ? 0.942   -3.274  -0.080  1.00 8.77  ? 61  ILE A CG2   1 
ATOM   485  C  CD1   . ILE A 1 83  ? -0.903  -0.873  0.338   1.00 10.78 ? 61  ILE A CD1   1 
ATOM   486  N  N     . TRP A 1 84  ? -0.885  -5.224  -2.672  1.00 6.91  ? 62  TRP A N     1 
ATOM   487  C  CA    . TRP A 1 84  ? -0.709  -6.484  -3.430  1.00 7.38  ? 62  TRP A CA    1 
ATOM   488  C  C     . TRP A 1 84  ? 0.738   -6.946  -3.389  1.00 6.96  ? 62  TRP A C     1 
ATOM   489  O  O     . TRP A 1 84  ? 1.642   -6.126  -3.136  1.00 6.82  ? 62  TRP A O     1 
ATOM   490  C  CB    . TRP A 1 84  ? -1.145  -6.312  -4.881  1.00 7.65  ? 62  TRP A CB    1 
ATOM   491  C  CG    . TRP A 1 84  ? -2.490  -5.684  -4.993  1.00 8.06  ? 62  TRP A CG    1 
ATOM   492  C  CD1   . TRP A 1 84  ? -2.763  -4.416  -5.418  1.00 8.19  ? 62  TRP A CD1   1 
ATOM   493  C  CD2   . TRP A 1 84  ? -3.745  -6.273  -4.618  1.00 8.16  ? 62  TRP A CD2   1 
ATOM   494  N  NE1   . TRP A 1 84  ? -4.111  -4.188  -5.346  1.00 8.19  ? 62  TRP A NE1   1 
ATOM   495  C  CE2   . TRP A 1 84  ? -4.733  -5.297  -4.850  1.00 7.91  ? 62  TRP A CE2   1 
ATOM   496  C  CE3   . TRP A 1 84  ? -4.125  -7.523  -4.108  1.00 8.48  ? 62  TRP A CE3   1 
ATOM   497  C  CZ2   . TRP A 1 84  ? -6.078  -5.537  -4.592  1.00 8.38  ? 62  TRP A CZ2   1 
ATOM   498  C  CZ3   . TRP A 1 84  ? -5.457  -7.765  -3.862  1.00 8.34  ? 62  TRP A CZ3   1 
ATOM   499  C  CH2   . TRP A 1 84  ? -6.415  -6.779  -4.105  1.00 7.85  ? 62  TRP A CH2   1 
ATOM   500  N  N     . ASP A 1 85  ? 0.926   -8.214  -3.735  1.00 7.11  ? 63  ASP A N     1 
ATOM   501  C  CA    . ASP A 1 85  ? 2.261   -8.750  -4.059  1.00 7.18  ? 63  ASP A CA    1 
ATOM   502  C  C     . ASP A 1 85  ? 2.971   -7.777  -5.007  1.00 7.55  ? 63  ASP A C     1 
ATOM   503  O  O     . ASP A 1 85  ? 2.379   -7.356  -6.013  1.00 7.86  ? 63  ASP A O     1 
ATOM   504  C  CB    . ASP A 1 85  ? 2.141   -10.131 -4.678  1.00 6.87  ? 63  ASP A CB    1 
ATOM   505  C  CG    . ASP A 1 85  ? 1.687   -11.209 -3.714  1.00 6.94  ? 63  ASP A CG    1 
ATOM   506  O  OD1   . ASP A 1 85  ? 1.787   -11.008 -2.484  1.00 7.43  ? 63  ASP A OD1   1 
ATOM   507  O  OD2   . ASP A 1 85  ? 1.243   -12.240 -4.224  1.00 8.11  ? 63  ASP A OD2   1 
ATOM   508  N  N     . GLY A 1 86  ? 4.227   -7.475  -4.705  1.00 9.09  ? 64  GLY A N     1 
ATOM   509  C  CA    . GLY A 1 86  ? 5.081   -6.622  -5.539  1.00 9.42  ? 64  GLY A CA    1 
ATOM   510  C  C     . GLY A 1 86  ? 5.092   -5.166  -5.105  1.00 11.16 ? 64  GLY A C     1 
ATOM   511  O  O     . GLY A 1 86  ? 5.749   -4.360  -5.778  1.00 9.89  ? 64  GLY A O     1 
ATOM   512  N  N     . ILE A 1 87  ? 4.362   -4.799  -4.052  1.00 9.22  ? 65  ILE A N     1 
ATOM   513  C  CA    . ILE A 1 87  ? 4.273   -3.386  -3.582  1.00 11.01 ? 65  ILE A CA    1 
ATOM   514  C  C     . ILE A 1 87  ? 5.149   -3.247  -2.342  1.00 9.84  ? 65  ILE A C     1 
ATOM   515  O  O     . ILE A 1 87  ? 4.969   -4.052  -1.403  1.00 9.87  ? 65  ILE A O     1 
ATOM   516  C  CB    . ILE A 1 87  ? 2.825   -2.989  -3.268  1.00 12.03 ? 65  ILE A CB    1 
ATOM   517  C  CG1   . ILE A 1 87  ? 1.845   -3.371  -4.385  1.00 18.03 ? 65  ILE A CG1   1 
ATOM   518  C  CG2   . ILE A 1 87  ? 2.753   -1.527  -2.863  1.00 13.83 ? 65  ILE A CG2   1 
ATOM   519  C  CD1   . ILE A 1 87  ? 1.806   -2.474  -5.559  1.00 19.20 ? 65  ILE A CD1   1 
ATOM   520  N  N     . GLU A 1 88  ? 6.012   -2.231  -2.347  1.00 9.94  ? 66  GLU A N     1 
ATOM   521  C  CA    . GLU A 1 88  ? 6.817   -1.842  -1.172  1.00 9.89  ? 66  GLU A CA    1 
ATOM   522  C  C     . GLU A 1 88  ? 6.462   -0.411  -0.758  1.00 9.09  ? 66  GLU A C     1 
ATOM   523  O  O     . GLU A 1 88  ? 6.367   0.415   -1.575  1.00 8.35  ? 66  GLU A O     1 
ATOM   524  C  CB    . GLU A 1 88  ? 8.322   -1.968  -1.393  1.00 10.59 ? 66  GLU A CB    1 
ATOM   525  C  CG    . GLU A 1 88  ? 9.141   -1.409  -0.250  1.00 12.13 ? 66  GLU A CG    1 
ATOM   526  C  CD    . GLU A 1 88  ? 10.607  -1.791  -0.229  1.00 14.04 ? 66  GLU A CD    1 
ATOM   527  O  OE1   . GLU A 1 88  ? 11.268  -1.423  0.690   1.00 15.75 ? 66  GLU A OE1   1 
ATOM   528  O  OE2   . GLU A 1 88  ? 11.027  -2.419  -1.161  1.00 17.21 ? 66  GLU A OE2   1 
ATOM   529  N  N     . ILE A 1 89  ? 6.230   -0.239  0.528   1.00 8.37  ? 67  ILE A N     1 
ATOM   530  C  CA    . ILE A 1 89  ? 5.949   1.077   1.151   1.00 8.93  ? 67  ILE A CA    1 
ATOM   531  C  C     . ILE A 1 89  ? 7.118   1.344   2.104   1.00 8.31  ? 67  ILE A C     1 
ATOM   532  O  O     . ILE A 1 89  ? 7.329   0.571   2.991   1.00 8.95  ? 67  ILE A O     1 
ATOM   533  C  CB    . ILE A 1 89  ? 4.592   1.042   1.889   1.00 9.30  ? 67  ILE A CB    1 
ATOM   534  C  CG1   . ILE A 1 89  ? 3.441   0.469   1.046   1.00 10.58 ? 67  ILE A CG1   1 
ATOM   535  C  CG2   . ILE A 1 89  ? 4.282   2.423   2.472   1.00 9.59  ? 67  ILE A CG2   1 
ATOM   536  C  CD1   . ILE A 1 89  ? 3.143   1.227   -0.238  1.00 12.38 ? 67  ILE A CD1   1 
ATOM   537  N  N     . GLU A 1 90  ? 7.795   2.487   1.937   1.00 8.14  ? 68  GLU A N     1 
ATOM   538  C  CA    . GLU A 1 90  ? 8.952   2.857   2.787   1.00 8.44  ? 68  GLU A CA    1 
ATOM   539  C  C     . GLU A 1 90  ? 8.435   3.525   4.059   1.00 8.47  ? 68  GLU A C     1 
ATOM   540  O  O     . GLU A 1 90  ? 7.270   3.746   4.189   1.00 8.14  ? 68  GLU A O     1 
ATOM   541  C  CB    . GLU A 1 90  ? 9.936   3.728   1.994   1.00 9.57  ? 68  GLU A CB    1 
ATOM   542  C  CG    . GLU A 1 90  ? 10.666  2.919   0.942   1.00 10.17 ? 68  GLU A CG    1 
ATOM   543  C  CD    . GLU A 1 90  ? 11.868  3.621   0.329   1.00 10.54 ? 68  GLU A CD    1 
ATOM   544  O  OE1   . GLU A 1 90  ? 11.967  4.817   0.478   1.00 10.62 ? 68  GLU A OE1   1 
ATOM   545  O  OE2   . GLU A 1 90  ? 12.664  2.950   -0.245  1.00 12.22 ? 68  GLU A OE2   1 
ATOM   546  N  N     . ASP A 1 91  ? 9.366   3.953   4.908   1.00 8.50  ? 69  ASP A N     1 
ATOM   547  C  CA    . ASP A 1 91  ? 9.017   4.576   6.199   1.00 9.84  ? 69  ASP A CA    1 
ATOM   548  C  C     . ASP A 1 91  ? 8.267   5.902   6.009   1.00 8.24  ? 69  ASP A C     1 
ATOM   549  O  O     . ASP A 1 91  ? 8.473   6.548   4.984   1.00 8.16  ? 69  ASP A O     1 
ATOM   550  C  CB    . ASP A 1 91  ? 10.278  4.918   6.998   1.00 10.40 ? 69  ASP A CB    1 
ATOM   551  C  CG    . ASP A 1 91  ? 11.174  3.763   7.404   1.00 13.90 ? 69  ASP A CG    1 
ATOM   552  O  OD1   . ASP A 1 91  ? 10.735  2.652   7.418   1.00 11.36 ? 69  ASP A OD1   1 
ATOM   553  O  OD2   . ASP A 1 91  ? 12.327  4.061   7.649   1.00 14.29 ? 69  ASP A OD2   1 
ATOM   554  N  N     . ASP A 1 92  ? 7.357   6.161   6.957   1.00 8.59  ? 70  ASP A N     1 
ATOM   555  C  CA    . ASP A 1 92  ? 6.746   7.491   7.172   1.00 9.35  ? 70  ASP A CA    1 
ATOM   556  C  C     . ASP A 1 92  ? 5.767   7.811   6.034   1.00 7.97  ? 70  ASP A C     1 
ATOM   557  O  O     . ASP A 1 92  ? 5.394   8.967   5.908   1.00 8.77  ? 70  ASP A O     1 
ATOM   558  C  CB    . ASP A 1 92  ? 7.820   8.575   7.269   1.00 11.04 ? 70  ASP A CB    1 
ATOM   559  C  CG    . ASP A 1 92  ? 8.827   8.342   8.386   1.00 16.17 ? 70  ASP A CG    1 
ATOM   560  O  OD1   . ASP A 1 92  ? 8.422   7.836   9.432   1.00 17.68 ? 70  ASP A OD1   1 
ATOM   561  O  OD2   . ASP A 1 92  ? 10.001  8.703   8.198   1.00 21.45 ? 70  ASP A OD2   1 
ATOM   562  N  N     . VAL A 1 93  ? 5.360   6.815   5.246   1.00 6.87  ? 71  VAL A N     1 
ATOM   563  C  CA    . VAL A 1 93  ? 4.382   6.983   4.144   1.00 6.65  ? 71  VAL A CA    1 
ATOM   564  C  C     . VAL A 1 93  ? 2.973   7.084   4.723   1.00 6.52  ? 71  VAL A C     1 
ATOM   565  O  O     . VAL A 1 93  ? 2.659   6.377   5.693   1.00 6.50  ? 71  VAL A O     1 
ATOM   566  C  CB    . VAL A 1 93  ? 4.493   5.856   3.112   1.00 6.83  ? 71  VAL A CB    1 
ATOM   567  C  CG1   . VAL A 1 93  ? 3.288   5.845   2.185   1.00 6.40  ? 71  VAL A CG1   1 
ATOM   568  C  CG2   . VAL A 1 93  ? 5.784   5.966   2.330   1.00 6.60  ? 71  VAL A CG2   1 
ATOM   569  N  N     . PHE A 1 94  ? 2.160   7.942   4.133   1.00 6.39  ? 72  PHE A N     1 
ATOM   570  C  CA    . PHE A 1 94  ? 0.704   8.048   4.386   1.00 7.35  ? 72  PHE A CA    1 
ATOM   571  C  C     . PHE A 1 94  ? -0.037  7.539   3.153   1.00 6.85  ? 72  PHE A C     1 
ATOM   572  O  O     . PHE A 1 94  ? 0.210   8.040   2.050   1.00 6.98  ? 72  PHE A O     1 
ATOM   573  C  CB    . PHE A 1 94  ? 0.309   9.485   4.709   1.00 7.68  ? 72  PHE A CB    1 
ATOM   574  C  CG    . PHE A 1 94  ? -1.181  9.684   4.817   1.00 7.83  ? 72  PHE A CG    1 
ATOM   575  C  CD1   . PHE A 1 94  ? -1.818  9.620   6.047   1.00 8.20  ? 72  PHE A CD1   1 
ATOM   576  C  CD2   . PHE A 1 94  ? -1.960  9.824   3.683   1.00 7.57  ? 72  PHE A CD2   1 
ATOM   577  C  CE1   . PHE A 1 94  ? -3.196  9.755   6.147   1.00 8.04  ? 72  PHE A CE1   1 
ATOM   578  C  CE2   . PHE A 1 94  ? -3.332  9.982   3.783   1.00 8.24  ? 72  PHE A CE2   1 
ATOM   579  C  CZ    . PHE A 1 94  ? -3.951  9.939   5.011   1.00 8.18  ? 72  PHE A CZ    1 
ATOM   580  N  N     . ILE A 1 95  ? -0.915  6.551   3.319   1.00 6.37  ? 73  ILE A N     1 
ATOM   581  C  CA    A ILE A 1 95  ? -1.802  6.073   2.228   0.50 6.05  ? 73  ILE A CA    1 
ATOM   582  C  CA    B ILE A 1 95  ? -1.803  6.066   2.229   0.50 6.37  ? 73  ILE A CA    1 
ATOM   583  C  C     . ILE A 1 95  ? -3.241  6.372   2.625   1.00 5.83  ? 73  ILE A C     1 
ATOM   584  O  O     . ILE A 1 95  ? -3.698  5.806   3.638   1.00 4.85  ? 73  ILE A O     1 
ATOM   585  C  CB    A ILE A 1 95  ? -1.590  4.577   1.949   0.50 5.97  ? 73  ILE A CB    1 
ATOM   586  C  CB    B ILE A 1 95  ? -1.602  4.566   1.965   0.50 6.71  ? 73  ILE A CB    1 
ATOM   587  C  CG1   A ILE A 1 95  ? -0.118  4.233   1.697   0.50 6.02  ? 73  ILE A CG1   1 
ATOM   588  C  CG1   B ILE A 1 95  ? -0.128  4.205   1.764   0.50 7.23  ? 73  ILE A CG1   1 
ATOM   589  C  CG2   A ILE A 1 95  ? -2.490  4.135   0.802   0.50 6.51  ? 73  ILE A CG2   1 
ATOM   590  C  CG2   B ILE A 1 95  ? -2.465  4.131   0.787   0.50 7.35  ? 73  ILE A CG2   1 
ATOM   591  C  CD1   A ILE A 1 95  ? 0.127   2.767   1.445   0.50 6.02  ? 73  ILE A CD1   1 
ATOM   592  C  CD1   B ILE A 1 95  ? 0.482   4.831   0.543   0.50 7.93  ? 73  ILE A CD1   1 
ATOM   593  N  N     . GLY A 1 96  ? -3.901  7.214   1.852   1.00 5.54  ? 74  GLY A N     1 
ATOM   594  C  CA    . GLY A 1 96  ? -5.261  7.671   2.143   1.00 5.56  ? 74  GLY A CA    1 
ATOM   595  C  C     . GLY A 1 96  ? -6.276  6.551   1.966   1.00 5.62  ? 74  GLY A C     1 
ATOM   596  O  O     . GLY A 1 96  ? -5.980  5.470   1.430   1.00 6.13  ? 74  GLY A O     1 
ATOM   597  N  N     . PRO A 1 97  ? -7.509  6.785   2.438   1.00 6.95  ? 75  PRO A N     1 
ATOM   598  C  CA    . PRO A 1 97  ? -8.537  5.764   2.385   1.00 7.85  ? 75  PRO A CA    1 
ATOM   599  C  C     . PRO A 1 97  ? -8.904  5.448   0.934   1.00 7.40  ? 75  PRO A C     1 
ATOM   600  O  O     . PRO A 1 97  ? -8.967  6.361   0.101   1.00 6.40  ? 75  PRO A O     1 
ATOM   601  C  CB    . PRO A 1 97  ? -9.711  6.397   3.128   1.00 8.59  ? 75  PRO A CB    1 
ATOM   602  C  CG    . PRO A 1 97  ? -9.478  7.899   2.968   1.00 8.73  ? 75  PRO A CG    1 
ATOM   603  C  CD    . PRO A 1 97  ? -7.974  8.049   3.027   1.00 8.22  ? 75  PRO A CD    1 
ATOM   604  N  N     . ASN A 1 98  ? -9.158  4.168   0.675   1.00 7.69  ? 76  ASN A N     1 
ATOM   605  C  CA    . ASN A 1 98  ? -9.673  3.619   -0.598  1.00 8.30  ? 76  ASN A CA    1 
ATOM   606  C  C     . ASN A 1 98  ? -8.648  3.860   -1.714  1.00 7.41  ? 76  ASN A C     1 
ATOM   607  O  O     . ASN A 1 98  ? -8.994  3.679   -2.865  1.00 8.33  ? 76  ASN A O     1 
ATOM   608  C  CB    . ASN A 1 98  ? -11.042 4.201   -0.928  1.00 9.31  ? 76  ASN A CB    1 
ATOM   609  C  CG    . ASN A 1 98  ? -12.131 3.756   0.030   1.00 12.74 ? 76  ASN A CG    1 
ATOM   610  O  OD1   . ASN A 1 98  ? -11.940 2.827   0.815   1.00 12.63 ? 76  ASN A OD1   1 
ATOM   611  N  ND2   . ASN A 1 98  ? -13.290 4.409   -0.022  1.00 13.74 ? 76  ASN A ND2   1 
ATOM   612  N  N     . VAL A 1 99  ? -7.406  4.198   -1.380  1.00 6.88  ? 77  VAL A N     1 
ATOM   613  C  CA    . VAL A 1 99  ? -6.314  4.183   -2.383  1.00 7.06  ? 77  VAL A CA    1 
ATOM   614  C  C     . VAL A 1 99  ? -6.209  2.773   -2.947  1.00 7.63  ? 77  VAL A C     1 
ATOM   615  O  O     . VAL A 1 99  ? -6.296  1.778   -2.182  1.00 7.91  ? 77  VAL A O     1 
ATOM   616  C  CB    . VAL A 1 99  ? -4.971  4.665   -1.831  1.00 7.51  ? 77  VAL A CB    1 
ATOM   617  C  CG1   . VAL A 1 99  ? -3.820  4.313   -2.759  1.00 8.05  ? 77  VAL A CG1   1 
ATOM   618  C  CG2   . VAL A 1 99  ? -5.032  6.155   -1.553  1.00 7.82  ? 77  VAL A CG2   1 
ATOM   619  N  N     . THR A 1 100 ? -6.040  2.688   -4.254  1.00 7.28  ? 78  THR A N     1 
ATOM   620  C  CA    A THR A 1 100 ? -5.951  1.406   -4.978  0.50 7.42  ? 78  THR A CA    1 
ATOM   621  C  CA    B THR A 1 100 ? -5.926  1.388   -4.964  0.50 8.22  ? 78  THR A CA    1 
ATOM   622  C  C     . THR A 1 100 ? -4.577  1.295   -5.657  1.00 7.79  ? 78  THR A C     1 
ATOM   623  O  O     . THR A 1 100 ? -4.123  2.286   -6.253  1.00 9.03  ? 78  THR A O     1 
ATOM   624  C  CB    A THR A 1 100 ? -7.179  1.282   -5.884  0.50 7.52  ? 78  THR A CB    1 
ATOM   625  C  CB    B THR A 1 100 ? -7.052  1.133   -5.975  0.50 9.48  ? 78  THR A CB    1 
ATOM   626  O  OG1   A THR A 1 100 ? -8.298  1.726   -5.114  0.50 6.98  ? 78  THR A OG1   1 
ATOM   627  O  OG1   B THR A 1 100 ? -6.723  1.782   -7.204  0.50 11.23 ? 78  THR A OG1   1 
ATOM   628  C  CG2   A THR A 1 100 ? -7.418  -0.129  -6.352  0.50 7.20  ? 78  THR A CG2   1 
ATOM   629  C  CG2   B THR A 1 100 ? -8.399  1.581   -5.464  0.50 9.30  ? 78  THR A CG2   1 
ATOM   630  N  N     . PHE A 1 101 ? -3.982  0.129   -5.568  1.00 7.32  ? 79  PHE A N     1 
ATOM   631  C  CA    . PHE A 1 101 ? -2.704  -0.216  -6.200  1.00 8.04  ? 79  PHE A CA    1 
ATOM   632  C  C     . PHE A 1 101 ? -2.934  -1.278  -7.264  1.00 8.27  ? 79  PHE A C     1 
ATOM   633  O  O     . PHE A 1 101 ? -3.994  -1.919  -7.334  1.00 8.79  ? 79  PHE A O     1 
ATOM   634  C  CB    . PHE A 1 101 ? -1.717  -0.714  -5.138  1.00 8.55  ? 79  PHE A CB    1 
ATOM   635  C  CG    . PHE A 1 101 ? -1.271  0.357   -4.171  1.00 9.17  ? 79  PHE A CG    1 
ATOM   636  C  CD1   . PHE A 1 101 ? -0.248  1.232   -4.495  1.00 9.13  ? 79  PHE A CD1   1 
ATOM   637  C  CD2   . PHE A 1 101 ? -1.888  0.505   -2.939  1.00 9.63  ? 79  PHE A CD2   1 
ATOM   638  C  CE1   . PHE A 1 101 ? 0.161   2.212   -3.611  1.00 9.57  ? 79  PHE A CE1   1 
ATOM   639  C  CE2   . PHE A 1 101 ? -1.463  1.479   -2.044  1.00 9.98  ? 79  PHE A CE2   1 
ATOM   640  C  CZ    . PHE A 1 101 ? -0.453  2.343   -2.393  1.00 9.36  ? 79  PHE A CZ    1 
ATOM   641  N  N     A CYS A 1 102 A -1.831  -1.544  -7.951  0.50 8.01  ? 80  CYS A N     1 
ATOM   642  N  N     B CYS A 1 102 A -1.823  -1.575  -7.929  0.50 8.33  ? 80  CYS A N     1 
ATOM   643  C  CA    A CYS A 1 102 A -1.981  -2.636  -8.899  0.50 8.59  ? 80  CYS A CA    1 
ATOM   644  C  CA    B CYS A 1 102 A -2.002  -2.559  -8.994  0.50 9.14  ? 80  CYS A CA    1 
ATOM   645  C  C     A CYS A 1 102 A -0.676  -3.211  -9.386  0.50 8.82  ? 80  CYS A C     1 
ATOM   646  C  C     B CYS A 1 102 A -0.687  -3.187  -9.413  0.50 9.15  ? 80  CYS A C     1 
ATOM   647  O  O     A CYS A 1 102 A 0.382   -2.649  -9.127  0.50 10.44 ? 80  CYS A O     1 
ATOM   648  O  O     B CYS A 1 102 A 0.368   -2.658  -9.093  0.50 10.79 ? 80  CYS A O     1 
ATOM   649  C  CB    A CYS A 1 102 A -2.584  -1.982  -10.172 0.50 8.82  ? 80  CYS A CB    1 
ATOM   650  C  CB    B CYS A 1 102 A -2.309  -1.781  -10.358 0.50 9.69  ? 80  CYS A CB    1 
ATOM   651  S  SG    A CYS A 1 102 A -2.787  -3.039  -11.604 0.50 8.12  ? 80  CYS A SG    1 
ATOM   652  S  SG    B CYS A 1 102 A -3.819  -0.843  -10.744 0.50 12.72 ? 80  CYS A SG    1 
ATOM   653  N  N     . ASN A 1 103 ? -0.717  -4.470  -9.827  1.00 8.64  ? 81  ASN A N     1 
ATOM   654  C  CA    . ASN A 1 103 ? 0.519   -5.191  -10.123 1.00 9.16  ? 81  ASN A CA    1 
ATOM   655  C  C     . ASN A 1 103 ? 0.427   -5.897  -11.475 1.00 9.09  ? 81  ASN A C     1 
ATOM   656  O  O     . ASN A 1 103 ? 1.281   -6.737  -11.754 1.00 9.61  ? 81  ASN A O     1 
ATOM   657  C  CB    . ASN A 1 103 ? 0.907   -6.177  -9.023  1.00 8.57  ? 81  ASN A CB    1 
ATOM   658  C  CG    . ASN A 1 103 ? -0.123  -7.256  -8.773  1.00 8.75  ? 81  ASN A CG    1 
ATOM   659  O  OD1   . ASN A 1 103 ? -1.078  -7.425  -9.537  1.00 9.34  ? 81  ASN A OD1   1 
ATOM   660  N  ND2   . ASN A 1 103 ? 0.067   -7.998  -7.689  1.00 8.27  ? 81  ASN A ND2   1 
ATOM   661  N  N     . ASP A 1 104 ? -0.552  -5.544  -12.287 1.00 8.41  ? 82  ASP A N     1 
ATOM   662  C  CA    . ASP A 1 104 ? -0.852  -6.273  -13.547 1.00 9.06  ? 82  ASP A CA    1 
ATOM   663  C  C     . ASP A 1 104 ? -1.452  -5.284  -14.538 1.00 8.06  ? 82  ASP A C     1 
ATOM   664  O  O     . ASP A 1 104 ? -2.626  -4.897  -14.370 1.00 9.05  ? 82  ASP A O     1 
ATOM   665  C  CB    . ASP A 1 104 ? -1.775  -7.467  -13.282 1.00 10.18 ? 82  ASP A CB    1 
ATOM   666  C  CG    . ASP A 1 104 ? -1.985  -8.379  -14.481 1.00 12.72 ? 82  ASP A CG    1 
ATOM   667  O  OD1   . ASP A 1 104 ? -2.861  -9.245  -14.395 1.00 11.96 ? 82  ASP A OD1   1 
ATOM   668  O  OD2   . ASP A 1 104 ? -1.280  -8.193  -15.494 1.00 17.91 ? 82  ASP A OD2   1 
ATOM   669  N  N     . LYS A 1 105 ? -0.694  -4.901  -15.561 1.00 9.30  ? 83  LYS A N     1 
ATOM   670  C  CA    . LYS A 1 105 ? -1.076  -3.769  -16.443 1.00 9.97  ? 83  LYS A CA    1 
ATOM   671  C  C     . LYS A 1 105 ? -2.207  -4.172  -17.401 1.00 10.08 ? 83  LYS A C     1 
ATOM   672  O  O     . LYS A 1 105 ? -3.006  -3.290  -17.768 1.00 9.35  ? 83  LYS A O     1 
ATOM   673  C  CB    . LYS A 1 105 ? 0.123   -3.239  -17.217 1.00 11.43 ? 83  LYS A CB    1 
ATOM   674  C  CG    . LYS A 1 105 ? -0.154  -1.919  -17.909 1.00 13.05 ? 83  LYS A CG    1 
ATOM   675  C  CD    . LYS A 1 105 ? 1.028   -1.315  -18.613 1.00 16.16 ? 83  LYS A CD    1 
ATOM   676  C  CE    . LYS A 1 105 ? 0.659   0.000   -19.249 1.00 16.28 ? 83  LYS A CE    1 
ATOM   677  N  NZ    . LYS A 1 105 ? 1.778   0.567   -20.036 1.00 18.37 ? 83  LYS A NZ    1 
ATOM   678  N  N     . TYR A 1 106 ? -2.286  -5.443  -17.812 1.00 9.97  ? 84  TYR A N     1 
ATOM   679  C  CA    . TYR A 1 106 ? -3.283  -5.902  -18.816 1.00 10.10 ? 84  TYR A CA    1 
ATOM   680  C  C     . TYR A 1 106 ? -4.016  -7.103  -18.247 1.00 9.74  ? 84  TYR A C     1 
ATOM   681  O  O     . TYR A 1 106 ? -3.855  -8.230  -18.717 1.00 11.45 ? 84  TYR A O     1 
ATOM   682  C  CB    . TYR A 1 106 ? -2.623  -6.190  -20.176 1.00 11.91 ? 84  TYR A CB    1 
ATOM   683  C  CG    . TYR A 1 106 ? -1.774  -5.063  -20.717 1.00 11.90 ? 84  TYR A CG    1 
ATOM   684  C  CD1   . TYR A 1 106 ? -2.336  -3.952  -21.323 1.00 12.13 ? 84  TYR A CD1   1 
ATOM   685  C  CD2   . TYR A 1 106 ? -0.396  -5.119  -20.622 1.00 14.32 ? 84  TYR A CD2   1 
ATOM   686  C  CE1   . TYR A 1 106 ? -1.551  -2.912  -21.799 1.00 12.53 ? 84  TYR A CE1   1 
ATOM   687  C  CE2   . TYR A 1 106 ? 0.405   -4.096  -21.107 1.00 14.84 ? 84  TYR A CE2   1 
ATOM   688  C  CZ    . TYR A 1 106 ? -0.174  -2.995  -21.698 1.00 13.91 ? 84  TYR A CZ    1 
ATOM   689  O  OH    . TYR A 1 106 ? 0.623   -1.982  -22.151 1.00 17.27 ? 84  TYR A OH    1 
ATOM   690  N  N     . PRO A 1 107 ? -4.816  -6.905  -17.178 1.00 8.09  ? 85  PRO A N     1 
ATOM   691  C  CA    . PRO A 1 107 ? -5.384  -8.028  -16.447 1.00 8.21  ? 85  PRO A CA    1 
ATOM   692  C  C     . PRO A 1 107 ? -6.414  -8.767  -17.296 1.00 9.36  ? 85  PRO A C     1 
ATOM   693  O  O     . PRO A 1 107 ? -7.256  -8.126  -17.902 1.00 9.88  ? 85  PRO A O     1 
ATOM   694  C  CB    . PRO A 1 107 ? -6.055  -7.363  -15.236 1.00 8.06  ? 85  PRO A CB    1 
ATOM   695  C  CG    . PRO A 1 107 ? -6.354  -5.962  -15.720 1.00 7.93  ? 85  PRO A CG    1 
ATOM   696  C  CD    . PRO A 1 107 ? -5.182  -5.604  -16.605 1.00 8.43  ? 85  PRO A CD    1 
ATOM   697  N  N     . ARG A 1 108 ? -6.303  -10.089 -17.306 1.00 8.46  ? 86  ARG A N     1 
ATOM   698  C  CA    . ARG A 1 108 ? -7.314  -11.015 -17.848 1.00 9.30  ? 86  ARG A CA    1 
ATOM   699  C  C     . ARG A 1 108 ? -7.513  -12.132 -16.826 1.00 8.97  ? 86  ARG A C     1 
ATOM   700  O  O     . ARG A 1 108 ? -6.521  -12.693 -16.338 1.00 9.77  ? 86  ARG A O     1 
ATOM   701  C  CB    . ARG A 1 108 ? -6.873  -11.532 -19.220 1.00 9.71  ? 86  ARG A CB    1 
ATOM   702  C  CG    . ARG A 1 108 ? -6.778  -10.448 -20.290 1.00 10.37 ? 86  ARG A CG    1 
ATOM   703  C  CD    . ARG A 1 108 ? -8.123  -9.912  -20.730 1.00 10.03 ? 86  ARG A CD    1 
ATOM   704  N  NE    . ARG A 1 108 ? -8.004  -8.911  -21.788 1.00 10.06 ? 86  ARG A NE    1 
ATOM   705  C  CZ    . ARG A 1 108 ? -8.951  -8.042  -22.130 1.00 9.99  ? 86  ARG A CZ    1 
ATOM   706  N  NH1   . ARG A 1 108 ? -10.101 -8.020  -21.488 1.00 9.03  ? 86  ARG A NH1   1 
ATOM   707  N  NH2   . ARG A 1 108 ? -8.728  -7.171  -23.098 1.00 10.93 ? 86  ARG A NH2   1 
ATOM   708  N  N     . SER A 1 109 ? -8.764  -12.450 -16.510 1.00 8.89  ? 87  SER A N     1 
ATOM   709  C  CA    . SER A 1 109 ? -9.097  -13.448 -15.472 1.00 9.80  ? 87  SER A CA    1 
ATOM   710  C  C     . SER A 1 109 ? -8.303  -14.740 -15.712 1.00 11.84 ? 87  SER A C     1 
ATOM   711  O  O     . SER A 1 109 ? -8.341  -15.265 -16.842 1.00 10.60 ? 87  SER A O     1 
ATOM   712  C  CB    . SER A 1 109 ? -10.560 -13.711 -15.406 1.00 9.50  ? 87  SER A CB    1 
ATOM   713  O  OG    . SER A 1 109 ? -10.863 -14.418 -14.210 1.00 9.79  ? 87  SER A OG    1 
ATOM   714  N  N     . LYS A 1 110 ? -7.565  -15.191 -14.696 1.00 12.12 ? 88  LYS A N     1 
ATOM   715  C  CA    . LYS A 1 110 ? -6.845  -16.496 -14.681 1.00 14.05 ? 88  LYS A CA    1 
ATOM   716  C  C     . LYS A 1 110 ? -5.616  -16.477 -15.603 1.00 14.84 ? 88  LYS A C     1 
ATOM   717  O  O     . LYS A 1 110 ? -5.040  -17.550 -15.799 1.00 15.21 ? 88  LYS A O     1 
ATOM   718  C  CB    . LYS A 1 110 ? -7.767  -17.640 -15.116 1.00 14.39 ? 88  LYS A CB    1 
ATOM   719  C  CG    . LYS A 1 110 ? -9.112  -17.704 -14.409 1.00 14.83 ? 88  LYS A CG    1 
ATOM   720  C  CD    . LYS A 1 110 ? -9.007  -17.788 -12.907 1.00 15.96 ? 88  LYS A CD    1 
ATOM   721  C  CE    . LYS A 1 110 ? -10.345 -18.087 -12.261 1.00 17.07 ? 88  LYS A CE    1 
ATOM   722  N  NZ    . LYS A 1 110 ? -10.235 -18.170 -10.784 1.00 16.80 ? 88  LYS A NZ    1 
ATOM   723  N  N     . GLN A 1 111 ? -5.208  -15.330 -16.137 1.00 13.97 ? 89  GLN A N     1 
ATOM   724  C  CA    A GLN A 1 111 ? -3.930  -15.216 -16.892 0.50 14.80 ? 89  GLN A CA    1 
ATOM   725  C  CA    B GLN A 1 111 ? -3.930  -15.207 -16.893 0.50 15.15 ? 89  GLN A CA    1 
ATOM   726  C  C     . GLN A 1 111 ? -2.870  -14.593 -15.972 1.00 15.76 ? 89  GLN A C     1 
ATOM   727  O  O     . GLN A 1 111 ? -2.776  -13.345 -15.910 1.00 18.06 ? 89  GLN A O     1 
ATOM   728  C  CB    A GLN A 1 111 ? -4.158  -14.450 -18.200 0.50 15.45 ? 89  GLN A CB    1 
ATOM   729  C  CB    B GLN A 1 111 ? -4.131  -14.382 -18.167 0.50 16.36 ? 89  GLN A CB    1 
ATOM   730  C  CG    A GLN A 1 111 ? -5.220  -15.090 -19.085 0.50 15.66 ? 89  GLN A CG    1 
ATOM   731  C  CG    B GLN A 1 111 ? -5.372  -14.771 -18.953 0.50 16.85 ? 89  GLN A CG    1 
ATOM   732  C  CD    A GLN A 1 111 ? -5.365  -14.420 -20.432 0.50 16.50 ? 89  GLN A CD    1 
ATOM   733  C  CD    B GLN A 1 111 ? -5.464  -16.259 -19.179 0.50 18.00 ? 89  GLN A CD    1 
ATOM   734  O  OE1   A GLN A 1 111 ? -4.460  -13.746 -20.917 0.50 20.28 ? 89  GLN A OE1   1 
ATOM   735  O  OE1   B GLN A 1 111 ? -4.521  -16.890 -19.656 0.50 19.45 ? 89  GLN A OE1   1 
ATOM   736  N  NE2   A GLN A 1 111 ? -6.514  -14.612 -21.056 0.50 17.02 ? 89  GLN A NE2   1 
ATOM   737  N  NE2   B GLN A 1 111 ? -6.609  -16.830 -18.839 0.50 19.94 ? 89  GLN A NE2   1 
ATOM   738  N  N     . TYR A 1 112 ? -2.122  -15.440 -15.269 1.00 16.87 ? 90  TYR A N     1 
ATOM   739  C  CA    . TYR A 1 112 ? -1.160  -15.034 -14.212 1.00 20.18 ? 90  TYR A CA    1 
ATOM   740  C  C     . TYR A 1 112 ? 0.167   -14.698 -14.880 1.00 24.48 ? 90  TYR A C     1 
ATOM   741  O  O     . TYR A 1 112 ? 0.706   -15.497 -15.640 1.00 23.49 ? 90  TYR A O     1 
ATOM   742  C  CB    . TYR A 1 112 ? -1.081  -16.120 -13.134 1.00 19.77 ? 90  TYR A CB    1 
ATOM   743  C  CG    . TYR A 1 112 ? -2.400  -16.356 -12.444 1.00 17.65 ? 90  TYR A CG    1 
ATOM   744  C  CD1   . TYR A 1 112 ? -2.859  -15.485 -11.466 1.00 17.63 ? 90  TYR A CD1   1 
ATOM   745  C  CD2   . TYR A 1 112 ? -3.210  -17.425 -12.789 1.00 15.27 ? 90  TYR A CD2   1 
ATOM   746  C  CE1   . TYR A 1 112 ? -4.083  -15.674 -10.846 1.00 17.29 ? 90  TYR A CE1   1 
ATOM   747  C  CE2   . TYR A 1 112 ? -4.435  -17.630 -12.179 1.00 16.37 ? 90  TYR A CE2   1 
ATOM   748  C  CZ    . TYR A 1 112 ? -4.874  -16.751 -11.201 1.00 15.31 ? 90  TYR A CZ    1 
ATOM   749  O  OH    . TYR A 1 112 ? -6.080  -16.945 -10.601 1.00 17.96 ? 90  TYR A OH    1 
ATOM   750  N  N     . PRO A 1 113 ? 0.702   -13.480 -14.671 1.00 27.88 ? 91  PRO A N     1 
ATOM   751  C  CA    . PRO A 1 113 ? 2.016   -13.131 -15.205 1.00 28.54 ? 91  PRO A CA    1 
ATOM   752  C  C     . PRO A 1 113 ? 3.119   -13.949 -14.514 1.00 30.19 ? 91  PRO A C     1 
ATOM   753  O  O     . PRO A 1 113 ? 2.923   -14.363 -13.388 1.00 30.10 ? 91  PRO A O     1 
ATOM   754  C  CB    . PRO A 1 113 ? 2.132   -11.620 -14.942 1.00 27.72 ? 91  PRO A CB    1 
ATOM   755  C  CG    . PRO A 1 113 ? 1.166   -11.346 -13.799 1.00 29.70 ? 91  PRO A CG    1 
ATOM   756  C  CD    . PRO A 1 113 ? 0.065   -12.378 -13.934 1.00 30.04 ? 91  PRO A CD    1 
ATOM   757  N  N     . LYS A 1 114 ? 4.233   -14.188 -15.214 1.00 34.63 ? 92  LYS A N     1 
ATOM   758  C  CA    . LYS A 1 114 ? 5.429   -14.875 -14.657 1.00 37.00 ? 92  LYS A CA    1 
ATOM   759  C  C     . LYS A 1 114 ? 5.907   -14.099 -13.423 1.00 31.59 ? 92  LYS A C     1 
ATOM   760  O  O     . LYS A 1 114 ? 6.224   -14.733 -12.401 1.00 31.26 ? 92  LYS A O     1 
ATOM   761  C  CB    . LYS A 1 114 ? 6.545   -14.960 -15.704 1.00 43.69 ? 92  LYS A CB    1 
ATOM   762  C  CG    . LYS A 1 114 ? 6.117   -15.448 -17.080 1.00 50.36 ? 92  LYS A CG    1 
ATOM   763  C  CD    . LYS A 1 114 ? 7.233   -15.392 -18.104 1.00 56.78 ? 92  LYS A CD    1 
ATOM   764  C  CE    . LYS A 1 114 ? 6.818   -15.898 -19.468 1.00 60.18 ? 92  LYS A CE    1 
ATOM   765  N  NZ    . LYS A 1 114 ? 7.945   -16.550 -20.173 1.00 66.79 ? 92  LYS A NZ    1 
ATOM   766  N  N     . GLU A 1 115 ? 5.949   -12.771 -13.536 1.00 31.48 ? 93  GLU A N     1 
ATOM   767  C  CA    . GLU A 1 115 ? 6.383   -11.833 -12.468 1.00 29.30 ? 93  GLU A CA    1 
ATOM   768  C  C     . GLU A 1 115 ? 5.345   -10.716 -12.375 1.00 25.05 ? 93  GLU A C     1 
ATOM   769  O  O     . GLU A 1 115 ? 4.970   -10.186 -13.426 1.00 24.92 ? 93  GLU A O     1 
ATOM   770  C  CB    . GLU A 1 115 ? 7.762   -11.256 -12.803 1.00 37.05 ? 93  GLU A CB    1 
ATOM   771  C  CG    . GLU A 1 115 ? 8.679   -11.127 -11.603 1.00 47.11 ? 93  GLU A CG    1 
ATOM   772  C  CD    . GLU A 1 115 ? 9.028   -12.447 -10.936 1.00 54.39 ? 93  GLU A CD    1 
ATOM   773  O  OE1   . GLU A 1 115 ? 9.266   -12.440 -9.710  1.00 61.54 ? 93  GLU A OE1   1 
ATOM   774  O  OE2   . GLU A 1 115 ? 9.055   -13.481 -11.643 1.00 52.64 ? 93  GLU A OE2   1 
ATOM   775  N  N     . PHE A 1 116 ? 4.893   -10.380 -11.165 1.00 19.38 ? 94  PHE A N     1 
ATOM   776  C  CA    . PHE A 1 116 ? 4.059   -9.180  -10.916 1.00 17.55 ? 94  PHE A CA    1 
ATOM   777  C  C     . PHE A 1 116 ? 4.931   -7.932  -11.081 1.00 18.06 ? 94  PHE A C     1 
ATOM   778  O  O     . PHE A 1 116 ? 6.101   -7.937  -10.644 1.00 19.04 ? 94  PHE A O     1 
ATOM   779  C  CB    . PHE A 1 116 ? 3.386   -9.262  -9.540  1.00 17.89 ? 94  PHE A CB    1 
ATOM   780  C  CG    . PHE A 1 116 ? 2.188   -10.179 -9.489  1.00 17.82 ? 94  PHE A CG    1 
ATOM   781  C  CD1   . PHE A 1 116 ? 1.140   -10.031 -10.391 1.00 15.77 ? 94  PHE A CD1   1 
ATOM   782  C  CD2   . PHE A 1 116 ? 2.110   -11.198 -8.547  1.00 18.02 ? 94  PHE A CD2   1 
ATOM   783  C  CE1   . PHE A 1 116 ? 0.041   -10.876 -10.347 1.00 17.79 ? 94  PHE A CE1   1 
ATOM   784  C  CE2   . PHE A 1 116 ? 1.016   -12.048 -8.513  1.00 18.60 ? 94  PHE A CE2   1 
ATOM   785  C  CZ    . PHE A 1 116 ? -0.014  -11.886 -9.410  1.00 19.09 ? 94  PHE A CZ    1 
ATOM   786  N  N     . SER A 1 117 ? 4.369   -6.889  -11.697 1.00 15.72 ? 95  SER A N     1 
ATOM   787  C  CA    A SER A 1 117 ? 4.965   -5.527  -11.757 0.50 15.58 ? 95  SER A CA    1 
ATOM   788  C  CA    B SER A 1 117 ? 4.975   -5.536  -11.758 0.50 14.80 ? 95  SER A CA    1 
ATOM   789  C  C     . SER A 1 117 ? 5.159   -4.985  -10.337 1.00 14.34 ? 95  SER A C     1 
ATOM   790  O  O     . SER A 1 117 ? 4.265   -5.204  -9.497  1.00 15.27 ? 95  SER A O     1 
ATOM   791  C  CB    A SER A 1 117 ? 4.107   -4.595  -12.575 0.50 16.89 ? 95  SER A CB    1 
ATOM   792  C  CB    B SER A 1 117 ? 4.135   -4.629  -12.609 0.50 15.08 ? 95  SER A CB    1 
ATOM   793  O  OG    A SER A 1 117 ? 4.157   -4.922  -13.953 0.50 19.12 ? 95  SER A OG    1 
ATOM   794  O  OG    B SER A 1 117 ? 4.823   -3.427  -12.901 0.50 15.11 ? 95  SER A OG    1 
ATOM   795  N  N     . LYS A 1 118 ? 6.281   -4.304  -10.083 1.00 13.65 ? 96  LYS A N     1 
ATOM   796  C  CA    . LYS A 1 118 ? 6.610   -3.756  -8.745  1.00 13.69 ? 96  LYS A CA    1 
ATOM   797  C  C     . LYS A 1 118 ? 6.257   -2.270  -8.660  1.00 12.34 ? 96  LYS A C     1 
ATOM   798  O  O     . LYS A 1 118 ? 6.497   -1.508  -9.628  1.00 12.90 ? 96  LYS A O     1 
ATOM   799  C  CB    . LYS A 1 118 ? 8.079   -3.984  -8.419  1.00 17.05 ? 96  LYS A CB    1 
ATOM   800  C  CG    . LYS A 1 118 ? 8.407   -5.443  -8.129  1.00 20.69 ? 96  LYS A CG    1 
ATOM   801  C  CD    . LYS A 1 118 ? 9.884   -5.747  -8.166  1.00 27.20 ? 96  LYS A CD    1 
ATOM   802  C  CE    . LYS A 1 118 ? 10.621  -5.217  -6.958  1.00 32.30 ? 96  LYS A CE    1 
ATOM   803  N  NZ    . LYS A 1 118 ? 11.957  -5.847  -6.818  1.00 35.66 ? 96  LYS A NZ    1 
ATOM   804  N  N     . THR A 1 119 ? 5.719   -1.878  -7.518  1.00 9.02  ? 97  THR A N     1 
ATOM   805  C  CA    . THR A 1 119 ? 5.454   -0.471  -7.156  1.00 9.10  ? 97  THR A CA    1 
ATOM   806  C  C     . THR A 1 119 ? 6.255   -0.165  -5.911  1.00 7.91  ? 97  THR A C     1 
ATOM   807  O  O     . THR A 1 119 ? 6.362   -1.046  -5.048  1.00 8.54  ? 97  THR A O     1 
ATOM   808  C  CB    . THR A 1 119 ? 3.957   -0.234  -6.924  1.00 9.01  ? 97  THR A CB    1 
ATOM   809  O  OG1   . THR A 1 119 ? 3.291   -0.406  -8.173  1.00 10.13 ? 97  THR A OG1   1 
ATOM   810  C  CG2   . THR A 1 119 ? 3.667   1.129   -6.340  1.00 8.93  ? 97  THR A CG2   1 
ATOM   811  N  N     . ILE A 1 120 ? 6.843   1.009   -5.828  1.00 8.68  ? 98  ILE A N     1 
ATOM   812  C  CA    . ILE A 1 120 ? 7.474   1.451   -4.563  1.00 9.23  ? 98  ILE A CA    1 
ATOM   813  C  C     . ILE A 1 120 ? 7.013   2.855   -4.238  1.00 8.07  ? 98  ILE A C     1 
ATOM   814  O  O     . ILE A 1 120 ? 7.115   3.729   -5.101  1.00 8.38  ? 98  ILE A O     1 
ATOM   815  C  CB    . ILE A 1 120 ? 9.009   1.346   -4.574  1.00 10.64 ? 98  ILE A CB    1 
ATOM   816  C  CG1   . ILE A 1 120 ? 9.560   1.614   -3.174  1.00 11.90 ? 98  ILE A CG1   1 
ATOM   817  C  CG2   . ILE A 1 120 ? 9.620   2.267   -5.604  1.00 11.72 ? 98  ILE A CG2   1 
ATOM   818  C  CD1   . ILE A 1 120 ? 10.926  1.026   -2.905  1.00 14.15 ? 98  ILE A CD1   1 
ATOM   819  N  N     . ILE A 1 121 ? 6.514   3.034   -3.026  1.00 7.68  ? 99  ILE A N     1 
ATOM   820  C  CA    . ILE A 1 121 ? 6.158   4.359   -2.461  1.00 7.95  ? 99  ILE A CA    1 
ATOM   821  C  C     . ILE A 1 121 ? 7.254   4.760   -1.476  1.00 8.00  ? 99  ILE A C     1 
ATOM   822  O  O     . ILE A 1 121 ? 7.425   4.099   -0.456  1.00 7.87  ? 99  ILE A O     1 
ATOM   823  C  CB    . ILE A 1 121 ? 4.762   4.313   -1.818  1.00 8.36  ? 99  ILE A CB    1 
ATOM   824  C  CG1   . ILE A 1 121 ? 3.741   3.593   -2.706  1.00 8.20  ? 99  ILE A CG1   1 
ATOM   825  C  CG2   . ILE A 1 121 ? 4.307   5.712   -1.451  1.00 7.72  ? 99  ILE A CG2   1 
ATOM   826  C  CD1   . ILE A 1 121 ? 3.583   4.175   -4.076  1.00 8.84  ? 99  ILE A CD1   1 
ATOM   827  N  N     . LYS A 1 122 ? 8.035   5.766   -1.843  1.00 8.05  ? 100 LYS A N     1 
ATOM   828  C  CA    . LYS A 1 122 ? 9.310   6.084   -1.176  1.00 9.31  ? 100 LYS A CA    1 
ATOM   829  C  C     . LYS A 1 122 ? 9.055   6.920   0.071   1.00 8.97  ? 100 LYS A C     1 
ATOM   830  O  O     . LYS A 1 122 ? 7.939   7.497   0.236   1.00 8.47  ? 100 LYS A O     1 
ATOM   831  C  CB    . LYS A 1 122 ? 10.244  6.808   -2.145  1.00 9.88  ? 100 LYS A CB    1 
ATOM   832  C  CG    . LYS A 1 122 ? 10.648  5.971   -3.342  1.00 10.95 ? 100 LYS A CG    1 
ATOM   833  C  CD    . LYS A 1 122 ? 11.583  4.852   -3.027  1.00 14.26 ? 100 LYS A CD    1 
ATOM   834  C  CE    . LYS A 1 122 ? 12.986  5.324   -2.706  1.00 14.96 ? 100 LYS A CE    1 
ATOM   835  N  NZ    . LYS A 1 122 ? 13.860  4.173   -2.385  1.00 15.87 ? 100 LYS A NZ    1 
ATOM   836  N  N     . LYS A 1 123 ? 10.067  6.971   0.929   1.00 8.80  ? 101 LYS A N     1 
ATOM   837  C  CA    . LYS A 1 123 ? 9.955   7.450   2.320   1.00 10.12 ? 101 LYS A CA    1 
ATOM   838  C  C     . LYS A 1 123 ? 9.215   8.791   2.372   1.00 9.10  ? 101 LYS A C     1 
ATOM   839  O  O     . LYS A 1 123 ? 9.575   9.727   1.618   1.00 9.02  ? 101 LYS A O     1 
ATOM   840  C  CB    . LYS A 1 123 ? 11.360  7.543   2.919   1.00 13.38 ? 101 LYS A CB    1 
ATOM   841  C  CG    . LYS A 1 123 ? 11.486  8.391   4.169   1.00 19.92 ? 101 LYS A CG    1 
ATOM   842  C  CD    . LYS A 1 123 ? 12.868  8.324   4.774   1.00 24.75 ? 101 LYS A CD    1 
ATOM   843  C  CE    . LYS A 1 123 ? 13.875  7.642   3.870   1.00 29.31 ? 101 LYS A CE    1 
ATOM   844  N  NZ    . LYS A 1 123 ? 14.632  8.617   3.046   1.00 37.18 ? 101 LYS A NZ    1 
ATOM   845  N  N     . GLY A 1 124 ? 8.243   8.900   3.272   1.00 7.69  ? 102 GLY A N     1 
ATOM   846  C  CA    . GLY A 1 124 ? 7.562   10.165  3.602   1.00 7.52  ? 102 GLY A CA    1 
ATOM   847  C  C     . GLY A 1 124 ? 6.552   10.615  2.561   1.00 7.96  ? 102 GLY A C     1 
ATOM   848  O  O     . GLY A 1 124 ? 5.907   11.626  2.811   1.00 8.42  ? 102 GLY A O     1 
ATOM   849  N  N     . ALA A 1 125 ? 6.380   9.891   1.455   1.00 7.23  ? 103 ALA A N     1 
ATOM   850  C  CA    . ALA A 1 125 ? 5.384   10.237  0.420   1.00 6.74  ? 103 ALA A CA    1 
ATOM   851  C  C     . ALA A 1 125 ? 3.994   10.104  1.033   1.00 6.96  ? 103 ALA A C     1 
ATOM   852  O  O     . ALA A 1 125 ? 3.831   9.325   2.005   1.00 7.00  ? 103 ALA A O     1 
ATOM   853  C  CB    . ALA A 1 125 ? 5.549   9.380   -0.808  1.00 7.34  ? 103 ALA A CB    1 
ATOM   854  N  N     . SER A 1 126 ? 3.031   10.797  0.460   1.00 6.38  ? 104 SER A N     1 
ATOM   855  C  CA    . SER A 1 126 ? 1.603   10.757  0.861   1.00 6.44  ? 104 SER A CA    1 
ATOM   856  C  C     . SER A 1 126 ? 0.734   10.580  -0.367  1.00 6.27  ? 104 SER A C     1 
ATOM   857  O  O     . SER A 1 126 ? 0.949   11.290  -1.374  1.00 6.16  ? 104 SER A O     1 
ATOM   858  C  CB    . SER A 1 126 ? 1.232   11.974  1.599   1.00 6.64  ? 104 SER A CB    1 
ATOM   859  O  OG    . SER A 1 126 ? 1.948   12.028  2.822   1.00 7.47  ? 104 SER A OG    1 
ATOM   860  N  N     . ILE A 1 127 ? -0.186  9.621   -0.304  1.00 6.19  ? 105 ILE A N     1 
ATOM   861  C  CA    . ILE A 1 127 ? -1.154  9.377   -1.387  1.00 6.01  ? 105 ILE A CA    1 
ATOM   862  C  C     . ILE A 1 127 ? -2.536  9.755   -0.885  1.00 5.81  ? 105 ILE A C     1 
ATOM   863  O  O     . ILE A 1 127 ? -2.989  9.170   0.124   1.00 5.97  ? 105 ILE A O     1 
ATOM   864  C  CB    . ILE A 1 127 ? -1.096  7.927   -1.857  1.00 7.18  ? 105 ILE A CB    1 
ATOM   865  C  CG1   . ILE A 1 127 ? 0.335   7.518   -2.215  1.00 7.86  ? 105 ILE A CG1   1 
ATOM   866  C  CG2   . ILE A 1 127 ? -2.069  7.728   -3.002  1.00 7.23  ? 105 ILE A CG2   1 
ATOM   867  C  CD1   . ILE A 1 127 ? 0.447   6.088   -2.671  1.00 8.41  ? 105 ILE A CD1   1 
ATOM   868  N  N     . GLY A 1 128 ? -3.181  10.687  -1.573  1.00 6.18  ? 106 GLY A N     1 
ATOM   869  C  CA    . GLY A 1 128 ? -4.493  11.195  -1.199  1.00 5.97  ? 106 GLY A CA    1 
ATOM   870  C  C     . GLY A 1 128 ? -5.579  10.128  -1.340  1.00 6.22  ? 106 GLY A C     1 
ATOM   871  O  O     . GLY A 1 128 ? -5.414  9.142   -2.103  1.00 6.45  ? 106 GLY A O     1 
ATOM   872  N  N     . ALA A 1 129 ? -6.674  10.356  -0.641  1.00 6.15  ? 107 ALA A N     1 
ATOM   873  C  CA    . ALA A 1 129 ? -7.888  9.522   -0.636  1.00 5.93  ? 107 ALA A CA    1 
ATOM   874  C  C     . ALA A 1 129 ? -8.286  9.138   -2.069  1.00 5.97  ? 107 ALA A C     1 
ATOM   875  O  O     . ALA A 1 129 ? -8.369  10.009  -2.928  1.00 5.54  ? 107 ALA A O     1 
ATOM   876  C  CB    . ALA A 1 129 ? -8.973  10.297  0.045   1.00 6.59  ? 107 ALA A CB    1 
ATOM   877  N  N     . ASN A 1 130 ? -8.527  7.851   -2.292  1.00 5.58  ? 108 ASN A N     1 
ATOM   878  C  CA    . ASN A 1 130 ? -9.223  7.321   -3.490  1.00 5.63  ? 108 ASN A CA    1 
ATOM   879  C  C     . ASN A 1 130 ? -8.362  7.540   -4.734  1.00 5.75  ? 108 ASN A C     1 
ATOM   880  O  O     . ASN A 1 130 ? -8.909  7.455   -5.831  1.00 6.01  ? 108 ASN A O     1 
ATOM   881  C  CB    . ASN A 1 130 ? -10.616 7.934   -3.624  1.00 6.33  ? 108 ASN A CB    1 
ATOM   882  C  CG    . ASN A 1 130 ? -11.609 6.996   -4.265  1.00 6.66  ? 108 ASN A CG    1 
ATOM   883  O  OD1   . ASN A 1 130 ? -11.350 5.799   -4.401  1.00 7.32  ? 108 ASN A OD1   1 
ATOM   884  N  ND2   . ASN A 1 130 ? -12.753 7.534   -4.648  1.00 7.01  ? 108 ASN A ND2   1 
ATOM   885  N  N     . ALA A 1 131 ? -7.058  7.767   -4.570  1.00 5.79  ? 109 ALA A N     1 
ATOM   886  C  CA    . ALA A 1 131 ? -6.115  7.786   -5.703  1.00 6.45  ? 109 ALA A CA    1 
ATOM   887  C  C     . ALA A 1 131 ? -5.976  6.371   -6.261  1.00 7.26  ? 109 ALA A C     1 
ATOM   888  O  O     . ALA A 1 131 ? -6.207  5.391   -5.526  1.00 7.88  ? 109 ALA A O     1 
ATOM   889  C  CB    . ALA A 1 131 ? -4.790  8.353   -5.284  1.00 6.67  ? 109 ALA A CB    1 
ATOM   890  N  N     . THR A 1 132 ? -5.609  6.283   -7.526  1.00 6.62  ? 110 THR A N     1 
ATOM   891  C  CA    . THR A 1 132 ? -5.379  5.013   -8.240  1.00 6.60  ? 110 THR A CA    1 
ATOM   892  C  C     . THR A 1 132 ? -3.941  4.971   -8.750  1.00 7.16  ? 110 THR A C     1 
ATOM   893  O  O     . THR A 1 132 ? -3.567  5.848   -9.560  1.00 7.41  ? 110 THR A O     1 
ATOM   894  C  CB    . THR A 1 132 ? -6.372  4.886   -9.401  1.00 7.11  ? 110 THR A CB    1 
ATOM   895  O  OG1   . THR A 1 132 ? -7.707  5.062   -8.919  1.00 7.42  ? 110 THR A OG1   1 
ATOM   896  C  CG2   . THR A 1 132 ? -6.263  3.559   -10.109 1.00 8.16  ? 110 THR A CG2   1 
ATOM   897  N  N     . ILE A 1 133 ? -3.164  3.991   -8.315  1.00 7.20  ? 111 ILE A N     1 
ATOM   898  C  CA    . ILE A 1 133 ? -1.726  3.879   -8.685  1.00 7.40  ? 111 ILE A CA    1 
ATOM   899  C  C     . ILE A 1 133 ? -1.570  2.724   -9.671  1.00 7.32  ? 111 ILE A C     1 
ATOM   900  O  O     . ILE A 1 133 ? -1.857  1.562   -9.314  1.00 7.20  ? 111 ILE A O     1 
ATOM   901  C  CB    . ILE A 1 133 ? -0.836  3.712   -7.447  1.00 7.49  ? 111 ILE A CB    1 
ATOM   902  C  CG1   . ILE A 1 133 ? -1.244  4.665   -6.306  1.00 7.48  ? 111 ILE A CG1   1 
ATOM   903  C  CG2   . ILE A 1 133 ? 0.631   3.845   -7.846  1.00 7.90  ? 111 ILE A CG2   1 
ATOM   904  C  CD1   . ILE A 1 133 ? -1.210  6.136   -6.651  1.00 7.71  ? 111 ILE A CD1   1 
ATOM   905  N  N     . LEU A 1 134 ? -1.137  3.039   -10.885 1.00 7.89  ? 112 LEU A N     1 
ATOM   906  C  CA    . LEU A 1 134 ? -0.944  2.020   -11.930 1.00 8.44  ? 112 LEU A CA    1 
ATOM   907  C  C     . LEU A 1 134 ? 0.229   1.135   -11.516 1.00 8.81  ? 112 LEU A C     1 
ATOM   908  O  O     . LEU A 1 134 ? 1.003   1.463   -10.595 1.00 7.74  ? 112 LEU A O     1 
ATOM   909  C  CB    . LEU A 1 134 ? -0.709  2.702   -13.281 1.00 8.00  ? 112 LEU A CB    1 
ATOM   910  C  CG    . LEU A 1 134 ? -1.952  3.013   -14.099 1.00 8.46  ? 112 LEU A CG    1 
ATOM   911  C  CD1   . LEU A 1 134 ? -2.584  1.756   -14.648 1.00 10.53 ? 112 LEU A CD1   1 
ATOM   912  C  CD2   . LEU A 1 134 ? -2.979  3.809   -13.308 1.00 8.22  ? 112 LEU A CD2   1 
ATOM   913  N  N     . PRO A 1 135 ? 0.387   -0.030  -12.165 1.00 8.97  ? 113 PRO A N     1 
ATOM   914  C  CA    . PRO A 1 135 ? 1.484   -0.925  -11.840 1.00 9.63  ? 113 PRO A CA    1 
ATOM   915  C  C     . PRO A 1 135 ? 2.837   -0.377  -12.314 1.00 9.68  ? 113 PRO A C     1 
ATOM   916  O  O     . PRO A 1 135 ? 2.901   0.419   -13.277 1.00 9.42  ? 113 PRO A O     1 
ATOM   917  C  CB    . PRO A 1 135 ? 1.142   -2.244  -12.550 1.00 11.05 ? 113 PRO A CB    1 
ATOM   918  C  CG    . PRO A 1 135 ? 0.134   -1.870  -13.625 1.00 11.16 ? 113 PRO A CG    1 
ATOM   919  C  CD    . PRO A 1 135 ? -0.498  -0.553  -13.211 1.00 10.71 ? 113 PRO A CD    1 
ATOM   920  N  N     . GLY A 1 136 ? 3.901   -0.802  -11.640 1.00 9.48  ? 114 GLY A N     1 
ATOM   921  C  CA    . GLY A 1 136 ? 5.280   -0.522  -12.068 1.00 10.44 ? 114 GLY A CA    1 
ATOM   922  C  C     . GLY A 1 136 ? 5.725   0.872   -11.672 1.00 11.82 ? 114 GLY A C     1 
ATOM   923  O  O     . GLY A 1 136 ? 6.758   1.331   -12.199 1.00 13.92 ? 114 GLY A O     1 
ATOM   924  N  N     . ILE A 1 137 ? 4.987   1.534   -10.778 1.00 9.63  ? 115 ILE A N     1 
ATOM   925  C  CA    . ILE A 1 137 ? 5.128   2.990   -10.493 1.00 9.42  ? 115 ILE A CA    1 
ATOM   926  C  C     . ILE A 1 137 ? 6.099   3.176   -9.331  1.00 9.69  ? 115 ILE A C     1 
ATOM   927  O  O     . ILE A 1 137 ? 6.043   2.401   -8.350  1.00 9.77  ? 115 ILE A O     1 
ATOM   928  C  CB    . ILE A 1 137 ? 3.747   3.612   -10.211 1.00 9.68  ? 115 ILE A CB    1 
ATOM   929  C  CG1   . ILE A 1 137 ? 2.928   3.764   -11.497 1.00 11.14 ? 115 ILE A CG1   1 
ATOM   930  C  CG2   . ILE A 1 137 ? 3.851   4.906   -9.429  1.00 10.33 ? 115 ILE A CG2   1 
ATOM   931  C  CD1   . ILE A 1 137 ? 3.422   4.815   -12.461 1.00 12.45 ? 115 ILE A CD1   1 
ATOM   932  N  N     . THR A 1 138 ? 6.940   4.197   -9.417  1.00 8.86  ? 116 THR A N     1 
ATOM   933  C  CA    . THR A 1 138 ? 7.668   4.757   -8.260  1.00 9.24  ? 116 THR A CA    1 
ATOM   934  C  C     . THR A 1 138 ? 7.077   6.107   -7.893  1.00 8.96  ? 116 THR A C     1 
ATOM   935  O  O     . THR A 1 138 ? 6.982   6.958   -8.778  1.00 9.17  ? 116 THR A O     1 
ATOM   936  C  CB    . THR A 1 138 ? 9.157   4.923   -8.556  1.00 11.00 ? 116 THR A CB    1 
ATOM   937  O  OG1   . THR A 1 138 ? 9.710   3.628   -8.807  1.00 13.29 ? 116 THR A OG1   1 
ATOM   938  C  CG2   . THR A 1 138 ? 9.885   5.603   -7.421  1.00 11.68 ? 116 THR A CG2   1 
ATOM   939  N  N     . ILE A 1 139 ? 6.715   6.291   -6.630  1.00 9.20  ? 117 ILE A N     1 
ATOM   940  C  CA    . ILE A 1 139 ? 6.366   7.622   -6.096  1.00 8.64  ? 117 ILE A CA    1 
ATOM   941  C  C     . ILE A 1 139 ? 7.492   8.057   -5.183  1.00 9.14  ? 117 ILE A C     1 
ATOM   942  O  O     . ILE A 1 139 ? 7.785   7.374   -4.214  1.00 9.26  ? 117 ILE A O     1 
ATOM   943  C  CB    . ILE A 1 139 ? 4.984   7.597   -5.436  1.00 9.42  ? 117 ILE A CB    1 
ATOM   944  C  CG1   . ILE A 1 139 ? 3.938   7.331   -6.519  1.00 10.61 ? 117 ILE A CG1   1 
ATOM   945  C  CG2   . ILE A 1 139 ? 4.723   8.884   -4.680  1.00 9.35  ? 117 ILE A CG2   1 
ATOM   946  C  CD1   . ILE A 1 139 ? 2.537   7.304   -6.033  1.00 12.69 ? 117 ILE A CD1   1 
ATOM   947  N  N     . GLY A 1 140 ? 8.129   9.160   -5.538  1.00 9.53  ? 118 GLY A N     1 
ATOM   948  C  CA    . GLY A 1 140 ? 9.383   9.570   -4.902  1.00 8.50  ? 118 GLY A CA    1 
ATOM   949  C  C     . GLY A 1 140 ? 9.173   10.085  -3.496  1.00 8.10  ? 118 GLY A C     1 
ATOM   950  O  O     . GLY A 1 140 ? 8.031   10.401  -3.106  1.00 8.68  ? 118 GLY A O     1 
ATOM   951  N  N     . GLU A 1 141 ? 10.268  10.210  -2.752  1.00 8.96  ? 119 GLU A N     1 
ATOM   952  C  CA    . GLU A 1 141 ? 10.273  10.621  -1.339  1.00 9.81  ? 119 GLU A CA    1 
ATOM   953  C  C     . GLU A 1 141 ? 9.508   11.932  -1.159  1.00 8.06  ? 119 GLU A C     1 
ATOM   954  O  O     . GLU A 1 141 ? 9.719   12.884  -1.948  1.00 8.46  ? 119 GLU A O     1 
ATOM   955  C  CB    . GLU A 1 141 ? 11.719  10.778  -0.870  1.00 11.87 ? 119 GLU A CB    1 
ATOM   956  C  CG    . GLU A 1 141 ? 12.473  9.465   -0.844  1.00 14.19 ? 119 GLU A CG    1 
ATOM   957  C  CD    . GLU A 1 141 ? 13.855  9.527   -0.216  1.00 20.54 ? 119 GLU A CD    1 
ATOM   958  O  OE1   . GLU A 1 141 ? 14.207  10.592  0.306   1.00 19.56 ? 119 GLU A OE1   1 
ATOM   959  O  OE2   . GLU A 1 141 ? 14.577  8.499   -0.266  1.00 24.57 ? 119 GLU A OE2   1 
ATOM   960  N  N     . ASN A 1 142 ? 8.650   11.994  -0.147  1.00 7.83  ? 120 ASN A N     1 
ATOM   961  C  CA    . ASN A 1 142 ? 7.925   13.223  0.252   1.00 7.64  ? 120 ASN A CA    1 
ATOM   962  C  C     . ASN A 1 142 ? 7.030   13.766  -0.885  1.00 7.19  ? 120 ASN A C     1 
ATOM   963  O  O     . ASN A 1 142 ? 6.572   14.913  -0.767  1.00 7.77  ? 120 ASN A O     1 
ATOM   964  C  CB    . ASN A 1 142 ? 8.905   14.325  0.688   1.00 9.23  ? 120 ASN A CB    1 
ATOM   965  C  CG    . ASN A 1 142 ? 8.248   15.377  1.551   1.00 12.29 ? 120 ASN A CG    1 
ATOM   966  O  OD1   . ASN A 1 142 ? 8.489   16.585  1.387   1.00 15.72 ? 120 ASN A OD1   1 
ATOM   967  N  ND2   . ASN A 1 142 ? 7.411   14.939  2.465   1.00 12.49 ? 120 ASN A ND2   1 
ATOM   968  N  N     . ALA A 1 143 ? 6.734   12.992  -1.928  1.00 6.56  ? 121 ALA A N     1 
ATOM   969  C  CA    . ALA A 1 143 ? 5.723   13.403  -2.928  1.00 6.54  ? 121 ALA A CA    1 
ATOM   970  C  C     . ALA A 1 143 ? 4.347   13.533  -2.249  1.00 7.15  ? 121 ALA A C     1 
ATOM   971  O  O     . ALA A 1 143 ? 4.139   12.970  -1.175  1.00 7.24  ? 121 ALA A O     1 
ATOM   972  C  CB    . ALA A 1 143 ? 5.671   12.452  -4.100  1.00 7.20  ? 121 ALA A CB    1 
ATOM   973  N  N     . MET A 1 144 ? 3.442   14.259  -2.885  1.00 7.24  ? 122 MET A N     1 
ATOM   974  C  CA    . MET A 1 144 ? 2.045   14.414  -2.433  1.00 7.24  ? 122 MET A CA    1 
ATOM   975  C  C     . MET A 1 144 ? 1.136   14.134  -3.624  1.00 7.87  ? 122 MET A C     1 
ATOM   976  O  O     . MET A 1 144 ? 1.205   14.862  -4.624  1.00 7.58  ? 122 MET A O     1 
ATOM   977  C  CB    . MET A 1 144 ? 1.815   15.825  -1.899  1.00 8.67  ? 122 MET A CB    1 
ATOM   978  C  CG    . MET A 1 144 ? 0.373   16.113  -1.532  1.00 8.89  ? 122 MET A CG    1 
ATOM   979  S  SD    . MET A 1 144 ? -0.235  15.183  -0.109  1.00 10.84 ? 122 MET A SD    1 
ATOM   980  C  CE    . MET A 1 144 ? 0.686   16.002  1.189   1.00 12.39 ? 122 MET A CE    1 
ATOM   981  N  N     . ILE A 1 145 ? 0.382   13.043  -3.565  1.00 7.12  ? 123 ILE A N     1 
ATOM   982  C  CA    . ILE A 1 145 ? -0.606  12.676  -4.612  1.00 6.87  ? 123 ILE A CA    1 
ATOM   983  C  C     . ILE A 1 145 ? -1.962  13.205  -4.182  1.00 6.73  ? 123 ILE A C     1 
ATOM   984  O  O     . ILE A 1 145 ? -2.425  12.831  -3.073  1.00 6.71  ? 123 ILE A O     1 
ATOM   985  C  CB    . ILE A 1 145 ? -0.652  11.155  -4.834  1.00 8.07  ? 123 ILE A CB    1 
ATOM   986  C  CG1   . ILE A 1 145 ? 0.742   10.584  -5.075  1.00 8.40  ? 123 ILE A CG1   1 
ATOM   987  C  CG2   . ILE A 1 145 ? -1.613  10.822  -5.961  1.00 8.49  ? 123 ILE A CG2   1 
ATOM   988  C  CD1   . ILE A 1 145 ? 1.488   11.239  -6.202  1.00 8.95  ? 123 ILE A CD1   1 
ATOM   989  N  N     . GLY A 1 146 ? -2.578  14.025  -5.033  1.00 6.52  ? 124 GLY A N     1 
ATOM   990  C  CA    . GLY A 1 146 ? -3.914  14.584  -4.793  1.00 6.98  ? 124 GLY A CA    1 
ATOM   991  C  C     . GLY A 1 146 ? -4.957  13.499  -4.632  1.00 6.38  ? 124 GLY A C     1 
ATOM   992  O  O     . GLY A 1 146 ? -4.864  12.443  -5.312  1.00 6.69  ? 124 GLY A O     1 
ATOM   993  N  N     . ALA A 1 147 ? -5.969  13.776  -3.832  1.00 6.47  ? 125 ALA A N     1 
ATOM   994  C  CA    . ALA A 1 147 ? -7.141  12.897  -3.697  1.00 6.56  ? 125 ALA A CA    1 
ATOM   995  C  C     . ALA A 1 147 ? -7.717  12.636  -5.095  1.00 6.39  ? 125 ALA A C     1 
ATOM   996  O  O     . ALA A 1 147 ? -7.779  13.583  -5.906  1.00 6.80  ? 125 ALA A O     1 
ATOM   997  C  CB    . ALA A 1 147 ? -8.144  13.526  -2.772  1.00 7.49  ? 125 ALA A CB    1 
ATOM   998  N  N     . GLY A 1 148 ? -8.064  11.380  -5.385  1.00 6.46  ? 126 GLY A N     1 
ATOM   999  C  CA    . GLY A 1 148 ? -8.758  10.986  -6.625  1.00 7.27  ? 126 GLY A CA    1 
ATOM   1000 C  C     . GLY A 1 148 ? -7.831  10.919  -7.835  1.00 7.72  ? 126 GLY A C     1 
ATOM   1001 O  O     . GLY A 1 148 ? -8.334  10.617  -8.941  1.00 7.94  ? 126 GLY A O     1 
ATOM   1002 N  N     . ALA A 1 149 ? -6.535  11.200  -7.684  1.00 8.00  ? 127 ALA A N     1 
ATOM   1003 C  CA    . ALA A 1 149 ? -5.577  11.202  -8.816  1.00 8.09  ? 127 ALA A CA    1 
ATOM   1004 C  C     . ALA A 1 149 ? -5.479  9.815   -9.447  1.00 8.39  ? 127 ALA A C     1 
ATOM   1005 O  O     . ALA A 1 149 ? -5.619  8.796   -8.746  1.00 8.66  ? 127 ALA A O     1 
ATOM   1006 C  CB    . ALA A 1 149 ? -4.214  11.681  -8.380  1.00 8.77  ? 127 ALA A CB    1 
ATOM   1007 N  N     . ILE A 1 150 ? -5.203  9.775   -10.744 1.00 7.54  ? 128 ILE A N     1 
ATOM   1008 C  CA    . ILE A 1 150 ? -4.744  8.545   -11.430 1.00 8.07  ? 128 ILE A CA    1 
ATOM   1009 C  C     . ILE A 1 150 ? -3.270  8.738   -11.765 1.00 7.52  ? 128 ILE A C     1 
ATOM   1010 O  O     . ILE A 1 150 ? -2.954  9.662   -12.528 1.00 9.17  ? 128 ILE A O     1 
ATOM   1011 C  CB    . ILE A 1 150 ? -5.583  8.226   -12.682 1.00 8.74  ? 128 ILE A CB    1 
ATOM   1012 C  CG1   . ILE A 1 150 ? -7.085  8.244   -12.383 1.00 9.56  ? 128 ILE A CG1   1 
ATOM   1013 C  CG2   . ILE A 1 150 ? -5.158  6.902   -13.288 1.00 9.14  ? 128 ILE A CG2   1 
ATOM   1014 C  CD1   . ILE A 1 150 ? -7.951  7.977   -13.598 1.00 11.42 ? 128 ILE A CD1   1 
ATOM   1015 N  N     . VAL A 1 151 ? -2.414  7.901   -11.197 1.00 7.97  ? 129 VAL A N     1 
ATOM   1016 C  CA    . VAL A 1 151 ? -0.942  8.003   -11.363 1.00 7.84  ? 129 VAL A CA    1 
ATOM   1017 C  C     . VAL A 1 151 ? -0.490  6.957   -12.380 1.00 8.20  ? 129 VAL A C     1 
ATOM   1018 O  O     . VAL A 1 151 ? -0.423  5.771   -12.032 1.00 8.76  ? 129 VAL A O     1 
ATOM   1019 C  CB    . VAL A 1 151 ? -0.238  7.851   -10.008 1.00 9.10  ? 129 VAL A CB    1 
ATOM   1020 C  CG1   . VAL A 1 151 ? 1.269   7.943   -10.174 1.00 9.94  ? 129 VAL A CG1   1 
ATOM   1021 C  CG2   . VAL A 1 151 ? -0.768  8.877   -9.017  1.00 9.65  ? 129 VAL A CG2   1 
ATOM   1022 N  N     . THR A 1 152 ? -0.237  7.388   -13.614 1.00 8.89  ? 130 THR A N     1 
ATOM   1023 C  CA    . THR A 1 152 ? 0.131   6.484   -14.742 1.00 9.97  ? 130 THR A CA    1 
ATOM   1024 C  C     . THR A 1 152 ? 1.634   6.565   -15.029 1.00 11.16 ? 130 THR A C     1 
ATOM   1025 O  O     . THR A 1 152 ? 2.131   5.754   -15.837 1.00 11.47 ? 130 THR A O     1 
ATOM   1026 C  CB    . THR A 1 152 ? -0.652  6.814   -16.016 1.00 11.63 ? 130 THR A CB    1 
ATOM   1027 O  OG1   . THR A 1 152 ? -0.110  8.043   -16.513 1.00 13.34 ? 130 THR A OG1   1 
ATOM   1028 C  CG2   . THR A 1 152 ? -2.146  6.903   -15.779 1.00 12.78 ? 130 THR A CG2   1 
ATOM   1029 N  N     . LYS A 1 153 ? 2.323   7.515   -14.406 1.00 10.69 ? 131 LYS A N     1 
ATOM   1030 C  CA    . LYS A 1 153 ? 3.774   7.728   -14.592 1.00 12.57 ? 131 LYS A CA    1 
ATOM   1031 C  C     . LYS A 1 153 ? 4.399   7.965   -13.219 1.00 10.41 ? 131 LYS A C     1 
ATOM   1032 O  O     . LYS A 1 153 ? 3.687   8.439   -12.313 1.00 10.56 ? 131 LYS A O     1 
ATOM   1033 C  CB    . LYS A 1 153 ? 4.030   8.929   -15.500 1.00 15.58 ? 131 LYS A CB    1 
ATOM   1034 C  CG    . LYS A 1 153 ? 3.532   8.786   -16.931 1.00 19.64 ? 131 LYS A CG    1 
ATOM   1035 C  CD    . LYS A 1 153 ? 3.675   10.080  -17.711 1.00 23.48 ? 131 LYS A CD    1 
ATOM   1036 C  CE    . LYS A 1 153 ? 3.565   9.893   -19.211 1.00 27.42 ? 131 LYS A CE    1 
ATOM   1037 N  NZ    . LYS A 1 153 ? 2.321   9.188   -19.578 1.00 27.88 ? 131 LYS A NZ    1 
ATOM   1038 N  N     . ASP A 1 154 ? 5.673   7.648   -13.074 1.00 9.93  ? 132 ASP A N     1 
ATOM   1039 C  CA    . ASP A 1 154 ? 6.428   7.914   -11.831 1.00 10.74 ? 132 ASP A CA    1 
ATOM   1040 C  C     . ASP A 1 154 ? 6.201   9.367   -11.411 1.00 9.57  ? 132 ASP A C     1 
ATOM   1041 O  O     . ASP A 1 154 ? 6.082   10.245  -12.278 1.00 10.71 ? 132 ASP A O     1 
ATOM   1042 C  CB    . ASP A 1 154 ? 7.913   7.624   -12.012 1.00 11.50 ? 132 ASP A CB    1 
ATOM   1043 C  CG    . ASP A 1 154 ? 8.248   6.153   -12.125 1.00 14.29 ? 132 ASP A CG    1 
ATOM   1044 O  OD1   . ASP A 1 154 ? 7.322   5.310   -12.060 1.00 12.89 ? 132 ASP A OD1   1 
ATOM   1045 O  OD2   . ASP A 1 154 ? 9.451   5.858   -12.269 1.00 19.11 ? 132 ASP A OD2   1 
ATOM   1046 N  N     . VAL A 1 155 ? 6.120   9.596   -10.117 1.00 8.87  ? 133 VAL A N     1 
ATOM   1047 C  CA    . VAL A 1 155 ? 6.061   10.957  -9.534  1.00 8.45  ? 133 VAL A CA    1 
ATOM   1048 C  C     . VAL A 1 155 ? 7.408   11.245  -8.882  1.00 8.12  ? 133 VAL A C     1 
ATOM   1049 O  O     . VAL A 1 155 ? 7.870   10.447  -8.034  1.00 8.41  ? 133 VAL A O     1 
ATOM   1050 C  CB    . VAL A 1 155 ? 4.886   11.113  -8.552  1.00 8.32  ? 133 VAL A CB    1 
ATOM   1051 C  CG1   . VAL A 1 155 ? 4.874   12.485  -7.903  1.00 8.26  ? 133 VAL A CG1   1 
ATOM   1052 C  CG2   . VAL A 1 155 ? 3.560   10.847  -9.246  1.00 9.10  ? 133 VAL A CG2   1 
ATOM   1053 N  N     . LEU A 1 156 ? 8.004   12.373  -9.242  1.00 8.43  ? 134 LEU A N     1 
ATOM   1054 C  CA    . LEU A 1 156 ? 9.348   12.738  -8.739  1.00 9.39  ? 134 LEU A CA    1 
ATOM   1055 C  C     . LEU A 1 156 ? 9.284   13.055  -7.245  1.00 8.70  ? 134 LEU A C     1 
ATOM   1056 O  O     . LEU A 1 156 ? 8.251   13.454  -6.694  1.00 8.62  ? 134 LEU A O     1 
ATOM   1057 C  CB    . LEU A 1 156 ? 9.880   13.911  -9.555  1.00 9.46  ? 134 LEU A CB    1 
ATOM   1058 C  CG    . LEU A 1 156 ? 10.168  13.584  -11.017 1.00 9.95  ? 134 LEU A CG    1 
ATOM   1059 C  CD1   . LEU A 1 156 ? 10.356  14.860  -11.819 1.00 10.74 ? 134 LEU A CD1   1 
ATOM   1060 C  CD2   . LEU A 1 156 ? 11.380  12.667  -11.162 1.00 11.03 ? 134 LEU A CD2   1 
ATOM   1061 N  N     . PRO A 1 157 ? 10.413  12.885  -6.521  1.00 7.97  ? 135 PRO A N     1 
ATOM   1062 C  CA    . PRO A 1 157 ? 10.492  13.294  -5.127  1.00 8.77  ? 135 PRO A CA    1 
ATOM   1063 C  C     . PRO A 1 157 ? 9.942   14.704  -4.900  1.00 8.35  ? 135 PRO A C     1 
ATOM   1064 O  O     . PRO A 1 157 ? 10.224  15.600  -5.673  1.00 7.17  ? 135 PRO A O     1 
ATOM   1065 C  CB    . PRO A 1 157 ? 11.996  13.220  -4.828  1.00 8.36  ? 135 PRO A CB    1 
ATOM   1066 C  CG    . PRO A 1 157 ? 12.484  12.136  -5.743  1.00 9.00  ? 135 PRO A CG    1 
ATOM   1067 C  CD    . PRO A 1 157 ? 11.674  12.321  -7.010  1.00 8.94  ? 135 PRO A CD    1 
ATOM   1068 N  N     . HIS A 1 158 ? 9.162   14.871  -3.838  1.00 7.67  ? 136 HIS A N     1 
ATOM   1069 C  CA    . HIS A 1 158 ? 8.702   16.168  -3.293  1.00 7.58  ? 136 HIS A CA    1 
ATOM   1070 C  C     . HIS A 1 158 ? 7.693   16.850  -4.238  1.00 7.56  ? 136 HIS A C     1 
ATOM   1071 O  O     . HIS A 1 158 ? 7.319   18.002  -3.948  1.00 8.44  ? 136 HIS A O     1 
ATOM   1072 C  CB    . HIS A 1 158 ? 9.909   17.076  -2.992  1.00 7.81  ? 136 HIS A CB    1 
ATOM   1073 C  CG    . HIS A 1 158 ? 10.798  16.561  -1.907  1.00 7.69  ? 136 HIS A CG    1 
ATOM   1074 N  ND1   . HIS A 1 158 ? 10.803  17.113  -0.650  1.00 8.85  ? 136 HIS A ND1   1 
ATOM   1075 C  CD2   . HIS A 1 158 ? 11.725  15.572  -1.897  1.00 8.23  ? 136 HIS A CD2   1 
ATOM   1076 C  CE1   . HIS A 1 158 ? 11.682  16.478  0.108   1.00 7.87  ? 136 HIS A CE1   1 
ATOM   1077 N  NE2   . HIS A 1 158 ? 12.267  15.533  -0.629  1.00 8.78  ? 136 HIS A NE2   1 
ATOM   1078 N  N     . VAL A 1 159 ? 7.246   16.176  -5.297  1.00 8.25  ? 137 VAL A N     1 
ATOM   1079 C  CA    . VAL A 1 159 ? 6.313   16.768  -6.289  1.00 8.06  ? 137 VAL A CA    1 
ATOM   1080 C  C     . VAL A 1 159 ? 4.882   16.552  -5.788  1.00 8.90  ? 137 VAL A C     1 
ATOM   1081 O  O     . VAL A 1 159 ? 4.589   15.475  -5.220  1.00 8.01  ? 137 VAL A O     1 
ATOM   1082 C  CB    . VAL A 1 159 ? 6.520   16.204  -7.706  1.00 8.94  ? 137 VAL A CB    1 
ATOM   1083 C  CG1   . VAL A 1 159 ? 5.353   16.533  -8.633  1.00 8.55  ? 137 VAL A CG1   1 
ATOM   1084 C  CG2   . VAL A 1 159 ? 7.832   16.702  -8.285  1.00 9.23  ? 137 VAL A CG2   1 
ATOM   1085 N  N     . THR A 1 160 ? 4.060   17.574  -5.961  1.00 8.57  ? 138 THR A N     1 
ATOM   1086 C  CA    . THR A 1 160 ? 2.594   17.508  -5.798  1.00 9.43  ? 138 THR A CA    1 
ATOM   1087 C  C     . THR A 1 160 ? 1.965   17.221  -7.155  1.00 9.87  ? 138 THR A C     1 
ATOM   1088 O  O     . THR A 1 160 ? 2.115   18.058  -8.104  1.00 11.08 ? 138 THR A O     1 
ATOM   1089 C  CB    . THR A 1 160 ? 2.046   18.763  -5.123  1.00 10.01 ? 138 THR A CB    1 
ATOM   1090 O  OG1   . THR A 1 160 ? 2.662   18.872  -3.839  1.00 9.96  ? 138 THR A OG1   1 
ATOM   1091 C  CG2   . THR A 1 160 ? 0.535   18.731  -4.993  1.00 9.97  ? 138 THR A CG2   1 
ATOM   1092 N  N     . TYR A 1 161 ? 1.320   16.067  -7.277  1.00 9.43  ? 139 TYR A N     1 
ATOM   1093 C  CA    . TYR A 1 161 ? 0.670   15.641  -8.530  1.00 8.79  ? 139 TYR A CA    1 
ATOM   1094 C  C     . TYR A 1 161 ? -0.812  15.440  -8.259  1.00 9.81  ? 139 TYR A C     1 
ATOM   1095 O  O     . TYR A 1 161 ? -1.135  14.737  -7.302  1.00 9.30  ? 139 TYR A O     1 
ATOM   1096 C  CB    . TYR A 1 161 ? 1.285   14.365  -9.115  1.00 9.88  ? 139 TYR A CB    1 
ATOM   1097 C  CG    . TYR A 1 161 ? 0.451   13.847  -10.260 1.00 11.24 ? 139 TYR A CG    1 
ATOM   1098 C  CD1   . TYR A 1 161 ? 0.525   14.441  -11.508 1.00 13.29 ? 139 TYR A CD1   1 
ATOM   1099 C  CD2   . TYR A 1 161 ? -0.506  12.867  -10.067 1.00 11.31 ? 139 TYR A CD2   1 
ATOM   1100 C  CE1   . TYR A 1 161 ? -0.290  14.030  -12.554 1.00 17.10 ? 139 TYR A CE1   1 
ATOM   1101 C  CE2   . TYR A 1 161 ? -1.329  12.447  -11.100 1.00 13.12 ? 139 TYR A CE2   1 
ATOM   1102 C  CZ    . TYR A 1 161 ? -1.222  13.028  -12.346 1.00 18.48 ? 139 TYR A CZ    1 
ATOM   1103 O  OH    . TYR A 1 161 ? -2.041  12.623  -13.363 1.00 22.55 ? 139 TYR A OH    1 
ATOM   1104 N  N     . TYR A 1 162 ? -1.661  15.970  -9.128  1.00 9.67  ? 140 TYR A N     1 
ATOM   1105 C  CA    . TYR A 1 162 ? -3.106  15.664  -9.133  1.00 11.39 ? 140 TYR A CA    1 
ATOM   1106 C  C     . TYR A 1 162 ? -3.619  15.701  -10.564 1.00 12.52 ? 140 TYR A C     1 
ATOM   1107 O  O     . TYR A 1 162 ? -3.009  16.352  -11.438 1.00 12.93 ? 140 TYR A O     1 
ATOM   1108 C  CB    . TYR A 1 162 ? -3.879  16.599  -8.205  1.00 11.44 ? 140 TYR A CB    1 
ATOM   1109 C  CG    . TYR A 1 162 ? -3.642  18.072  -8.404  1.00 13.59 ? 140 TYR A CG    1 
ATOM   1110 C  CD1   . TYR A 1 162 ? -4.301  18.773  -9.399  1.00 15.77 ? 140 TYR A CD1   1 
ATOM   1111 C  CD2   . TYR A 1 162 ? -2.761  18.766  -7.592  1.00 15.01 ? 140 TYR A CD2   1 
ATOM   1112 C  CE1   . TYR A 1 162 ? -4.086  20.131  -9.586  1.00 16.88 ? 140 TYR A CE1   1 
ATOM   1113 C  CE2   . TYR A 1 162 ? -2.538  20.121  -7.764  1.00 14.41 ? 140 TYR A CE2   1 
ATOM   1114 C  CZ    . TYR A 1 162 ? -3.199  20.802  -8.764  1.00 17.84 ? 140 TYR A CZ    1 
ATOM   1115 O  OH    . TYR A 1 162 ? -2.969  22.135  -8.917  1.00 22.44 ? 140 TYR A OH    1 
ATOM   1116 N  N     . SER A 1 163 ? -4.710  14.978  -10.784 1.00 13.68 ? 141 SER A N     1 
ATOM   1117 C  CA    . SER A 1 163 ? -5.337  14.789  -12.113 1.00 15.87 ? 141 SER A CA    1 
ATOM   1118 C  C     . SER A 1 163 ? -6.192  16.020  -12.437 1.00 21.13 ? 141 SER A C     1 
ATOM   1119 O  O     . SER A 1 163 ? -6.727  16.626  -11.506 1.00 23.12 ? 141 SER A O     1 
ATOM   1120 C  CB    . SER A 1 163 ? -6.123  13.490  -12.143 1.00 16.84 ? 141 SER A CB    1 
ATOM   1121 O  OG    . SER A 1 163 ? -5.231  12.378  -12.084 1.00 14.27 ? 141 SER A OG    1 
ATOM   1122 N  N     . LYS A 1 164 ? -6.290  16.384  -13.717 1.00 30.50 ? 142 LYS A N     1 
ATOM   1123 C  CA    . LYS A 1 164 ? -7.175  17.479  -14.200 1.00 41.30 ? 142 LYS A CA    1 
ATOM   1124 C  C     . LYS A 1 164 ? -8.629  17.028  -14.046 1.00 41.87 ? 142 LYS A C     1 
ATOM   1125 O  O     . LYS A 1 164 ? -8.909  15.842  -14.308 1.00 52.79 ? 142 LYS A O     1 
ATOM   1126 C  CB    . LYS A 1 164 ? -6.838  17.840  -15.651 1.00 48.82 ? 142 LYS A CB    1 
ATOM   1127 C  CG    . LYS A 1 164 ? -5.554  18.641  -15.832 1.00 56.60 ? 142 LYS A CG    1 
ATOM   1128 C  CD    . LYS A 1 164 ? -5.323  19.110  -17.259 1.00 61.05 ? 142 LYS A CD    1 
ATOM   1129 C  CE    . LYS A 1 164 ? -4.423  18.189  -18.058 1.00 64.04 ? 142 LYS A CE    1 
ATOM   1130 N  NZ    . LYS A 1 164 ? -3.017  18.659  -18.060 1.00 65.56 ? 142 LYS A NZ    1 
ATOM   1131 N  N     . ILE A 1 165 ? -9.512  17.928  -13.613 1.00 42.85 ? 143 ILE A N     1 
ATOM   1132 C  CA    . ILE A 1 165 ? -10.979 17.664  -13.505 1.00 44.43 ? 143 ILE A CA    1 
ATOM   1133 C  C     . ILE A 1 165 ? -11.746 18.746  -14.275 1.00 52.14 ? 143 ILE A C     1 
ATOM   1134 O  O     . ILE A 1 165 ? -12.978 18.710  -14.322 1.00 54.51 ? 143 ILE A O     1 
ATOM   1135 C  CB    . ILE A 1 165 ? -11.421 17.587  -12.030 1.00 42.12 ? 143 ILE A CB    1 
ATOM   1136 C  CG1   . ILE A 1 165 ? -11.060 18.853  -11.251 1.00 40.98 ? 143 ILE A CG1   1 
ATOM   1137 C  CG2   . ILE A 1 165 ? -10.856 16.338  -11.371 1.00 44.04 ? 143 ILE A CG2   1 
ATOM   1138 C  CD1   . ILE A 1 165 ? -11.764 18.973  -9.918  1.00 44.10 ? 143 ILE A CD1   1 
ATOM   1139 O  OXT   . ILE A 1 165 ? -11.162 19.665  -14.862 1.00 55.03 ? 143 ILE A OXT   1 
HETATM 1140 O  O3    . 87N B 2 .   ? -5.845  -7.473  -8.876  1.00 14.33 ? 201 87N A O3    1 
HETATM 1141 C  C3    . 87N B 2 .   ? -4.664  -7.400  -8.864  1.00 14.11 ? 201 87N A C3    1 
HETATM 1142 C  C3M   . 87N B 2 .   ? -3.965  -6.316  -8.061  1.00 13.34 ? 201 87N A C3M   1 
HETATM 1143 N  N3Q   . 87N B 2 .   ? -3.893  -8.287  -9.517  1.00 13.39 ? 201 87N A N3Q   1 
HETATM 1144 C  C3Q   . 87N B 2 .   ? -4.366  -9.604  -9.903  1.00 13.17 ? 201 87N A C3Q   1 
HETATM 1145 C  C4Q   . 87N B 2 .   ? -4.056  -9.998  -11.353 1.00 12.36 ? 201 87N A C4Q   1 
HETATM 1146 O  O4Q   . 87N B 2 .   ? -4.641  -9.051  -12.235 1.00 14.17 ? 201 87N A O4Q   1 
HETATM 1147 C  C2Q   . 87N B 2 .   ? -3.815  -10.670 -8.957  1.00 12.28 ? 201 87N A C2Q   1 
HETATM 1148 O  O2Q   . 87N B 2 .   ? -4.112  -10.421 -7.593  1.00 13.19 ? 201 87N A O2Q   1 
HETATM 1149 C  C1Q   . 87N B 2 .   ? -4.339  -12.035 -9.327  1.00 12.17 ? 201 87N A C1Q   1 
HETATM 1150 O  O5Q   . 87N B 2 .   ? -4.137  -12.305 -10.699 1.00 12.45 ? 201 87N A O5Q   1 
HETATM 1151 C  C5Q   . 87N B 2 .   ? -4.682  -11.363 -11.598 1.00 13.90 ? 201 87N A C5Q   1 
HETATM 1152 C  C6Q   . 87N B 2 .   ? -4.398  -11.858 -13.018 1.00 15.09 ? 201 87N A C6Q   1 
HETATM 1153 O  O3B   . 87N B 2 .   ? -5.714  -12.051 -9.031  1.00 11.87 ? 201 87N A O3B   1 
HETATM 1154 P  PB    . 87N B 2 .   ? -6.496  -13.382 -8.523  1.00 11.49 ? 201 87N A PB    1 
HETATM 1155 O  O1B   . 87N B 2 .   ? -6.959  -14.259 -9.654  1.00 14.48 ? 201 87N A O1B   1 
HETATM 1156 O  O2B   . 87N B 2 .   ? -7.582  -12.979 -7.606  1.00 10.55 ? 201 87N A O2B   1 
HETATM 1157 O  O3A   . 87N B 2 .   ? -5.327  -14.139 -7.703  1.00 11.41 ? 201 87N A O3A   1 
HETATM 1158 P  PA    . 87N B 2 .   ? -5.273  -15.625 -7.043  1.00 10.80 ? 201 87N A PA    1 
HETATM 1159 O  O1A   . 87N B 2 .   ? -6.161  -16.587 -7.699  1.00 11.41 ? 201 87N A O1A   1 
HETATM 1160 O  O2A   . 87N B 2 .   ? -3.849  -15.870 -7.021  1.00 12.23 ? 201 87N A O2A   1 
HETATM 1161 O  "O5'" . 87N B 2 .   ? -5.892  -15.451 -5.558  1.00 8.72  ? 201 87N A "O5'" 1 
HETATM 1162 C  "C5'" . 87N B 2 .   ? -5.306  -14.524 -4.667  1.00 7.34  ? 201 87N A "C5'" 1 
HETATM 1163 C  "C4'" . 87N B 2 .   ? -6.359  -13.473 -4.215  1.00 6.94  ? 201 87N A "C4'" 1 
HETATM 1164 O  "O4'" . 87N B 2 .   ? -7.354  -14.084 -3.423  1.00 6.40  ? 201 87N A "O4'" 1 
HETATM 1165 C  "C3'" . 87N B 2 .   ? -5.761  -12.423 -3.309  1.00 6.12  ? 201 87N A "C3'" 1 
HETATM 1166 O  "O3'" . 87N B 2 .   ? -5.171  -11.383 -4.100  1.00 6.49  ? 201 87N A "O3'" 1 
HETATM 1167 C  "C2'" . 87N B 2 .   ? -7.064  -11.911 -2.695  1.00 6.24  ? 201 87N A "C2'" 1 
HETATM 1168 C  "C1'" . 87N B 2 .   ? -7.898  -13.194 -2.495  1.00 6.02  ? 201 87N A "C1'" 1 
HETATM 1169 N  N1    . 87N B 2 .   ? -7.642  -13.739 -1.142  1.00 6.20  ? 201 87N A N1    1 
HETATM 1170 C  C2    . 87N B 2 .   ? -8.313  -13.164 -0.102  1.00 6.95  ? 201 87N A C2    1 
HETATM 1171 O  O2    . 87N B 2 .   ? -9.128  -12.311 -0.337  1.00 7.20  ? 201 87N A O2    1 
HETATM 1172 N  N3    . 87N B 2 .   ? -8.040  -13.620 1.136   1.00 6.17  ? 201 87N A N3    1 
HETATM 1173 C  C6    . 87N B 2 .   ? -6.718  -14.691 -0.903  1.00 7.07  ? 201 87N A C6    1 
HETATM 1174 C  C5    . 87N B 2 .   ? -6.467  -15.143 0.374   1.00 6.66  ? 201 87N A C5    1 
HETATM 1175 C  C5M   . 87N B 2 .   ? -5.412  -16.208 0.662   1.00 7.84  ? 201 87N A C5M   1 
HETATM 1176 C  C4    . 87N B 2 .   ? -7.128  -14.562 1.435   1.00 7.22  ? 201 87N A C4    1 
HETATM 1177 O  O4    . 87N B 2 .   ? -6.952  -14.896 2.573   1.00 7.59  ? 201 87N A O4    1 
HETATM 1178 N  N1A   . COA C 3 .   ? -6.151  6.416   -16.997 1.00 10.15 ? 202 COA A N1A   1 
HETATM 1179 C  C2A   . COA C 3 .   ? -5.790  7.572   -17.600 1.00 11.12 ? 202 COA A C2A   1 
HETATM 1180 N  N3A   . COA C 3 .   ? -4.795  7.602   -18.490 1.00 10.34 ? 202 COA A N3A   1 
HETATM 1181 C  C4A   . COA C 3 .   ? -4.158  6.449   -18.825 1.00 10.75 ? 202 COA A C4A   1 
HETATM 1182 C  C5A   . COA C 3 .   ? -4.523  5.249   -18.225 1.00 10.50 ? 202 COA A C5A   1 
HETATM 1183 C  C6A   . COA C 3 .   ? -5.541  5.259   -17.291 1.00 9.61  ? 202 COA A C6A   1 
HETATM 1184 N  N6A   . COA C 3 .   ? -5.900  4.109   -16.689 1.00 9.35  ? 202 COA A N6A   1 
HETATM 1185 N  N7A   . COA C 3 .   ? -3.724  4.282   -18.715 1.00 11.89 ? 202 COA A N7A   1 
HETATM 1186 C  C8A   . COA C 3 .   ? -2.887  4.865   -19.617 1.00 13.58 ? 202 COA A C8A   1 
HETATM 1187 N  N9A   . COA C 3 .   ? -3.147  6.180   -19.662 1.00 13.28 ? 202 COA A N9A   1 
HETATM 1188 C  C1B   . COA C 3 .   ? -2.456  7.173   -20.531 1.00 14.37 ? 202 COA A C1B   1 
HETATM 1189 C  C2B   . COA C 3 .   ? -0.973  7.233   -20.245 1.00 14.84 ? 202 COA A C2B   1 
HETATM 1190 O  O2B   . COA C 3 .   ? -0.766  8.255   -19.255 1.00 16.23 ? 202 COA A O2B   1 
HETATM 1191 C  C3B   . COA C 3 .   ? -0.404  7.580   -21.621 1.00 15.86 ? 202 COA A C3B   1 
HETATM 1192 O  O3B   . COA C 3 .   ? -0.513  8.976   -21.758 1.00 16.51 ? 202 COA A O3B   1 
HETATM 1193 P  P3B   . COA C 3 .   ? 0.528   9.772   -22.734 1.00 22.14 ? 202 COA A P3B   1 
HETATM 1194 O  O7A   . COA C 3 .   ? 0.073   11.172  -22.624 1.00 22.07 ? 202 COA A O7A   1 
HETATM 1195 O  O8A   . COA C 3 .   ? 1.919   9.496   -22.235 1.00 22.19 ? 202 COA A O8A   1 
HETATM 1196 O  O9A   . COA C 3 .   ? 0.384   9.175   -24.115 1.00 23.49 ? 202 COA A O9A   1 
HETATM 1197 C  C4B   . COA C 3 .   ? -1.368  6.948   -22.615 1.00 15.78 ? 202 COA A C4B   1 
HETATM 1198 O  O4B   . COA C 3 .   ? -2.614  6.802   -21.902 1.00 15.61 ? 202 COA A O4B   1 
HETATM 1199 C  C5B   . COA C 3 .   ? -0.918  5.588   -23.119 1.00 17.20 ? 202 COA A C5B   1 
HETATM 1200 O  O5B   . COA C 3 .   ? -0.350  4.868   -22.021 1.00 18.55 ? 202 COA A O5B   1 
HETATM 1201 P  P1A   . COA C 3 .   ? 0.111   3.360   -22.207 1.00 21.54 ? 202 COA A P1A   1 
HETATM 1202 O  O1A   . COA C 3 .   ? 0.723   2.939   -20.905 1.00 19.83 ? 202 COA A O1A   1 
HETATM 1203 O  O2A   . COA C 3 .   ? 1.056   3.243   -23.407 1.00 24.42 ? 202 COA A O2A   1 
HETATM 1204 O  O3A   . COA C 3 .   ? -1.217  2.657   -22.573 1.00 16.49 ? 202 COA A O3A   1 
HETATM 1205 P  P2A   . COA C 3 .   ? -1.379  1.085   -22.563 1.00 18.56 ? 202 COA A P2A   1 
HETATM 1206 O  O4A   . COA C 3 .   ? -0.051  0.360   -22.568 1.00 19.84 ? 202 COA A O4A   1 
HETATM 1207 O  O5A   . COA C 3 .   ? -2.345  0.884   -23.674 1.00 14.47 ? 202 COA A O5A   1 
HETATM 1208 O  O6A   . COA C 3 .   ? -2.187  0.636   -21.192 1.00 14.21 ? 202 COA A O6A   1 
HETATM 1209 C  CBP   . COA C 3 .   ? -4.272  0.468   -19.999 1.00 9.96  ? 202 COA A CBP   1 
HETATM 1210 C  CCP   . COA C 3 .   ? -3.468  1.136   -21.089 1.00 12.73 ? 202 COA A CCP   1 
HETATM 1211 C  CDP   . COA C 3 .   ? -5.546  1.277   -19.891 1.00 10.69 ? 202 COA A CDP   1 
HETATM 1212 C  CEP   . COA C 3 .   ? -4.515  -0.988  -20.240 1.00 10.16 ? 202 COA A CEP   1 
HETATM 1213 C  CAP   . COA C 3 .   ? -3.493  0.494   -18.646 1.00 9.30  ? 202 COA A CAP   1 
HETATM 1214 O  OAP   . COA C 3 .   ? -2.782  1.727   -18.426 1.00 9.48  ? 202 COA A OAP   1 
HETATM 1215 C  C9P   . COA C 3 .   ? -4.436  0.253   -17.486 1.00 8.72  ? 202 COA A C9P   1 
HETATM 1216 O  O9P   . COA C 3 .   ? -5.087  1.176   -16.961 1.00 7.98  ? 202 COA A O9P   1 
HETATM 1217 N  N8P   . COA C 3 .   ? -4.479  -1.004  -17.050 1.00 9.22  ? 202 COA A N8P   1 
HETATM 1218 C  C7P   . COA C 3 .   ? -5.324  -1.492  -15.960 1.00 9.23  ? 202 COA A C7P   1 
HETATM 1219 C  C6P   . COA C 3 .   ? -4.456  -1.848  -14.753 1.00 9.14  ? 202 COA A C6P   1 
HETATM 1220 C  C5P   . COA C 3 .   ? -5.347  -2.478  -13.701 1.00 10.69 ? 202 COA A C5P   1 
HETATM 1221 O  O5P   . COA C 3 .   ? -6.239  -1.827  -13.185 1.00 10.12 ? 202 COA A O5P   1 
HETATM 1222 N  N4P   . COA C 3 .   ? -5.154  -3.748  -13.382 1.00 9.99  ? 202 COA A N4P   1 
HETATM 1223 C  C3P   . COA C 3 .   ? -5.950  -4.479  -12.390 1.00 11.03 ? 202 COA A C3P   1 
HETATM 1224 C  C2P   . COA C 3 .   ? -5.373  -4.304  -11.023 1.00 10.42 ? 202 COA A C2P   1 
HETATM 1225 S  S1P   . COA C 3 .   ? -3.687  -4.805  -10.989 1.00 15.25 ? 202 COA A S1P   1 
HETATM 1226 C  C1    . EDO D 4 .   ? 7.788   -6.460  -3.333  1.00 29.58 ? 203 EDO A C1    1 
HETATM 1227 O  O1    . EDO D 4 .   ? 8.439   -5.815  -4.409  1.00 30.08 ? 203 EDO A O1    1 
HETATM 1228 C  C2    . EDO D 4 .   ? 8.062   -5.818  -2.036  1.00 32.47 ? 203 EDO A C2    1 
HETATM 1229 O  O2    . EDO D 4 .   ? 8.923   -6.574  -1.216  1.00 40.54 ? 203 EDO A O2    1 
HETATM 1230 C  C1    . EDO E 4 .   ? 1.571   10.670  -12.793 1.00 26.84 ? 204 EDO A C1    1 
HETATM 1231 O  O1    . EDO E 4 .   ? 2.883   11.206  -12.921 1.00 34.56 ? 204 EDO A O1    1 
HETATM 1232 C  C2    . EDO E 4 .   ? 0.898   10.469  -14.114 1.00 29.18 ? 204 EDO A C2    1 
HETATM 1233 O  O2    . EDO E 4 .   ? -0.494  10.236  -14.026 1.00 23.27 ? 204 EDO A O2    1 
HETATM 1234 C  C1    . EDO F 4 .   ? -0.519  18.813  -10.677 1.00 26.79 ? 205 EDO A C1    1 
HETATM 1235 O  O1    . EDO F 4 .   ? 0.035   17.644  -11.203 1.00 24.59 ? 205 EDO A O1    1 
HETATM 1236 C  C2    . EDO F 4 .   ? -0.853  19.777  -11.752 1.00 35.14 ? 205 EDO A C2    1 
HETATM 1237 O  O2    . EDO F 4 .   ? -0.211  21.019  -11.587 1.00 42.83 ? 205 EDO A O2    1 
HETATM 1238 C  C1    . EDO G 4 .   ? 14.466  3.256   4.461   1.00 32.84 ? 206 EDO A C1    1 
HETATM 1239 O  O1    . EDO G 4 .   ? 14.447  4.098   5.599   1.00 40.10 ? 206 EDO A O1    1 
HETATM 1240 C  C2    . EDO G 4 .   ? 13.232  3.369   3.653   1.00 29.79 ? 206 EDO A C2    1 
HETATM 1241 O  O2    . EDO G 4 .   ? 12.068  3.105   4.394   1.00 20.60 ? 206 EDO A O2    1 
HETATM 1242 NA NA    . NA  H 5 .   ? -12.655 3.735   -4.517  0.33 17.34 ? 207 NA  A NA    1 
HETATM 1243 O  O     . HOH I 6 .   ? -3.682  1.646   -24.570 1.00 41.70 ? 301 HOH A O     1 
HETATM 1244 O  O     . HOH I 6 .   ? 13.622  11.884  1.898   1.00 21.61 ? 302 HOH A O     1 
HETATM 1245 O  O     . HOH I 6 .   ? -3.925  23.327  -10.685 1.00 40.64 ? 303 HOH A O     1 
HETATM 1246 O  O     . HOH I 6 .   ? -13.549 4.296   -2.383  1.00 27.30 ? 304 HOH A O     1 
HETATM 1247 O  O     . HOH I 6 .   ? -1.131  -9.229  -17.766 1.00 35.24 ? 305 HOH A O     1 
HETATM 1248 O  O     . HOH I 6 .   ? -4.991  3.548   18.521  1.00 22.40 ? 306 HOH A O     1 
HETATM 1249 O  O     . HOH I 6 .   ? -7.937  -17.226 7.521   1.00 18.91 ? 307 HOH A O     1 
HETATM 1250 O  O     . HOH I 6 .   ? -2.945  -10.614 -18.958 1.00 37.21 ? 308 HOH A O     1 
HETATM 1251 O  O     . HOH I 6 .   ? 0.675   3.387   -25.940 1.00 45.47 ? 309 HOH A O     1 
HETATM 1252 O  O     . HOH I 6 .   ? 7.664   13.662  4.701   1.00 35.12 ? 310 HOH A O     1 
HETATM 1253 O  O     . HOH I 6 .   ? -0.310  -7.461  -17.788 1.00 22.14 ? 311 HOH A O     1 
HETATM 1254 O  O     . HOH I 6 .   ? -3.639  -10.936 -16.366 1.00 11.62 ? 312 HOH A O     1 
HETATM 1255 O  O     . HOH I 6 .   ? -5.776  -15.210 11.745  1.00 45.91 ? 313 HOH A O     1 
HETATM 1256 O  O     . HOH I 6 .   ? -14.344 20.184  -12.654 1.00 33.88 ? 314 HOH A O     1 
HETATM 1257 O  O     . HOH I 6 .   ? -2.344  -17.930 -18.657 1.00 50.04 ? 315 HOH A O     1 
HETATM 1258 O  O     . HOH I 6 .   ? 14.385  5.974   0.396   1.00 17.65 ? 316 HOH A O     1 
HETATM 1259 O  O     . HOH I 6 .   ? -9.753  -13.271 16.962  1.00 35.43 ? 317 HOH A O     1 
HETATM 1260 O  O     . HOH I 6 .   ? 5.539   6.919   14.981  1.00 42.88 ? 318 HOH A O     1 
HETATM 1261 O  O     . HOH I 6 .   ? -8.595  7.559   -8.814  1.00 12.67 ? 319 HOH A O     1 
HETATM 1262 O  O     . HOH I 6 .   ? 10.738  2.492   14.375  1.00 38.50 ? 320 HOH A O     1 
HETATM 1263 O  O     . HOH I 6 .   ? 14.377  2.419   8.082   1.00 41.24 ? 321 HOH A O     1 
HETATM 1264 O  O     . HOH I 6 .   ? -0.805  6.429   11.906  1.00 16.35 ? 322 HOH A O     1 
HETATM 1265 O  O     . HOH I 6 .   ? 9.764   -4.194  16.517  1.00 19.59 ? 323 HOH A O     1 
HETATM 1266 O  O     . HOH I 6 .   ? 5.225   19.629  -3.673  1.00 20.02 ? 324 HOH A O     1 
HETATM 1267 O  O     . HOH I 6 .   ? -10.833 10.123  -9.740  1.00 26.35 ? 325 HOH A O     1 
HETATM 1268 O  O     . HOH I 6 .   ? 2.653   20.658  -8.400  1.00 31.82 ? 326 HOH A O     1 
HETATM 1269 O  O     . HOH I 6 .   ? 3.119   -2.786  -9.422  1.00 11.39 ? 327 HOH A O     1 
HETATM 1270 O  O     . HOH I 6 .   ? -2.253  -16.259 -4.907  1.00 12.69 ? 328 HOH A O     1 
HETATM 1271 O  O     . HOH I 6 .   ? 12.189  0.407   7.304   1.00 22.51 ? 329 HOH A O     1 
HETATM 1272 O  O     . HOH I 6 .   ? 10.738  -2.936  -3.774  1.00 22.76 ? 330 HOH A O     1 
HETATM 1273 O  O     . HOH I 6 .   ? -0.515  3.246   -18.539 1.00 23.82 ? 331 HOH A O     1 
HETATM 1274 O  O     . HOH I 6 .   ? 12.224  3.024   -8.066  1.00 29.44 ? 332 HOH A O     1 
HETATM 1275 O  O     . HOH I 6 .   ? 7.535   -8.972  -8.613  1.00 28.57 ? 333 HOH A O     1 
HETATM 1276 O  O     . HOH I 6 .   ? -3.530  -9.324  -21.158 1.00 27.93 ? 334 HOH A O     1 
HETATM 1277 O  O     . HOH I 6 .   ? 3.255   -16.525 10.007  1.00 44.94 ? 335 HOH A O     1 
HETATM 1278 O  O     . HOH I 6 .   ? 5.250   -11.092 -6.278  1.00 17.59 ? 336 HOH A O     1 
HETATM 1279 O  O     . HOH I 6 .   ? 8.903   4.338   15.067  1.00 29.90 ? 337 HOH A O     1 
HETATM 1280 O  O     . HOH I 6 .   ? 13.325  0.356   0.130   1.00 20.80 ? 338 HOH A O     1 
HETATM 1281 O  O     . HOH I 6 .   ? -1.671  -10.022 -6.498  1.00 9.58  ? 339 HOH A O     1 
HETATM 1282 O  O     . HOH I 6 .   ? -9.745  -14.891 -19.125 1.00 24.57 ? 340 HOH A O     1 
HETATM 1283 O  O     . HOH I 6 .   ? 12.059  16.520  -7.437  1.00 8.55  ? 341 HOH A O     1 
HETATM 1284 O  O     . HOH I 6 .   ? -1.875  10.727  -19.314 1.00 27.50 ? 342 HOH A O     1 
HETATM 1285 O  O     . HOH I 6 .   ? -10.031 -4.090  1.236   1.00 10.87 ? 343 HOH A O     1 
HETATM 1286 O  O     . HOH I 6 .   ? -5.403  -1.764  -3.971  1.00 8.92  ? 344 HOH A O     1 
HETATM 1287 O  O     . HOH I 6 .   ? -6.089  -17.005 4.061   1.00 9.42  ? 345 HOH A O     1 
HETATM 1288 O  O     . HOH I 6 .   ? 13.438  6.543   7.510   1.00 25.99 ? 346 HOH A O     1 
HETATM 1289 O  O     . HOH I 6 .   ? 8.557   -10.850 0.016   1.00 34.43 ? 347 HOH A O     1 
HETATM 1290 O  O     . HOH I 6 .   ? 1.738   0.791   -15.716 1.00 23.72 ? 348 HOH A O     1 
HETATM 1291 O  O     . HOH I 6 .   ? 3.540   -2.674  -15.369 1.00 27.16 ? 349 HOH A O     1 
HETATM 1292 O  O     . HOH I 6 .   ? 2.813   17.679  -10.716 1.00 22.94 ? 350 HOH A O     1 
HETATM 1293 O  O     . HOH I 6 .   ? 16.901  10.990  0.081   1.00 22.04 ? 351 HOH A O     1 
HETATM 1294 O  O     . HOH I 6 .   ? -3.344  -17.569 3.616   1.00 10.01 ? 352 HOH A O     1 
HETATM 1295 O  O     . HOH I 6 .   ? 4.827   -14.938 9.196   1.00 17.99 ? 353 HOH A O     1 
HETATM 1296 O  O     . HOH I 6 .   ? 2.088   -5.668  -15.606 1.00 20.71 ? 354 HOH A O     1 
HETATM 1297 O  O     . HOH I 6 .   ? 8.915   2.951   -11.655 1.00 22.73 ? 355 HOH A O     1 
HETATM 1298 O  O     . HOH I 6 .   ? 1.332   3.177   -16.402 1.00 21.66 ? 356 HOH A O     1 
HETATM 1299 O  O     . HOH I 6 .   ? -2.021  -14.372 -2.935  1.00 8.74  ? 357 HOH A O     1 
HETATM 1300 O  O     . HOH I 6 .   ? 6.898   3.794   -14.328 1.00 25.05 ? 358 HOH A O     1 
HETATM 1301 O  O     . HOH I 6 .   ? 0.653   -14.332 -2.517  1.00 8.63  ? 359 HOH A O     1 
HETATM 1302 O  O     . HOH I 6 .   ? 8.110   -8.274  -6.137  1.00 22.20 ? 360 HOH A O     1 
HETATM 1303 O  O     . HOH I 6 .   ? -5.635  -17.135 9.914   1.00 29.13 ? 361 HOH A O     1 
HETATM 1304 O  O     . HOH I 6 .   ? -7.476  -13.592 -12.289 1.00 12.65 ? 362 HOH A O     1 
HETATM 1305 O  O     . HOH I 6 .   ? 11.998  0.346   4.617   1.00 20.85 ? 363 HOH A O     1 
HETATM 1306 O  O     . HOH I 6 .   ? 8.479   -7.219  -11.876 1.00 38.27 ? 364 HOH A O     1 
HETATM 1307 O  O     . HOH I 6 .   ? -6.079  -10.658 17.727  1.00 20.16 ? 365 HOH A O     1 
HETATM 1308 O  O     . HOH I 6 .   ? -13.353 -11.061 12.038  1.00 8.78  ? 366 HOH A O     1 
HETATM 1309 O  O     . HOH I 6 .   ? 3.379   -13.314 -5.633  1.00 17.13 ? 367 HOH A O     1 
HETATM 1310 O  O     . HOH I 6 .   ? 8.365   -3.090  -4.940  1.00 20.83 ? 368 HOH A O     1 
HETATM 1311 O  O     . HOH I 6 .   ? 7.494   10.772  -14.616 1.00 33.71 ? 369 HOH A O     1 
HETATM 1312 O  O     . HOH I 6 .   ? -14.014 1.022   0.359   1.00 17.24 ? 370 HOH A O     1 
HETATM 1313 O  O     . HOH I 6 .   ? -3.384  -1.507  -24.669 1.00 29.04 ? 371 HOH A O     1 
HETATM 1314 O  O     . HOH I 6 .   ? 4.123   3.856   -16.307 1.00 39.28 ? 372 HOH A O     1 
HETATM 1315 O  O     . HOH I 6 .   ? 8.473   -12.534 4.721   1.00 19.32 ? 373 HOH A O     1 
HETATM 1316 O  O     . HOH I 6 .   ? -11.983 -12.601 13.691  1.00 16.18 ? 374 HOH A O     1 
HETATM 1317 O  O     . HOH I 6 .   ? 13.499  -0.337  11.756  1.00 31.70 ? 375 HOH A O     1 
HETATM 1318 O  O     . HOH I 6 .   ? 3.610   10.898  4.950   1.00 8.38  ? 376 HOH A O     1 
HETATM 1319 O  O     . HOH I 6 .   ? 10.984  11.850  2.775   1.00 25.53 ? 377 HOH A O     1 
HETATM 1320 O  O     . HOH I 6 .   ? 14.300  14.122  0.686   1.00 19.35 ? 378 HOH A O     1 
HETATM 1321 O  O     . HOH I 6 .   ? -1.734  -14.213 -7.841  1.00 15.20 ? 379 HOH A O     1 
HETATM 1322 O  O     . HOH I 6 .   ? -10.784 8.199   -7.786  1.00 24.97 ? 380 HOH A O     1 
HETATM 1323 O  O     . HOH I 6 .   ? -7.760  -19.270 -10.029 1.00 39.11 ? 381 HOH A O     1 
HETATM 1324 O  O     . HOH I 6 .   ? -8.892  6.005   -16.525 1.00 11.79 ? 382 HOH A O     1 
HETATM 1325 O  O     . HOH I 6 .   ? 9.624   -3.179  7.606   1.00 16.28 ? 383 HOH A O     1 
HETATM 1326 O  O     . HOH I 6 .   ? -1.065  -12.538 -5.834  1.00 11.13 ? 384 HOH A O     1 
HETATM 1327 O  O     . HOH I 6 .   ? 1.323   19.673  -1.485  1.00 18.23 ? 385 HOH A O     1 
HETATM 1328 O  O     . HOH I 6 .   ? -4.532  0.813   -8.804  1.00 26.47 ? 386 HOH A O     1 
HETATM 1329 O  O     . HOH I 6 .   ? 7.557   -9.901  2.284   1.00 21.71 ? 387 HOH A O     1 
HETATM 1330 O  O     . HOH I 6 .   ? 13.557  -2.834  1.608   1.00 38.51 ? 388 HOH A O     1 
HETATM 1331 O  O     . HOH I 6 .   ? 8.345   -0.251  -13.959 1.00 35.20 ? 389 HOH A O     1 
HETATM 1332 O  O     . HOH I 6 .   ? 16.619  4.898   -2.230  1.00 26.58 ? 390 HOH A O     1 
HETATM 1333 O  O     . HOH I 6 .   ? -7.195  -11.694 15.365  1.00 14.53 ? 391 HOH A O     1 
HETATM 1334 O  O     . HOH I 6 .   ? 8.802   -6.248  11.042  1.00 19.34 ? 392 HOH A O     1 
HETATM 1335 O  O     . HOH I 6 .   ? -5.395  -12.759 13.484  1.00 14.08 ? 393 HOH A O     1 
HETATM 1336 O  O     . HOH I 6 .   ? 8.351   -4.165  -12.067 1.00 22.83 ? 394 HOH A O     1 
HETATM 1337 O  O     . HOH I 6 .   ? 0.487   0.199   -7.905  1.00 9.19  ? 395 HOH A O     1 
HETATM 1338 O  O     . HOH I 6 .   ? 11.181  -2.454  11.485  1.00 24.53 ? 396 HOH A O     1 
HETATM 1339 O  O     . HOH I 6 .   ? 3.490   1.424   -17.877 1.00 40.25 ? 397 HOH A O     1 
HETATM 1340 O  O     . HOH I 6 .   ? 1.700   -11.308 14.578  1.00 42.50 ? 398 HOH A O     1 
HETATM 1341 O  O     . HOH I 6 .   ? 12.277  4.249   10.584  1.00 25.97 ? 399 HOH A O     1 
HETATM 1342 O  O     . HOH I 6 .   ? -5.532  -8.321  -23.165 1.00 30.37 ? 400 HOH A O     1 
HETATM 1343 O  O     . HOH I 6 .   ? -2.688  -7.968  19.820  1.00 31.81 ? 401 HOH A O     1 
HETATM 1344 O  O     . HOH I 6 .   ? 7.507   -15.297 9.582   1.00 34.37 ? 402 HOH A O     1 
HETATM 1345 O  O     . HOH I 6 .   ? 11.204  7.585   -10.725 1.00 27.76 ? 403 HOH A O     1 
HETATM 1346 O  O     . HOH I 6 .   ? 7.209   16.296  5.043   1.00 42.71 ? 404 HOH A O     1 
HETATM 1347 O  O     . HOH I 6 .   ? 6.743   14.081  -11.251 1.00 12.80 ? 405 HOH A O     1 
HETATM 1348 O  O     . HOH I 6 .   ? 9.932   -0.773  3.210   1.00 15.57 ? 406 HOH A O     1 
HETATM 1349 O  O     . HOH I 6 .   ? -1.685  -18.178 -16.251 1.00 25.63 ? 407 HOH A O     1 
HETATM 1350 O  O     . HOH I 6 .   ? -4.851  10.207  -19.867 1.00 34.75 ? 408 HOH A O     1 
HETATM 1351 O  O     . HOH I 6 .   ? 10.459  9.097   -8.469  1.00 14.19 ? 409 HOH A O     1 
HETATM 1352 O  O     . HOH I 6 .   ? 0.444   3.220   15.297  1.00 21.44 ? 410 HOH A O     1 
HETATM 1353 O  O     . HOH I 6 .   ? 6.920   6.412   -15.454 1.00 23.66 ? 411 HOH A O     1 
HETATM 1354 O  O     . HOH I 6 .   ? 3.643   -1.423  -21.182 1.00 31.02 ? 412 HOH A O     1 
HETATM 1355 O  O     . HOH I 6 .   ? 6.077   -11.704 -8.796  1.00 25.08 ? 413 HOH A O     1 
HETATM 1356 O  O     . HOH I 6 .   ? 12.725  9.093   -4.011  1.00 11.41 ? 414 HOH A O     1 
HETATM 1357 O  O     . HOH I 6 .   ? 5.874   -6.545  18.607  1.00 38.93 ? 415 HOH A O     1 
HETATM 1358 O  O     . HOH I 6 .   ? -1.332  23.376  -6.759  1.00 35.38 ? 416 HOH A O     1 
HETATM 1359 O  O     . HOH I 6 .   ? 7.235   19.018  2.563   1.00 27.33 ? 417 HOH A O     1 
HETATM 1360 O  O     . HOH I 6 .   ? -5.447  -19.454 -7.268  1.00 41.19 ? 418 HOH A O     1 
HETATM 1361 O  O     . HOH I 6 .   ? -6.351  -9.949  -24.050 1.00 45.11 ? 419 HOH A O     1 
HETATM 1362 O  O     . HOH I 6 .   ? -9.538  -6.800  19.893  1.00 13.91 ? 420 HOH A O     1 
HETATM 1363 O  O     . HOH I 6 .   ? -2.588  -18.206 -8.448  1.00 36.03 ? 421 HOH A O     1 
HETATM 1364 O  O     . HOH I 6 .   ? 7.685   -14.860 6.876   1.00 34.08 ? 422 HOH A O     1 
HETATM 1365 O  O     . HOH I 6 .   ? 13.991  2.457   -4.869  1.00 25.85 ? 423 HOH A O     1 
HETATM 1366 O  O     . HOH I 6 .   ? 5.279   20.103  -7.092  1.00 12.28 ? 424 HOH A O     1 
HETATM 1367 O  O     . HOH I 6 .   ? -9.639  -13.949 12.612  1.00 22.20 ? 425 HOH A O     1 
HETATM 1368 O  O     . HOH I 6 .   ? 2.010   6.233   -18.832 1.00 25.64 ? 426 HOH A O     1 
HETATM 1369 O  O     . HOH I 6 .   ? -1.646  -18.926 7.686   1.00 17.06 ? 427 HOH A O     1 
HETATM 1370 O  O     . HOH I 6 .   ? 6.477   9.843   10.647  1.00 39.86 ? 428 HOH A O     1 
HETATM 1371 O  O     . HOH I 6 .   ? 4.879   2.122   -14.864 1.00 26.11 ? 429 HOH A O     1 
HETATM 1372 O  O     . HOH I 6 .   ? 5.399   -11.088 -16.314 1.00 31.35 ? 430 HOH A O     1 
HETATM 1373 O  O     . HOH I 6 .   ? 2.403   4.097   17.067  1.00 36.06 ? 431 HOH A O     1 
HETATM 1374 O  O     . HOH I 6 .   ? 7.635   12.746  -13.287 1.00 43.89 ? 432 HOH A O     1 
HETATM 1375 O  O     . HOH I 6 .   ? 9.208   0.002   -9.335  1.00 35.93 ? 433 HOH A O     1 
HETATM 1376 O  O     . HOH I 6 .   ? -7.076  -6.365  -25.639 1.00 35.06 ? 434 HOH A O     1 
HETATM 1377 O  O     . HOH I 6 .   ? -3.009  -12.915 14.877  1.00 28.69 ? 435 HOH A O     1 
HETATM 1378 O  O     . HOH I 6 .   ? 2.505   -8.455  20.633  1.00 42.62 ? 436 HOH A O     1 
HETATM 1379 O  O     . HOH I 6 .   ? 9.053   -16.660 -12.005 1.00 36.07 ? 437 HOH A O     1 
HETATM 1380 O  O     . HOH I 6 .   ? -0.144  -12.887 14.095  1.00 35.07 ? 438 HOH A O     1 
HETATM 1381 O  O     . HOH I 6 .   ? 8.818   -12.540 -5.438  1.00 43.86 ? 439 HOH A O     1 
HETATM 1382 O  O     . HOH I 6 .   ? 6.031   12.309  5.943   1.00 21.61 ? 440 HOH A O     1 
HETATM 1383 O  O     . HOH I 6 .   ? -9.585  -21.252 -11.553 1.00 39.60 ? 441 HOH A O     1 
HETATM 1384 O  O     . HOH I 6 .   ? 6.190   -17.241 5.535   1.00 41.91 ? 442 HOH A O     1 
HETATM 1385 O  O     . HOH I 6 .   ? -4.229  -19.609 6.021   1.00 35.96 ? 443 HOH A O     1 
HETATM 1386 O  O     . HOH I 6 .   ? 4.192   -14.216 -9.848  1.00 38.06 ? 444 HOH A O     1 
HETATM 1387 O  O     . HOH I 6 .   ? -10.945 -1.956  19.775  1.00 19.78 ? 445 HOH A O     1 
HETATM 1388 O  O     . HOH I 6 .   ? 0.566   -1.369  19.602  1.00 34.45 ? 446 HOH A O     1 
HETATM 1389 O  O     . HOH I 6 .   ? 11.417  -1.468  8.578   1.00 43.77 ? 447 HOH A O     1 
HETATM 1390 O  O     . HOH I 6 .   ? 14.237  13.058  -2.166  1.00 13.96 ? 448 HOH A O     1 
HETATM 1391 O  O     . HOH I 6 .   ? 9.270   -8.749  11.147  1.00 30.88 ? 449 HOH A O     1 
HETATM 1392 O  O     . HOH I 6 .   ? -3.404  -16.897 11.724  1.00 34.33 ? 450 HOH A O     1 
HETATM 1393 O  O     . HOH I 6 .   ? 11.188  -9.173  -5.763  1.00 39.06 ? 451 HOH A O     1 
HETATM 1394 O  O     . HOH I 6 .   ? -5.879  -18.986 7.960   1.00 31.03 ? 452 HOH A O     1 
HETATM 1395 O  O     . HOH I 6 .   ? 4.081   14.261  -11.413 1.00 28.64 ? 453 HOH A O     1 
HETATM 1396 O  O     . HOH I 6 .   ? -12.323 -6.292  20.755  1.00 32.25 ? 454 HOH A O     1 
HETATM 1397 O  O     . HOH I 6 .   ? -5.336  -5.804  -23.571 1.00 34.91 ? 455 HOH A O     1 
HETATM 1398 O  O     . HOH I 6 .   ? -4.577  -17.785 -3.013  1.00 15.35 ? 456 HOH A O     1 
HETATM 1399 O  O     . HOH I 6 .   ? -12.305 -2.350  0.809   1.00 25.72 ? 457 HOH A O     1 
HETATM 1400 O  O     . HOH I 6 .   ? -3.598  -19.125 -5.181  1.00 30.11 ? 458 HOH A O     1 
HETATM 1401 O  O     . HOH I 6 .   ? -14.716 -6.020  19.081  1.00 38.03 ? 459 HOH A O     1 
HETATM 1402 O  O     . HOH I 6 .   ? 17.289  9.850   -2.574  1.00 25.16 ? 460 HOH A O     1 
HETATM 1403 O  O     . HOH I 6 .   ? 9.108   -9.145  13.745  1.00 44.68 ? 461 HOH A O     1 
HETATM 1404 O  O     . HOH I 6 .   ? 16.437  3.273   -5.185  1.00 39.32 ? 462 HOH A O     1 
HETATM 1405 O  O     . HOH I 6 .   ? -4.094  10.370  -22.665 1.00 38.34 ? 463 HOH A O     1 
HETATM 1406 O  O     . HOH I 6 .   ? 9.917   -4.214  12.878  1.00 26.00 ? 464 HOH A O     1 
HETATM 1407 O  O     . HOH I 6 .   ? -1.789  -18.209 10.193  1.00 38.90 ? 465 HOH A O     1 
HETATM 1408 O  O     . HOH I 6 .   ? -16.275 -11.768 18.221  1.00 41.86 ? 466 HOH A O     1 
HETATM 1409 O  O     . HOH I 6 .   ? 9.875   12.893  4.913   1.00 33.45 ? 467 HOH A O     1 
HETATM 1410 O  O     . HOH I 6 .   ? 7.855   -13.117 0.040   1.00 34.49 ? 468 HOH A O     1 
HETATM 1411 O  O     . HOH I 6 .   ? 14.952  10.877  -3.673  1.00 14.70 ? 469 HOH A O     1 
HETATM 1412 O  O     . HOH I 6 .   ? -2.754  -16.419 -1.277  1.00 12.78 ? 470 HOH A O     1 
HETATM 1413 O  O     . HOH I 6 .   ? 7.162   9.693   13.270  1.00 42.81 ? 471 HOH A O     1 
HETATM 1414 O  O     . HOH I 6 .   ? -13.859 -12.687 17.740  1.00 41.37 ? 472 HOH A O     1 
HETATM 1415 O  O     . HOH I 6 .   ? 10.407  -4.600  9.662   1.00 24.79 ? 473 HOH A O     1 
HETATM 1416 O  O     . HOH I 6 .   ? 14.490  -0.328  -2.401  1.00 33.23 ? 474 HOH A O     1 
HETATM 1417 O  O     . HOH I 6 .   ? -14.093 -2.554  2.355   0.33 24.12 ? 475 HOH A O     1 
HETATM 1418 O  O     . HOH I 6 .   ? 4.028   16.267  -12.094 1.00 37.80 ? 476 HOH A O     1 
HETATM 1419 O  O     . HOH I 6 .   ? 2.375   15.889  -14.402 1.00 41.89 ? 477 HOH A O     1 
HETATM 1420 O  O     . HOH I 6 .   ? -13.963 -13.899 15.015  1.00 26.12 ? 478 HOH A O     1 
HETATM 1421 O  O     . HOH I 6 .   ? 12.503  -5.926  8.266   1.00 42.29 ? 479 HOH A O     1 
HETATM 1422 O  O     . HOH I 6 .   ? 12.378  8.393   -6.799  1.00 15.67 ? 480 HOH A O     1 
HETATM 1423 O  O     . HOH I 6 .   ? -3.671  -11.926 17.391  1.00 34.08 ? 481 HOH A O     1 
HETATM 1424 O  O     . HOH I 6 .   ? -8.032  -4.848  20.390  1.00 43.61 ? 482 HOH A O     1 
HETATM 1425 O  O     . HOH I 6 .   ? 15.978  5.853   -6.043  1.00 30.93 ? 483 HOH A O     1 
HETATM 1426 O  O     . HOH I 6 .   ? 13.475  5.816   -6.633  1.00 29.65 ? 484 HOH A O     1 
HETATM 1427 O  O     . HOH I 6 .   ? -8.340  -2.290  20.440  1.00 41.58 ? 485 HOH A O     1 
HETATM 1428 O  O     . HOH I 6 .   ? 9.880   12.313  -14.730 1.00 40.86 ? 486 HOH A O     1 
HETATM 1429 O  O     . HOH I 6 .   ? -4.647  0.349   20.111  1.00 43.41 ? 487 HOH A O     1 
HETATM 1430 O  O     . HOH I 6 .   ? -16.094 -11.304 11.915  0.33 10.48 ? 488 HOH A O     1 
HETATM 1431 O  O     . HOH I 6 .   ? -4.591  -21.727 5.594   1.00 29.28 ? 489 HOH A O     1 
HETATM 1432 O  O     . HOH I 6 .   ? -16.498 -13.070 13.845  0.33 19.37 ? 490 HOH A O     1 
# 
